data_8PVX
#
_entry.id   8PVX
#
_cell.length_a   1.00
_cell.length_b   1.00
_cell.length_c   1.00
_cell.angle_alpha   90.00
_cell.angle_beta   90.00
_cell.angle_gamma   90.00
#
_symmetry.space_group_name_H-M   'P 1'
#
loop_
_entity.id
_entity.type
_entity.pdbx_description
1 polymer Lifeact13
2 polymer 'Actin, alpha skeletal muscle'
3 non-polymer "ADENOSINE-5'-DIPHOSPHATE"
4 non-polymer 'MAGNESIUM ION'
#
loop_
_entity_poly.entity_id
_entity_poly.type
_entity_poly.pdbx_seq_one_letter_code
_entity_poly.pdbx_strand_id
1 'polypeptide(L)' MGVADLIKKFESI H,J,F,I,G
2 'polypeptide(L)'
;MCDEDETTALVCDNGSGLVKAGFAGDDAPRAVFPSIVGRPRHQGVMVGMGQKDSYVGDEAQSKRGILTLKYPIE(HIC)G
IITNWDDMEKIWHHTFYNELRVAPEEHPTLLTEAPLNPKANREKMTQIMFETFNVPAMYVAIQAVLSLYASGRTTGIVLD
SGDGVTHNVPIYEGYALPHAIMRLDLAGRDLTDYLMKILTERGYSFVTTAEREIVRDIKEKLCYVALDFENEMATAASSS
SLEKSYELPDGQVITIGNERFRCPETLFQPSFIGMESAGIHETTYNSIMKCDIDIRKDLYANNVMSGGTTMYPGIADRMQ
KEITALAPSTMKIKIIAPPERKYSVWIGGSILASLSTFQQMWITKQEYDEAGPSIVHRKCF
;
C,E,A,D,B
#
# COMPACT_ATOMS: atom_id res chain seq x y z
N MET A 1 -15.19 28.06 -11.72
CA MET A 1 -14.23 26.96 -11.67
C MET A 1 -12.84 27.40 -12.11
N GLY A 2 -12.79 28.36 -13.02
CA GLY A 2 -11.52 28.86 -13.51
C GLY A 2 -10.65 29.37 -12.37
N VAL A 3 -9.33 29.23 -12.56
CA VAL A 3 -8.37 29.49 -11.50
C VAL A 3 -8.48 30.92 -11.00
N ALA A 4 -8.63 31.87 -11.93
CA ALA A 4 -8.77 33.28 -11.57
C ALA A 4 -9.97 33.53 -10.66
N ASP A 5 -11.09 32.86 -10.94
CA ASP A 5 -12.28 33.03 -10.11
C ASP A 5 -12.06 32.50 -8.70
N LEU A 6 -11.43 31.34 -8.57
CA LEU A 6 -11.15 30.79 -7.25
C LEU A 6 -10.20 31.69 -6.48
N ILE A 7 -9.17 32.22 -7.16
CA ILE A 7 -8.26 33.16 -6.53
C ILE A 7 -9.03 34.35 -5.99
N LYS A 8 -9.87 34.96 -6.83
CA LYS A 8 -10.64 36.12 -6.40
C LYS A 8 -11.61 35.79 -5.28
N LYS A 9 -12.15 34.57 -5.27
CA LYS A 9 -13.01 34.12 -4.17
C LYS A 9 -12.26 34.06 -2.85
N PHE A 10 -11.10 33.41 -2.83
CA PHE A 10 -10.38 33.28 -1.56
C PHE A 10 -9.75 34.59 -1.13
N GLU A 11 -9.25 35.40 -2.07
CA GLU A 11 -8.77 36.73 -1.71
C GLU A 11 -9.89 37.62 -1.20
N SER A 12 -11.12 37.41 -1.70
CA SER A 12 -12.28 38.11 -1.14
C SER A 12 -12.60 37.61 0.26
N ILE A 13 -12.54 36.30 0.48
CA ILE A 13 -12.75 35.73 1.81
C ILE A 13 -11.63 36.15 2.74
N THR B 7 7.22 38.61 -12.13
CA THR B 7 7.81 37.58 -11.26
C THR B 7 6.82 36.45 -11.03
N THR B 8 6.54 35.69 -12.09
CA THR B 8 5.55 34.63 -12.00
C THR B 8 6.09 33.48 -11.15
N ALA B 9 5.37 33.15 -10.09
CA ALA B 9 5.78 32.02 -9.27
C ALA B 9 5.67 30.72 -10.05
N LEU B 10 6.45 29.73 -9.65
CA LEU B 10 6.32 28.38 -10.19
C LEU B 10 5.54 27.53 -9.23
N VAL B 11 4.78 26.58 -9.78
CA VAL B 11 4.05 25.58 -9.00
C VAL B 11 4.38 24.22 -9.57
N CYS B 12 4.96 23.36 -8.74
CA CYS B 12 5.37 22.02 -9.16
C CYS B 12 4.72 21.01 -8.23
N ASP B 13 3.95 20.08 -8.80
CA ASP B 13 3.39 18.95 -8.08
C ASP B 13 4.17 17.72 -8.48
N ASN B 14 4.84 17.09 -7.53
CA ASN B 14 5.65 15.91 -7.82
C ASN B 14 4.83 14.69 -7.44
N GLY B 15 4.13 14.16 -8.42
CA GLY B 15 3.37 12.95 -8.24
C GLY B 15 4.23 11.70 -8.23
N SER B 16 3.70 10.65 -7.60
CA SER B 16 4.38 9.36 -7.60
C SER B 16 4.51 8.82 -9.01
N GLY B 17 3.61 9.20 -9.92
CA GLY B 17 3.67 8.70 -11.28
C GLY B 17 3.74 9.75 -12.38
N LEU B 18 3.18 10.94 -12.13
CA LEU B 18 3.23 12.03 -13.11
C LEU B 18 3.70 13.32 -12.46
N VAL B 19 4.59 14.03 -13.15
CA VAL B 19 5.10 15.33 -12.70
C VAL B 19 4.35 16.43 -13.44
N LYS B 20 3.84 17.41 -12.68
CA LYS B 20 2.94 18.44 -13.19
C LYS B 20 3.48 19.80 -12.75
N ALA B 21 3.96 20.60 -13.71
CA ALA B 21 4.61 21.85 -13.39
C ALA B 21 4.12 22.95 -14.32
N GLY B 22 3.82 24.09 -13.72
CA GLY B 22 3.00 25.10 -14.36
C GLY B 22 3.23 26.46 -13.72
N PHE B 23 2.97 27.52 -14.48
CA PHE B 23 3.17 28.86 -13.97
C PHE B 23 1.90 29.32 -13.27
N ALA B 24 2.09 30.01 -12.15
CA ALA B 24 0.99 30.31 -11.24
C ALA B 24 -0.08 31.16 -11.93
N GLY B 25 -1.34 30.81 -11.70
CA GLY B 25 -2.46 31.45 -12.35
C GLY B 25 -2.84 30.86 -13.69
N ASP B 26 -2.03 29.98 -14.26
CA ASP B 26 -2.46 29.23 -15.43
C ASP B 26 -3.52 28.20 -15.05
N ASP B 27 -4.39 27.90 -16.02
CA ASP B 27 -5.51 27.00 -15.78
C ASP B 27 -5.12 25.53 -15.81
N ALA B 28 -3.96 25.19 -16.35
CA ALA B 28 -3.57 23.80 -16.48
C ALA B 28 -2.05 23.72 -16.38
N PRO B 29 -1.51 22.57 -15.95
CA PRO B 29 -0.08 22.34 -16.09
C PRO B 29 0.37 22.30 -17.53
N ARG B 30 1.65 22.63 -17.74
CA ARG B 30 2.28 22.53 -19.05
C ARG B 30 3.08 21.24 -19.19
N ALA B 31 3.95 20.95 -18.23
CA ALA B 31 4.57 19.63 -18.13
C ALA B 31 3.60 18.66 -17.46
N VAL B 32 3.40 17.51 -18.09
CA VAL B 32 2.59 16.44 -17.51
C VAL B 32 3.31 15.11 -17.70
N PHE B 33 4.61 15.17 -17.96
CA PHE B 33 5.34 13.98 -18.36
C PHE B 33 5.45 12.98 -17.22
N PRO B 34 5.65 11.70 -17.55
CA PRO B 34 5.74 10.66 -16.51
C PRO B 34 6.94 10.83 -15.58
N SER B 35 6.73 10.49 -14.31
CA SER B 35 7.77 10.46 -13.29
C SER B 35 8.74 9.30 -13.51
N ILE B 36 9.44 9.28 -14.66
CA ILE B 36 10.14 8.09 -15.10
C ILE B 36 11.54 8.48 -15.55
N VAL B 37 12.53 7.69 -15.13
CA VAL B 37 13.87 7.70 -15.71
C VAL B 37 14.17 6.29 -16.22
N GLY B 38 14.78 6.22 -17.39
CA GLY B 38 15.17 4.95 -17.98
C GLY B 38 16.62 4.96 -18.39
N ARG B 39 17.24 3.77 -18.28
CA ARG B 39 18.63 3.60 -18.69
C ARG B 39 18.75 2.29 -19.46
N PRO B 40 19.47 2.30 -20.58
CA PRO B 40 19.42 1.13 -21.48
C PRO B 40 19.92 -0.13 -20.79
N ARG B 41 19.08 -1.17 -20.79
CA ARG B 41 19.54 -2.51 -20.45
C ARG B 41 20.35 -3.14 -21.57
N HIS B 42 19.99 -2.86 -22.82
CA HIS B 42 20.63 -3.50 -23.96
C HIS B 42 21.96 -2.83 -24.32
N GLN B 43 22.80 -3.60 -25.02
CA GLN B 43 24.08 -3.13 -25.52
C GLN B 43 23.94 -2.15 -26.68
N GLY B 44 24.66 -1.03 -26.59
CA GLY B 44 24.77 -0.12 -27.72
C GLY B 44 25.84 -0.58 -28.69
N VAL B 45 25.56 -0.42 -29.98
CA VAL B 45 26.56 -0.78 -31.01
C VAL B 45 26.74 0.36 -32.01
N MET B 46 25.65 0.97 -32.47
CA MET B 46 25.78 2.12 -33.36
C MET B 46 26.26 3.32 -32.54
N VAL B 47 27.56 3.61 -32.64
CA VAL B 47 28.21 4.63 -31.82
C VAL B 47 27.54 6.00 -31.99
N GLY B 48 26.98 6.28 -33.16
CA GLY B 48 26.24 7.51 -33.36
C GLY B 48 24.87 7.55 -32.72
N MET B 49 24.41 6.44 -32.15
CA MET B 49 23.02 6.31 -31.73
C MET B 49 22.83 6.06 -30.25
N GLY B 50 23.79 5.50 -29.54
CA GLY B 50 23.71 5.40 -28.10
C GLY B 50 23.85 6.75 -27.42
N GLN B 51 22.94 7.68 -27.75
CA GLN B 51 23.18 9.09 -27.53
C GLN B 51 23.17 9.45 -26.04
N LYS B 52 22.34 8.80 -25.24
CA LYS B 52 22.21 9.14 -23.84
C LYS B 52 22.19 7.88 -22.98
N ASP B 53 22.81 7.97 -21.81
CA ASP B 53 22.72 6.93 -20.80
C ASP B 53 21.42 6.97 -20.01
N SER B 54 20.62 8.03 -20.14
CA SER B 54 19.41 8.15 -19.34
C SER B 54 18.40 9.02 -20.06
N TYR B 55 17.13 8.79 -19.73
CA TYR B 55 16.01 9.42 -20.44
C TYR B 55 14.93 9.81 -19.44
N VAL B 56 14.21 10.89 -19.77
CA VAL B 56 13.13 11.42 -18.97
C VAL B 56 11.78 11.00 -19.58
N GLY B 57 10.77 10.95 -18.71
CA GLY B 57 9.64 10.04 -18.88
C GLY B 57 8.97 10.03 -20.24
N ASP B 58 8.83 11.20 -20.90
CA ASP B 58 8.23 11.18 -22.21
C ASP B 58 9.14 10.51 -23.24
N GLU B 59 10.39 10.96 -23.32
CA GLU B 59 11.36 10.32 -24.21
C GLU B 59 11.62 8.87 -23.81
N ALA B 60 11.76 8.65 -22.50
CA ALA B 60 11.90 7.30 -21.94
C ALA B 60 10.73 6.39 -22.27
N GLN B 61 9.52 6.92 -22.43
CA GLN B 61 8.41 6.03 -22.79
C GLN B 61 8.56 5.49 -24.21
N SER B 62 8.87 6.34 -25.17
CA SER B 62 9.09 5.84 -26.53
C SER B 62 10.27 4.86 -26.58
N LYS B 63 11.41 5.26 -26.02
CA LYS B 63 12.57 4.38 -25.82
C LYS B 63 12.31 3.12 -24.99
N ARG B 64 11.26 3.06 -24.17
CA ARG B 64 11.10 2.00 -23.18
C ARG B 64 11.28 0.59 -23.74
N GLY B 65 10.95 0.36 -25.01
CA GLY B 65 11.17 -0.96 -25.58
C GLY B 65 12.60 -1.47 -25.46
N ILE B 66 13.60 -0.62 -25.67
CA ILE B 66 14.94 -0.97 -25.20
C ILE B 66 15.12 -0.74 -23.70
N LEU B 67 14.61 0.35 -23.15
CA LEU B 67 15.02 0.73 -21.80
C LEU B 67 14.40 -0.14 -20.72
N THR B 68 15.10 -0.22 -19.59
CA THR B 68 14.48 -0.45 -18.29
C THR B 68 13.98 0.87 -17.73
N LEU B 69 12.78 0.87 -17.18
CA LEU B 69 12.21 2.05 -16.55
C LEU B 69 12.19 1.89 -15.03
N LYS B 70 12.52 2.97 -14.33
CA LYS B 70 12.41 3.04 -12.88
C LYS B 70 11.67 4.32 -12.49
N TYR B 71 10.79 4.21 -11.50
CA TYR B 71 10.25 5.41 -10.87
C TYR B 71 11.14 5.89 -9.74
N PRO B 72 11.43 7.19 -9.65
CA PRO B 72 12.24 7.67 -8.52
C PRO B 72 11.46 7.82 -7.23
N ILE B 73 10.13 7.86 -7.28
CA ILE B 73 9.29 7.97 -6.10
C ILE B 73 8.58 6.65 -5.87
N GLU B 74 8.58 6.17 -4.64
CA GLU B 74 7.68 5.10 -4.22
C GLU B 74 6.82 5.52 -3.03
N GLY B 76 4.93 8.22 -2.46
CA GLY B 76 5.17 9.60 -2.05
C GLY B 76 6.49 9.84 -1.35
N ILE B 77 7.38 8.86 -1.42
CA ILE B 77 8.71 8.95 -0.82
C ILE B 77 9.72 8.93 -1.97
N ILE B 78 10.77 9.73 -1.85
CA ILE B 78 11.76 9.83 -2.92
C ILE B 78 12.95 8.96 -2.56
N THR B 79 13.22 7.96 -3.42
CA THR B 79 14.18 6.92 -3.12
C THR B 79 15.40 6.95 -4.02
N ASN B 80 15.43 7.83 -5.03
CA ASN B 80 16.60 8.02 -5.89
C ASN B 80 16.71 9.53 -6.15
N TRP B 81 17.45 10.22 -5.27
CA TRP B 81 17.55 11.66 -5.38
C TRP B 81 18.27 12.11 -6.65
N ASP B 82 19.22 11.33 -7.14
CA ASP B 82 19.90 11.67 -8.39
C ASP B 82 18.93 11.74 -9.56
N ASP B 83 18.10 10.72 -9.71
CA ASP B 83 17.09 10.76 -10.76
C ASP B 83 16.05 11.83 -10.49
N MET B 84 15.74 12.12 -9.23
CA MET B 84 14.79 13.18 -8.94
C MET B 84 15.35 14.55 -9.33
N GLU B 85 16.65 14.76 -9.11
CA GLU B 85 17.31 15.95 -9.62
C GLU B 85 17.29 16.01 -11.14
N LYS B 86 17.43 14.85 -11.78
CA LYS B 86 17.28 14.81 -13.24
C LYS B 86 15.89 15.27 -13.65
N ILE B 87 14.88 14.76 -12.95
CA ILE B 87 13.48 15.09 -13.25
C ILE B 87 13.25 16.59 -13.12
N TRP B 88 13.68 17.18 -11.99
CA TRP B 88 13.49 18.62 -11.82
C TRP B 88 14.30 19.44 -12.82
N HIS B 89 15.54 19.05 -13.08
CA HIS B 89 16.35 19.77 -14.05
C HIS B 89 15.69 19.81 -15.42
N HIS B 90 15.21 18.65 -15.89
CA HIS B 90 14.48 18.61 -17.16
C HIS B 90 13.18 19.39 -17.08
N THR B 91 12.50 19.35 -15.93
CA THR B 91 11.25 20.08 -15.77
C THR B 91 11.46 21.58 -15.94
N PHE B 92 12.46 22.13 -15.26
CA PHE B 92 12.66 23.57 -15.30
C PHE B 92 13.28 24.03 -16.63
N TYR B 93 14.39 23.43 -17.05
CA TYR B 93 15.03 23.92 -18.27
C TYR B 93 14.35 23.45 -19.56
N ASN B 94 14.13 22.14 -19.71
CA ASN B 94 13.60 21.61 -20.97
C ASN B 94 12.11 21.88 -21.15
N GLU B 95 11.31 21.67 -20.10
CA GLU B 95 9.87 21.87 -20.26
C GLU B 95 9.46 23.33 -20.11
N LEU B 96 9.76 23.95 -18.97
CA LEU B 96 9.23 25.28 -18.71
C LEU B 96 10.10 26.41 -19.26
N ARG B 97 11.30 26.11 -19.76
CA ARG B 97 12.19 27.10 -20.35
C ARG B 97 12.39 28.30 -19.43
N VAL B 98 12.55 28.03 -18.14
CA VAL B 98 12.52 29.08 -17.13
C VAL B 98 13.77 28.99 -16.27
N ALA B 99 14.32 30.14 -15.91
CA ALA B 99 15.53 30.24 -15.11
C ALA B 99 15.21 30.36 -13.62
N PRO B 100 15.32 29.27 -12.85
CA PRO B 100 14.69 29.22 -11.52
C PRO B 100 15.27 30.24 -10.53
N GLU B 101 16.40 30.87 -10.86
CA GLU B 101 16.94 31.96 -10.05
C GLU B 101 15.93 33.06 -9.77
N GLU B 102 14.94 33.24 -10.66
CA GLU B 102 13.98 34.33 -10.51
C GLU B 102 12.56 33.87 -10.18
N HIS B 103 12.30 32.57 -10.09
CA HIS B 103 10.94 32.05 -10.07
C HIS B 103 10.70 31.22 -8.80
N PRO B 104 10.27 31.86 -7.71
CA PRO B 104 9.99 31.10 -6.49
C PRO B 104 8.95 30.02 -6.70
N THR B 105 9.04 28.96 -5.92
CA THR B 105 8.47 27.67 -6.28
C THR B 105 7.62 27.13 -5.13
N LEU B 106 6.49 26.53 -5.49
CA LEU B 106 5.64 25.77 -4.58
C LEU B 106 5.77 24.30 -4.89
N LEU B 107 5.93 23.47 -3.85
CA LEU B 107 6.11 22.04 -4.00
C LEU B 107 5.13 21.29 -3.12
N THR B 108 4.80 20.08 -3.54
CA THR B 108 3.74 19.28 -2.92
C THR B 108 4.31 17.99 -2.34
N GLU B 109 3.62 17.47 -1.32
CA GLU B 109 3.98 16.21 -0.68
C GLU B 109 2.73 15.56 -0.13
N ALA B 110 2.76 14.23 -0.03
CA ALA B 110 1.75 13.52 0.71
C ALA B 110 1.87 13.80 2.21
N PRO B 111 0.76 13.72 2.95
CA PRO B 111 0.84 13.81 4.41
C PRO B 111 1.46 12.57 5.03
N LEU B 112 1.90 12.73 6.27
CA LEU B 112 2.59 11.69 7.04
C LEU B 112 3.80 11.14 6.30
N ASN B 113 4.44 11.97 5.49
CA ASN B 113 5.70 11.60 4.88
C ASN B 113 6.84 11.71 5.90
N PRO B 114 7.96 11.02 5.65
CA PRO B 114 9.14 11.26 6.47
C PRO B 114 9.61 12.70 6.37
N LYS B 115 9.94 13.29 7.53
CA LYS B 115 10.36 14.68 7.55
C LYS B 115 11.67 14.87 6.81
N ALA B 116 12.53 13.84 6.82
CA ALA B 116 13.77 13.89 6.07
C ALA B 116 13.52 14.15 4.59
N ASN B 117 12.43 13.61 4.05
CA ASN B 117 12.14 13.80 2.63
C ASN B 117 11.93 15.28 2.32
N ARG B 118 11.14 15.96 3.15
CA ARG B 118 10.90 17.39 2.95
C ARG B 118 12.18 18.18 3.15
N GLU B 119 12.97 17.83 4.16
CA GLU B 119 14.24 18.52 4.38
C GLU B 119 15.15 18.37 3.17
N LYS B 120 15.33 17.14 2.68
CA LYS B 120 16.26 16.90 1.58
C LYS B 120 15.79 17.58 0.30
N MET B 121 14.49 17.51 0.01
CA MET B 121 13.93 18.25 -1.12
C MET B 121 14.21 19.74 -1.02
N THR B 122 13.99 20.32 0.16
CA THR B 122 14.24 21.76 0.31
C THR B 122 15.73 22.08 0.15
N GLN B 123 16.59 21.25 0.74
CA GLN B 123 18.03 21.43 0.63
C GLN B 123 18.48 21.41 -0.82
N ILE B 124 18.00 20.44 -1.60
CA ILE B 124 18.27 20.41 -3.03
C ILE B 124 17.76 21.68 -3.70
N MET B 125 16.52 22.08 -3.42
CA MET B 125 15.94 23.23 -4.10
C MET B 125 16.76 24.49 -3.90
N PHE B 126 17.14 24.79 -2.65
CA PHE B 126 17.96 25.97 -2.41
C PHE B 126 19.39 25.82 -2.90
N GLU B 127 20.09 24.75 -2.52
CA GLU B 127 21.52 24.67 -2.77
C GLU B 127 21.84 24.37 -4.22
N THR B 128 21.15 23.40 -4.82
CA THR B 128 21.41 23.04 -6.21
C THR B 128 20.84 24.04 -7.20
N PHE B 129 19.57 24.41 -7.06
CA PHE B 129 18.95 25.29 -8.06
C PHE B 129 19.03 26.77 -7.72
N ASN B 130 19.45 27.13 -6.51
CA ASN B 130 19.55 28.54 -6.10
C ASN B 130 18.19 29.24 -6.17
N VAL B 131 17.13 28.50 -5.91
CA VAL B 131 15.78 29.08 -5.92
C VAL B 131 15.68 30.11 -4.81
N PRO B 132 15.10 31.29 -5.06
CA PRO B 132 15.15 32.35 -4.04
C PRO B 132 14.07 32.24 -2.97
N ALA B 133 12.95 31.59 -3.28
CA ALA B 133 11.93 31.37 -2.27
C ALA B 133 11.17 30.08 -2.57
N MET B 134 10.68 29.45 -1.51
CA MET B 134 10.03 28.15 -1.62
C MET B 134 8.93 28.05 -0.56
N TYR B 135 7.92 27.24 -0.85
CA TYR B 135 7.01 26.74 0.17
C TYR B 135 6.65 25.30 -0.16
N VAL B 136 6.30 24.53 0.88
CA VAL B 136 5.76 23.18 0.71
C VAL B 136 4.35 23.15 1.27
N ALA B 137 3.42 22.59 0.48
CA ALA B 137 2.00 22.64 0.73
C ALA B 137 1.42 21.23 0.72
N ILE B 138 0.31 21.05 1.43
CA ILE B 138 -0.26 19.74 1.68
C ILE B 138 -1.39 19.50 0.68
N GLN B 139 -1.32 18.36 -0.02
CA GLN B 139 -2.10 18.16 -1.23
C GLN B 139 -3.61 18.25 -1.00
N ALA B 140 -4.10 17.85 0.17
CA ALA B 140 -5.52 18.01 0.48
C ALA B 140 -5.97 19.47 0.46
N VAL B 141 -5.14 20.36 1.03
CA VAL B 141 -5.49 21.78 1.02
C VAL B 141 -5.57 22.31 -0.41
N LEU B 142 -4.59 21.93 -1.24
CA LEU B 142 -4.65 22.29 -2.66
C LEU B 142 -5.91 21.73 -3.32
N SER B 143 -6.29 20.50 -2.99
CA SER B 143 -7.49 19.91 -3.56
C SER B 143 -8.74 20.68 -3.16
N LEU B 144 -8.76 21.22 -1.94
CA LEU B 144 -9.90 22.04 -1.53
C LEU B 144 -9.92 23.39 -2.22
N TYR B 145 -8.75 24.03 -2.38
CA TYR B 145 -8.72 25.25 -3.19
C TYR B 145 -9.21 25.00 -4.62
N ALA B 146 -8.77 23.89 -5.24
CA ALA B 146 -9.27 23.52 -6.55
C ALA B 146 -10.78 23.26 -6.54
N SER B 147 -11.32 22.77 -5.42
CA SER B 147 -12.74 22.47 -5.33
C SER B 147 -13.55 23.61 -4.73
N GLY B 148 -12.97 24.80 -4.61
CA GLY B 148 -13.75 25.99 -4.32
C GLY B 148 -14.46 26.00 -2.98
N ARG B 149 -13.95 25.26 -2.00
CA ARG B 149 -14.65 25.16 -0.72
C ARG B 149 -13.63 25.01 0.39
N THR B 150 -14.05 25.38 1.60
CA THR B 150 -13.17 25.39 2.76
C THR B 150 -13.59 24.45 3.88
N THR B 151 -14.71 23.76 3.74
CA THR B 151 -15.02 22.59 4.55
C THR B 151 -15.11 21.38 3.64
N GLY B 152 -14.19 20.44 3.82
CA GLY B 152 -14.18 19.23 3.01
C GLY B 152 -13.43 18.12 3.70
N ILE B 153 -13.77 16.89 3.33
CA ILE B 153 -12.90 15.74 3.48
C ILE B 153 -12.40 15.37 2.10
N VAL B 154 -11.09 15.15 1.98
CA VAL B 154 -10.44 14.88 0.71
C VAL B 154 -9.99 13.43 0.69
N LEU B 155 -10.36 12.72 -0.37
CA LEU B 155 -9.82 11.40 -0.66
C LEU B 155 -8.87 11.53 -1.83
N ASP B 156 -7.67 10.98 -1.69
CA ASP B 156 -6.65 11.07 -2.71
C ASP B 156 -6.23 9.66 -3.11
N SER B 157 -5.85 9.50 -4.37
CA SER B 157 -5.18 8.27 -4.81
C SER B 157 -4.43 8.58 -6.11
N GLY B 158 -3.14 8.89 -5.95
CA GLY B 158 -2.26 9.10 -7.08
C GLY B 158 -1.78 7.78 -7.64
N ASP B 159 -0.55 7.77 -8.15
CA ASP B 159 0.06 6.49 -8.47
C ASP B 159 0.47 5.73 -7.22
N GLY B 160 0.76 6.44 -6.13
CA GLY B 160 1.28 5.80 -4.94
C GLY B 160 0.38 5.81 -3.72
N VAL B 161 0.41 6.91 -2.97
CA VAL B 161 -0.37 6.99 -1.74
C VAL B 161 -1.87 7.09 -2.03
N THR B 162 -2.67 6.54 -1.12
CA THR B 162 -4.05 6.95 -0.87
C THR B 162 -4.12 7.55 0.53
N HIS B 163 -4.71 8.73 0.66
CA HIS B 163 -4.88 9.29 1.99
C HIS B 163 -6.18 10.09 2.09
N ASN B 164 -6.70 10.15 3.32
CA ASN B 164 -7.94 10.86 3.66
C ASN B 164 -7.58 11.96 4.65
N VAL B 165 -7.95 13.20 4.33
CA VAL B 165 -7.73 14.34 5.22
C VAL B 165 -9.02 15.13 5.40
N PRO B 166 -9.49 15.34 6.63
CA PRO B 166 -10.61 16.25 6.90
C PRO B 166 -10.17 17.67 7.17
N ILE B 167 -10.90 18.62 6.59
CA ILE B 167 -10.68 20.05 6.82
C ILE B 167 -12.03 20.68 7.15
N TYR B 168 -12.03 21.59 8.13
CA TYR B 168 -13.26 22.28 8.55
C TYR B 168 -12.95 23.74 8.80
N GLU B 169 -13.67 24.63 8.10
CA GLU B 169 -13.44 26.07 8.14
C GLU B 169 -11.96 26.42 7.95
N GLY B 170 -11.24 25.59 7.19
CA GLY B 170 -9.83 25.79 6.99
C GLY B 170 -8.94 25.32 8.12
N TYR B 171 -9.49 24.65 9.12
CA TYR B 171 -8.70 24.01 10.17
C TYR B 171 -8.58 22.53 9.86
N ALA B 172 -7.38 22.00 9.99
CA ALA B 172 -7.08 20.61 9.64
C ALA B 172 -7.01 19.75 10.89
N LEU B 173 -7.48 18.50 10.77
CA LEU B 173 -7.59 17.58 11.90
C LEU B 173 -6.50 16.52 11.85
N PRO B 174 -5.32 16.78 12.40
CA PRO B 174 -4.16 15.90 12.12
C PRO B 174 -4.38 14.46 12.57
N HIS B 175 -5.14 14.25 13.65
CA HIS B 175 -5.42 12.91 14.14
C HIS B 175 -6.38 12.13 13.25
N ALA B 176 -7.30 12.83 12.58
CA ALA B 176 -8.26 12.19 11.68
C ALA B 176 -7.64 11.74 10.36
N ILE B 177 -6.39 12.13 10.05
CA ILE B 177 -5.76 11.66 8.82
C ILE B 177 -5.66 10.14 8.82
N MET B 178 -5.92 9.54 7.66
CA MET B 178 -5.68 8.13 7.42
C MET B 178 -5.10 7.94 6.03
N ARG B 179 -4.17 7.00 5.90
CA ARG B 179 -3.37 6.86 4.70
C ARG B 179 -3.25 5.39 4.33
N LEU B 180 -3.37 5.09 3.04
CA LEU B 180 -3.05 3.77 2.51
C LEU B 180 -2.05 3.89 1.38
N ASP B 181 -0.96 3.12 1.45
CA ASP B 181 -0.03 2.96 0.33
C ASP B 181 -0.58 1.90 -0.63
N LEU B 182 -1.34 2.35 -1.64
CA LEU B 182 -2.06 1.42 -2.51
C LEU B 182 -2.13 1.97 -3.93
N ALA B 183 -3.31 2.45 -4.31
CA ALA B 183 -3.57 3.13 -5.59
C ALA B 183 -3.02 2.48 -6.86
N GLY B 184 -2.57 3.35 -7.77
CA GLY B 184 -2.36 2.96 -9.15
C GLY B 184 -1.39 1.81 -9.32
N ARG B 185 -0.25 1.88 -8.66
CA ARG B 185 0.83 0.93 -8.96
C ARG B 185 0.42 -0.48 -8.54
N ASP B 186 -0.11 -0.61 -7.32
CA ASP B 186 -0.57 -1.91 -6.84
C ASP B 186 -1.74 -2.42 -7.67
N LEU B 187 -2.66 -1.52 -8.08
CA LEU B 187 -3.74 -1.95 -8.96
C LEU B 187 -3.20 -2.44 -10.30
N THR B 188 -2.16 -1.79 -10.82
CA THR B 188 -1.55 -2.25 -12.07
C THR B 188 -0.92 -3.62 -11.92
N ASP B 189 -0.14 -3.82 -10.85
CA ASP B 189 0.49 -5.12 -10.64
C ASP B 189 -0.55 -6.23 -10.48
N TYR B 190 -1.59 -5.97 -9.69
CA TYR B 190 -2.67 -6.95 -9.57
C TYR B 190 -3.34 -7.21 -10.91
N LEU B 191 -3.53 -6.18 -11.73
CA LEU B 191 -4.05 -6.40 -13.07
C LEU B 191 -3.11 -7.24 -13.91
N MET B 192 -1.80 -7.09 -13.73
CA MET B 192 -0.86 -7.97 -14.42
C MET B 192 -1.08 -9.43 -14.04
N LYS B 193 -1.20 -9.70 -12.73
CA LYS B 193 -1.46 -11.06 -12.28
C LYS B 193 -2.79 -11.61 -12.80
N ILE B 194 -3.86 -10.83 -12.69
CA ILE B 194 -5.15 -11.29 -13.18
C ILE B 194 -5.07 -11.58 -14.68
N LEU B 195 -4.47 -10.67 -15.47
CA LEU B 195 -4.33 -10.95 -16.89
C LEU B 195 -3.47 -12.17 -17.14
N THR B 196 -2.53 -12.46 -16.24
CA THR B 196 -1.79 -13.72 -16.29
C THR B 196 -2.71 -14.91 -16.12
N GLU B 197 -3.81 -14.73 -15.38
CA GLU B 197 -4.78 -15.81 -15.25
C GLU B 197 -5.32 -16.26 -16.60
N ARG B 198 -5.41 -15.35 -17.58
CA ARG B 198 -5.82 -15.73 -18.93
C ARG B 198 -4.65 -16.17 -19.80
N GLY B 199 -3.43 -15.98 -19.33
CA GLY B 199 -2.24 -16.42 -20.03
C GLY B 199 -1.51 -15.35 -20.83
N TYR B 200 -1.90 -14.08 -20.70
CA TYR B 200 -1.17 -12.98 -21.31
C TYR B 200 -0.01 -12.66 -20.37
N SER B 201 1.16 -13.23 -20.64
CA SER B 201 2.33 -13.03 -19.79
C SER B 201 2.94 -11.66 -20.07
N PHE B 202 2.71 -10.73 -19.15
CA PHE B 202 3.34 -9.41 -19.16
C PHE B 202 4.32 -9.36 -17.99
N VAL B 203 5.54 -8.89 -18.25
CA VAL B 203 6.64 -9.06 -17.29
C VAL B 203 7.48 -7.79 -17.20
N THR B 204 7.88 -7.26 -18.34
CA THR B 204 8.77 -6.11 -18.35
C THR B 204 8.08 -4.86 -17.82
N THR B 205 8.89 -3.90 -17.36
CA THR B 205 8.39 -2.58 -17.01
C THR B 205 7.71 -1.90 -18.18
N ALA B 206 8.19 -2.11 -19.41
CA ALA B 206 7.46 -1.64 -20.58
C ALA B 206 6.09 -2.30 -20.64
N GLU B 207 6.03 -3.60 -20.42
CA GLU B 207 4.74 -4.26 -20.39
C GLU B 207 3.92 -3.80 -19.19
N ARG B 208 4.58 -3.45 -18.07
CA ARG B 208 3.86 -2.79 -16.98
C ARG B 208 3.18 -1.50 -17.43
N GLU B 209 3.88 -0.68 -18.24
CA GLU B 209 3.27 0.53 -18.78
C GLU B 209 2.13 0.23 -19.74
N ILE B 210 2.27 -0.84 -20.52
CA ILE B 210 1.17 -1.29 -21.38
C ILE B 210 -0.04 -1.70 -20.54
N VAL B 211 0.19 -2.46 -19.48
CA VAL B 211 -0.89 -2.85 -18.58
C VAL B 211 -1.50 -1.64 -17.88
N ARG B 212 -0.69 -0.63 -17.59
CA ARG B 212 -1.23 0.63 -17.08
C ARG B 212 -2.19 1.27 -18.07
N ASP B 213 -1.82 1.31 -19.35
CA ASP B 213 -2.73 1.86 -20.35
C ASP B 213 -4.00 1.01 -20.49
N ILE B 214 -3.84 -0.32 -20.44
CA ILE B 214 -5.00 -1.21 -20.45
C ILE B 214 -5.92 -0.88 -19.29
N LYS B 215 -5.36 -0.74 -18.10
CA LYS B 215 -6.13 -0.36 -16.92
C LYS B 215 -6.87 0.94 -17.15
N GLU B 216 -6.15 1.97 -17.62
CA GLU B 216 -6.73 3.30 -17.74
C GLU B 216 -7.88 3.34 -18.74
N LYS B 217 -7.78 2.57 -19.83
CA LYS B 217 -8.91 2.51 -20.76
C LYS B 217 -10.02 1.56 -20.30
N LEU B 218 -9.70 0.27 -20.16
CA LEU B 218 -10.72 -0.77 -20.04
C LEU B 218 -11.40 -0.83 -18.67
N CYS B 219 -10.70 -0.54 -17.58
CA CYS B 219 -11.25 -0.82 -16.26
C CYS B 219 -12.42 0.09 -15.91
N TYR B 220 -13.42 -0.52 -15.27
CA TYR B 220 -14.59 0.17 -14.73
C TYR B 220 -14.91 -0.46 -13.39
N VAL B 221 -15.57 0.31 -12.51
CA VAL B 221 -15.81 -0.10 -11.13
C VAL B 221 -17.23 -0.64 -11.00
N ALA B 222 -17.34 -1.83 -10.43
CA ALA B 222 -18.64 -2.47 -10.21
C ALA B 222 -19.45 -1.71 -9.15
N LEU B 223 -20.75 -1.62 -9.37
CA LEU B 223 -21.69 -1.24 -8.32
C LEU B 223 -22.09 -2.41 -7.44
N ASP B 224 -22.09 -3.63 -7.98
CA ASP B 224 -22.38 -4.84 -7.20
C ASP B 224 -21.45 -5.94 -7.70
N PHE B 225 -20.32 -6.11 -7.02
CA PHE B 225 -19.24 -6.96 -7.51
C PHE B 225 -19.72 -8.39 -7.77
N GLU B 226 -20.54 -8.94 -6.88
CA GLU B 226 -21.03 -10.30 -7.06
C GLU B 226 -21.97 -10.43 -8.26
N ASN B 227 -22.81 -9.41 -8.48
CA ASN B 227 -23.66 -9.42 -9.67
C ASN B 227 -22.83 -9.34 -10.94
N GLU B 228 -21.76 -8.55 -10.93
CA GLU B 228 -20.91 -8.44 -12.10
C GLU B 228 -20.17 -9.75 -12.36
N MET B 229 -19.66 -10.38 -11.31
CA MET B 229 -19.03 -11.70 -11.45
C MET B 229 -20.00 -12.73 -12.03
N ALA B 230 -21.24 -12.75 -11.54
CA ALA B 230 -22.25 -13.64 -12.13
C ALA B 230 -22.55 -13.29 -13.59
N THR B 231 -22.56 -12.00 -13.92
CA THR B 231 -22.81 -11.59 -15.30
C THR B 231 -21.70 -12.06 -16.24
N ALA B 232 -20.44 -11.83 -15.84
CA ALA B 232 -19.30 -12.26 -16.63
C ALA B 232 -19.21 -13.77 -16.73
N ALA B 233 -19.62 -14.48 -15.68
CA ALA B 233 -19.66 -15.94 -15.76
C ALA B 233 -20.76 -16.41 -16.71
N SER B 234 -21.93 -15.79 -16.65
CA SER B 234 -23.07 -16.22 -17.44
C SER B 234 -23.07 -15.66 -18.86
N SER B 235 -22.35 -14.57 -19.12
CA SER B 235 -22.44 -13.91 -20.42
C SER B 235 -21.11 -13.28 -20.77
N SER B 236 -20.85 -13.20 -22.08
CA SER B 236 -19.68 -12.53 -22.64
C SER B 236 -19.86 -11.02 -22.80
N SER B 237 -21.03 -10.48 -22.48
CA SER B 237 -21.34 -9.10 -22.83
C SER B 237 -20.41 -8.10 -22.17
N LEU B 238 -19.78 -8.48 -21.05
CA LEU B 238 -18.78 -7.63 -20.40
C LEU B 238 -17.41 -7.70 -21.07
N GLU B 239 -17.19 -8.64 -21.98
CA GLU B 239 -15.86 -8.83 -22.55
C GLU B 239 -15.51 -7.71 -23.51
N LYS B 240 -14.23 -7.33 -23.52
CA LYS B 240 -13.68 -6.32 -24.41
C LYS B 240 -12.41 -6.84 -25.05
N SER B 241 -12.11 -6.32 -26.24
CA SER B 241 -10.84 -6.57 -26.89
C SER B 241 -10.00 -5.30 -26.96
N TYR B 242 -8.68 -5.49 -26.91
CA TYR B 242 -7.72 -4.41 -26.99
C TYR B 242 -6.54 -4.88 -27.84
N GLU B 243 -5.85 -3.94 -28.46
CA GLU B 243 -4.77 -4.25 -29.40
C GLU B 243 -3.45 -3.75 -28.86
N LEU B 244 -2.52 -4.68 -28.60
CA LEU B 244 -1.21 -4.34 -28.08
C LEU B 244 -0.39 -3.61 -29.13
N PRO B 245 0.71 -2.97 -28.72
CA PRO B 245 1.52 -2.21 -29.69
C PRO B 245 1.98 -3.02 -30.89
N ASP B 246 2.23 -4.32 -30.73
CA ASP B 246 2.59 -5.19 -31.85
C ASP B 246 1.40 -5.69 -32.65
N GLY B 247 0.20 -5.15 -32.42
CA GLY B 247 -0.99 -5.58 -33.13
C GLY B 247 -1.63 -6.87 -32.65
N GLN B 248 -1.04 -7.55 -31.66
CA GLN B 248 -1.70 -8.71 -31.08
C GLN B 248 -2.96 -8.27 -30.35
N VAL B 249 -3.99 -9.11 -30.39
CA VAL B 249 -5.27 -8.79 -29.78
C VAL B 249 -5.37 -9.52 -28.44
N ILE B 250 -5.80 -8.79 -27.42
CA ILE B 250 -6.04 -9.32 -26.08
C ILE B 250 -7.51 -9.17 -25.77
N THR B 251 -8.10 -10.18 -25.15
CA THR B 251 -9.51 -10.16 -24.78
C THR B 251 -9.67 -10.33 -23.28
N ILE B 252 -10.54 -9.53 -22.68
CA ILE B 252 -10.60 -9.34 -21.24
C ILE B 252 -12.07 -9.30 -20.84
N GLY B 253 -12.40 -9.93 -19.72
CA GLY B 253 -13.76 -10.01 -19.24
C GLY B 253 -13.92 -9.48 -17.82
N ASN B 254 -14.21 -10.38 -16.88
CA ASN B 254 -14.40 -10.01 -15.49
C ASN B 254 -13.21 -9.23 -14.94
N GLU B 255 -12.03 -9.49 -15.49
CA GLU B 255 -10.79 -8.88 -15.03
C GLU B 255 -10.89 -7.36 -14.98
N ARG B 256 -11.69 -6.78 -15.90
CA ARG B 256 -11.81 -5.33 -15.97
C ARG B 256 -12.31 -4.75 -14.66
N PHE B 257 -13.49 -5.19 -14.20
CA PHE B 257 -13.98 -4.66 -12.93
C PHE B 257 -13.25 -5.26 -11.72
N ARG B 258 -12.79 -6.50 -11.82
CA ARG B 258 -12.01 -7.10 -10.73
C ARG B 258 -10.77 -6.30 -10.36
N CYS B 259 -10.14 -5.59 -11.31
CA CYS B 259 -8.98 -4.78 -10.93
C CYS B 259 -9.31 -3.59 -10.03
N PRO B 260 -10.16 -2.62 -10.41
CA PRO B 260 -10.47 -1.51 -9.49
C PRO B 260 -11.24 -1.92 -8.25
N GLU B 261 -11.99 -3.03 -8.29
CA GLU B 261 -12.63 -3.57 -7.09
C GLU B 261 -11.63 -3.80 -5.95
N THR B 262 -10.37 -4.03 -6.28
CA THR B 262 -9.32 -4.20 -5.28
C THR B 262 -8.84 -2.88 -4.66
N LEU B 263 -9.41 -1.74 -5.04
CA LEU B 263 -9.42 -0.60 -4.13
C LEU B 263 -10.32 -0.83 -2.92
N PHE B 264 -11.54 -1.32 -3.16
CA PHE B 264 -12.46 -1.55 -2.06
C PHE B 264 -12.11 -2.77 -1.22
N GLN B 265 -11.47 -3.78 -1.82
CA GLN B 265 -11.15 -5.03 -1.15
C GLN B 265 -9.65 -5.31 -1.21
N PRO B 266 -8.84 -4.58 -0.46
CA PRO B 266 -7.38 -4.80 -0.49
C PRO B 266 -6.97 -6.19 -0.05
N SER B 267 -7.89 -6.99 0.50
CA SER B 267 -7.67 -8.42 0.71
C SER B 267 -7.16 -9.13 -0.54
N PHE B 268 -7.58 -8.70 -1.72
CA PHE B 268 -7.03 -9.25 -2.96
C PHE B 268 -5.55 -8.93 -3.13
N ILE B 269 -5.06 -7.85 -2.53
CA ILE B 269 -3.61 -7.67 -2.41
C ILE B 269 -3.03 -8.41 -1.22
N GLY B 270 -3.87 -8.89 -0.31
CA GLY B 270 -3.41 -9.44 0.95
C GLY B 270 -3.29 -8.43 2.07
N MET B 271 -3.63 -7.17 1.82
CA MET B 271 -3.70 -6.18 2.88
C MET B 271 -4.94 -6.41 3.73
N GLU B 272 -4.82 -6.09 5.02
CA GLU B 272 -5.97 -6.17 5.92
C GLU B 272 -6.67 -4.84 6.13
N SER B 273 -6.03 -3.74 5.75
CA SER B 273 -6.64 -2.43 5.90
C SER B 273 -7.95 -2.34 5.13
N ALA B 274 -8.96 -1.77 5.78
CA ALA B 274 -10.29 -1.68 5.17
C ALA B 274 -10.25 -0.79 3.93
N GLY B 275 -11.23 -1.00 3.05
CA GLY B 275 -11.26 -0.28 1.78
C GLY B 275 -11.37 1.22 1.95
N ILE B 276 -11.24 1.91 0.82
CA ILE B 276 -11.32 3.37 0.78
C ILE B 276 -12.64 3.89 1.37
N HIS B 277 -13.72 3.14 1.19
CA HIS B 277 -15.00 3.53 1.79
C HIS B 277 -14.95 3.47 3.31
N GLU B 278 -14.47 2.34 3.86
CA GLU B 278 -14.39 2.22 5.31
C GLU B 278 -13.30 3.12 5.88
N THR B 279 -12.22 3.35 5.13
CA THR B 279 -11.20 4.29 5.59
C THR B 279 -11.74 5.72 5.66
N THR B 280 -12.56 6.10 4.68
CA THR B 280 -13.25 7.37 4.72
C THR B 280 -14.19 7.46 5.91
N TYR B 281 -15.04 6.44 6.08
CA TYR B 281 -15.98 6.43 7.19
C TYR B 281 -15.26 6.53 8.54
N ASN B 282 -14.22 5.72 8.73
CA ASN B 282 -13.46 5.77 9.98
C ASN B 282 -12.79 7.13 10.21
N SER B 283 -12.25 7.73 9.14
CA SER B 283 -11.70 9.08 9.26
C SER B 283 -12.76 10.08 9.68
N ILE B 284 -13.97 9.96 9.13
CA ILE B 284 -15.09 10.79 9.56
C ILE B 284 -15.43 10.55 11.03
N MET B 285 -15.43 9.29 11.45
CA MET B 285 -15.68 8.96 12.85
C MET B 285 -14.62 9.55 13.79
N LYS B 286 -13.38 9.65 13.33
CA LYS B 286 -12.36 10.29 14.14
C LYS B 286 -12.69 11.75 14.41
N CYS B 287 -13.37 12.41 13.47
CA CYS B 287 -13.72 13.81 13.60
C CYS B 287 -14.77 14.01 14.70
N ASP B 288 -14.71 15.16 15.35
CA ASP B 288 -15.68 15.50 16.37
C ASP B 288 -17.09 15.58 15.77
N ILE B 289 -18.08 15.24 16.62
CA ILE B 289 -19.37 14.75 16.13
C ILE B 289 -20.04 15.76 15.19
N ASP B 290 -19.97 17.05 15.52
CA ASP B 290 -20.63 18.07 14.71
C ASP B 290 -20.00 18.17 13.32
N ILE B 291 -18.69 18.01 13.24
CA ILE B 291 -17.96 18.09 11.97
C ILE B 291 -18.52 17.12 10.95
N ARG B 292 -18.88 15.90 11.40
CA ARG B 292 -19.27 14.82 10.51
C ARG B 292 -20.36 15.21 9.51
N LYS B 293 -21.40 15.90 9.96
CA LYS B 293 -22.48 16.26 9.05
C LYS B 293 -21.98 17.06 7.86
N ASP B 294 -21.14 18.06 8.11
CA ASP B 294 -20.59 18.86 7.02
C ASP B 294 -19.59 18.08 6.19
N LEU B 295 -18.87 17.14 6.80
CA LEU B 295 -17.98 16.27 6.03
C LEU B 295 -18.73 15.41 5.03
N TYR B 296 -19.85 14.79 5.45
CA TYR B 296 -20.66 14.01 4.52
C TYR B 296 -21.15 14.84 3.34
N ALA B 297 -21.43 16.13 3.56
CA ALA B 297 -21.83 17.01 2.47
C ALA B 297 -20.69 17.37 1.52
N ASN B 298 -19.43 17.11 1.88
CA ASN B 298 -18.30 17.66 1.14
C ASN B 298 -17.16 16.64 1.01
N ASN B 299 -17.44 15.53 0.35
CA ASN B 299 -16.47 14.46 0.17
C ASN B 299 -15.84 14.61 -1.21
N VAL B 300 -14.56 14.99 -1.23
CA VAL B 300 -13.89 15.47 -2.44
C VAL B 300 -12.85 14.44 -2.86
N MET B 301 -12.78 14.16 -4.15
CA MET B 301 -11.86 13.17 -4.71
C MET B 301 -10.72 13.86 -5.44
N SER B 302 -9.49 13.43 -5.16
CA SER B 302 -8.27 14.09 -5.58
C SER B 302 -7.70 13.52 -6.88
N GLY B 303 -8.54 12.88 -7.69
CA GLY B 303 -8.10 12.42 -8.99
C GLY B 303 -7.24 11.17 -8.97
N GLY B 304 -6.27 11.11 -9.88
CA GLY B 304 -5.56 9.88 -10.18
C GLY B 304 -6.45 8.68 -10.44
N THR B 305 -6.33 7.64 -9.63
CA THR B 305 -7.14 6.43 -9.83
C THR B 305 -8.63 6.71 -9.73
N THR B 306 -9.05 7.74 -9.00
CA THR B 306 -10.49 8.06 -8.93
C THR B 306 -11.07 8.56 -10.25
N MET B 307 -10.31 8.51 -11.34
CA MET B 307 -10.88 8.68 -12.67
C MET B 307 -11.77 7.54 -13.11
N TYR B 308 -11.74 6.38 -12.45
CA TYR B 308 -12.43 5.22 -12.99
C TYR B 308 -13.92 5.50 -13.18
N PRO B 309 -14.54 4.90 -14.20
CA PRO B 309 -16.00 4.90 -14.27
C PRO B 309 -16.63 4.24 -13.04
N GLY B 310 -17.75 4.79 -12.60
CA GLY B 310 -18.51 4.19 -11.52
C GLY B 310 -17.98 4.42 -10.11
N ILE B 311 -16.75 4.90 -9.96
CA ILE B 311 -16.13 4.95 -8.63
C ILE B 311 -16.96 5.79 -7.66
N ALA B 312 -17.45 6.95 -8.10
CA ALA B 312 -18.21 7.80 -7.21
C ALA B 312 -19.54 7.18 -6.79
N ASP B 313 -20.23 6.51 -7.73
CA ASP B 313 -21.48 5.83 -7.37
C ASP B 313 -21.24 4.69 -6.39
N ARG B 314 -20.20 3.89 -6.63
CA ARG B 314 -19.86 2.81 -5.69
C ARG B 314 -19.52 3.36 -4.32
N MET B 315 -18.70 4.41 -4.27
CA MET B 315 -18.37 5.04 -3.00
C MET B 315 -19.61 5.56 -2.27
N GLN B 316 -20.50 6.26 -2.99
CA GLN B 316 -21.74 6.73 -2.38
C GLN B 316 -22.59 5.58 -1.84
N LYS B 317 -22.71 4.48 -2.59
CA LYS B 317 -23.42 3.30 -2.11
C LYS B 317 -22.80 2.74 -0.84
N GLU B 318 -21.47 2.65 -0.82
CA GLU B 318 -20.79 2.10 0.36
C GLU B 318 -20.95 3.00 1.57
N ILE B 319 -20.70 4.30 1.40
CA ILE B 319 -20.78 5.21 2.55
C ILE B 319 -22.22 5.28 3.08
N THR B 320 -23.21 5.34 2.18
CA THR B 320 -24.60 5.29 2.64
C THR B 320 -24.93 4.00 3.36
N ALA B 321 -24.29 2.88 2.98
CA ALA B 321 -24.47 1.67 3.76
C ALA B 321 -23.80 1.75 5.13
N LEU B 322 -22.59 2.32 5.17
CA LEU B 322 -21.84 2.41 6.42
C LEU B 322 -22.43 3.46 7.36
N ALA B 323 -22.64 4.68 6.86
CA ALA B 323 -23.10 5.76 7.71
C ALA B 323 -24.57 5.60 8.09
N PRO B 324 -24.99 6.26 9.18
CA PRO B 324 -26.41 6.28 9.53
C PRO B 324 -27.29 6.78 8.39
N SER B 325 -28.51 6.27 8.34
CA SER B 325 -29.53 6.76 7.42
C SER B 325 -29.92 8.19 7.76
N THR B 326 -30.81 8.76 6.92
CA THR B 326 -31.39 10.09 7.15
C THR B 326 -30.30 11.15 7.23
N MET B 327 -29.30 11.05 6.38
CA MET B 327 -28.16 11.95 6.40
C MET B 327 -27.59 12.08 4.99
N LYS B 328 -27.54 13.31 4.48
CA LYS B 328 -27.12 13.56 3.11
C LYS B 328 -25.65 13.20 2.94
N ILE B 329 -25.36 12.26 2.05
CA ILE B 329 -23.99 11.88 1.71
C ILE B 329 -23.76 12.23 0.25
N LYS B 330 -22.77 13.08 0.00
CA LYS B 330 -22.59 13.72 -1.30
C LYS B 330 -21.11 13.73 -1.65
N ILE B 331 -20.79 13.35 -2.89
CA ILE B 331 -19.42 13.11 -3.32
C ILE B 331 -19.10 14.03 -4.49
N ILE B 332 -18.06 14.83 -4.34
CA ILE B 332 -17.67 15.86 -5.31
C ILE B 332 -16.41 15.38 -6.03
N ALA B 333 -16.51 15.18 -7.34
CA ALA B 333 -15.38 14.68 -8.13
C ALA B 333 -15.43 15.27 -9.52
N PRO B 334 -14.92 16.49 -9.69
CA PRO B 334 -14.90 17.13 -11.02
C PRO B 334 -14.09 16.31 -12.01
N PRO B 335 -14.31 16.50 -13.31
CA PRO B 335 -13.44 15.87 -14.31
C PRO B 335 -11.98 16.31 -14.24
N GLU B 336 -11.69 17.49 -13.71
CA GLU B 336 -10.32 17.95 -13.53
C GLU B 336 -9.64 17.36 -12.31
N ARG B 337 -10.29 16.41 -11.61
CA ARG B 337 -9.84 15.95 -10.31
C ARG B 337 -8.38 15.52 -10.30
N LYS B 338 -7.87 14.99 -11.41
CA LYS B 338 -6.46 14.63 -11.50
C LYS B 338 -5.54 15.84 -11.48
N TYR B 339 -5.81 16.82 -12.33
CA TYR B 339 -5.13 18.12 -12.33
C TYR B 339 -5.41 18.93 -11.08
N SER B 340 -6.53 18.67 -10.40
CA SER B 340 -7.00 19.53 -9.31
C SER B 340 -5.96 19.80 -8.22
N VAL B 341 -5.08 18.84 -7.91
CA VAL B 341 -3.96 19.15 -7.01
C VAL B 341 -3.08 20.27 -7.57
N TRP B 342 -2.68 20.17 -8.84
CA TRP B 342 -1.89 21.26 -9.40
C TRP B 342 -2.69 22.55 -9.45
N ILE B 343 -3.95 22.46 -9.85
CA ILE B 343 -4.78 23.67 -9.95
C ILE B 343 -4.86 24.37 -8.60
N GLY B 344 -5.01 23.58 -7.53
CA GLY B 344 -4.96 24.15 -6.19
C GLY B 344 -3.65 24.85 -5.88
N GLY B 345 -2.53 24.25 -6.28
CA GLY B 345 -1.25 24.94 -6.11
C GLY B 345 -1.19 26.25 -6.89
N SER B 346 -1.69 26.23 -8.12
CA SER B 346 -1.75 27.42 -8.97
C SER B 346 -2.58 28.52 -8.33
N ILE B 347 -3.66 28.14 -7.66
CA ILE B 347 -4.46 29.13 -6.92
C ILE B 347 -3.67 29.65 -5.72
N LEU B 348 -3.13 28.73 -4.93
CA LEU B 348 -2.55 29.10 -3.64
C LEU B 348 -1.37 30.06 -3.81
N ALA B 349 -0.46 29.73 -4.74
CA ALA B 349 0.66 30.61 -5.02
C ALA B 349 0.24 32.01 -5.44
N SER B 350 -0.91 32.15 -6.11
CA SER B 350 -1.34 33.47 -6.55
C SER B 350 -1.85 34.36 -5.41
N LEU B 351 -2.38 33.76 -4.34
CA LEU B 351 -3.06 34.53 -3.31
C LEU B 351 -2.13 35.57 -2.68
N SER B 352 -2.57 36.83 -2.69
CA SER B 352 -1.83 37.90 -2.04
C SER B 352 -1.58 37.61 -0.55
N THR B 353 -2.57 37.02 0.12
CA THR B 353 -2.40 36.64 1.53
C THR B 353 -1.28 35.63 1.71
N PHE B 354 -1.05 34.80 0.69
CA PHE B 354 -0.14 33.67 0.85
C PHE B 354 1.32 34.11 0.91
N GLN B 355 1.69 35.17 0.19
CA GLN B 355 3.09 35.35 -0.18
C GLN B 355 4.02 35.38 1.04
N GLN B 356 3.55 35.88 2.18
CA GLN B 356 4.36 35.85 3.39
C GLN B 356 4.61 34.44 3.91
N MET B 357 3.87 33.44 3.43
CA MET B 357 4.16 32.04 3.71
C MET B 357 5.43 31.55 3.05
N TRP B 358 5.95 32.24 2.03
CA TRP B 358 7.19 31.82 1.40
C TRP B 358 8.28 31.62 2.44
N ILE B 359 9.14 30.63 2.19
CA ILE B 359 10.40 30.48 2.89
C ILE B 359 11.51 31.02 2.00
N THR B 360 12.30 31.95 2.52
CA THR B 360 13.34 32.61 1.76
C THR B 360 14.68 31.98 2.07
N LYS B 361 15.60 32.04 1.10
CA LYS B 361 16.90 31.41 1.29
C LYS B 361 17.60 31.93 2.54
N GLN B 362 17.37 33.20 2.89
CA GLN B 362 17.83 33.74 4.16
C GLN B 362 17.32 32.92 5.35
N GLU B 363 16.01 32.71 5.42
CA GLU B 363 15.42 31.91 6.49
C GLU B 363 15.97 30.48 6.50
N TYR B 364 16.14 29.88 5.34
CA TYR B 364 16.75 28.55 5.32
C TYR B 364 18.20 28.60 5.78
N ASP B 365 18.89 29.70 5.51
CA ASP B 365 20.24 29.91 6.00
C ASP B 365 20.28 30.36 7.46
N GLU B 366 19.14 30.48 8.11
CA GLU B 366 19.17 30.94 9.50
C GLU B 366 18.40 30.03 10.44
N ALA B 367 17.22 29.55 10.04
CA ALA B 367 16.45 28.62 10.85
C ALA B 367 16.89 27.17 10.67
N GLY B 368 18.01 26.94 9.99
CA GLY B 368 18.35 25.65 9.44
C GLY B 368 17.24 25.09 8.57
N PRO B 369 17.10 23.77 8.54
CA PRO B 369 15.91 23.19 7.88
C PRO B 369 14.62 23.52 8.60
N SER B 370 14.65 23.52 9.94
CA SER B 370 13.48 23.20 10.75
C SER B 370 12.23 24.00 10.36
N ILE B 371 12.42 25.22 9.86
CA ILE B 371 11.32 26.05 9.39
C ILE B 371 10.42 25.36 8.36
N VAL B 372 10.97 24.46 7.54
CA VAL B 372 10.15 23.67 6.63
C VAL B 372 9.13 22.81 7.36
N HIS B 373 9.46 22.36 8.57
CA HIS B 373 8.54 21.64 9.44
C HIS B 373 7.39 22.48 10.00
N ARG B 374 7.42 23.81 9.86
CA ARG B 374 6.50 24.65 10.64
C ARG B 374 5.06 24.18 10.49
N LYS B 375 4.67 23.84 9.27
CA LYS B 375 3.33 23.38 8.94
C LYS B 375 3.35 21.94 8.46
N CYS B 376 4.25 21.12 9.02
CA CYS B 376 4.47 19.77 8.52
C CYS B 376 3.18 18.96 8.47
N PHE B 377 2.30 19.17 9.44
CA PHE B 377 1.01 18.48 9.47
C PHE B 377 1.16 16.96 9.41
N MET C 1 21.68 8.39 -50.94
CA MET C 1 22.18 7.03 -50.95
C MET C 1 23.71 6.99 -51.01
N GLY C 2 24.29 7.98 -51.69
CA GLY C 2 25.73 8.04 -51.80
C GLY C 2 26.42 8.04 -50.45
N VAL C 3 27.62 7.45 -50.42
CA VAL C 3 28.31 7.20 -49.17
C VAL C 3 28.57 8.50 -48.41
N ALA C 4 28.97 9.55 -49.14
CA ALA C 4 29.22 10.85 -48.53
C ALA C 4 27.99 11.41 -47.82
N ASP C 5 26.80 11.24 -48.41
CA ASP C 5 25.59 11.73 -47.78
C ASP C 5 25.29 10.99 -46.49
N LEU C 6 25.43 9.66 -46.50
CA LEU C 6 25.20 8.90 -45.28
C LEU C 6 26.21 9.27 -44.20
N ILE C 7 27.47 9.46 -44.58
CA ILE C 7 28.47 9.92 -43.61
C ILE C 7 28.05 11.22 -42.98
N LYS C 8 27.67 12.20 -43.81
CA LYS C 8 27.26 13.50 -43.28
C LYS C 8 26.01 13.41 -42.42
N LYS C 9 25.10 12.49 -42.77
CA LYS C 9 23.91 12.26 -41.94
C LYS C 9 24.27 11.73 -40.56
N PHE C 10 25.09 10.68 -40.49
CA PHE C 10 25.41 10.10 -39.18
C PHE C 10 26.33 11.01 -38.37
N GLU C 11 27.29 11.68 -39.02
CA GLU C 11 28.09 12.66 -38.31
C GLU C 11 27.26 13.84 -37.81
N SER C 12 26.19 14.19 -38.54
CA SER C 12 25.25 15.18 -38.03
C SER C 12 24.45 14.64 -36.86
N ILE C 13 23.99 13.39 -36.94
CA ILE C 13 23.29 12.76 -35.84
C ILE C 13 24.23 12.55 -34.66
N THR D 7 45.38 9.94 -45.13
CA THR D 7 45.39 8.67 -44.43
C THR D 7 44.08 7.92 -44.64
N THR D 8 43.84 7.48 -45.86
CA THR D 8 42.58 6.82 -46.19
C THR D 8 42.54 5.44 -45.54
N ALA D 9 41.52 5.21 -44.71
CA ALA D 9 41.34 3.90 -44.11
C ALA D 9 41.02 2.87 -45.17
N LEU D 10 41.33 1.61 -44.88
CA LEU D 10 40.90 0.51 -45.71
C LEU D 10 39.66 -0.14 -45.10
N VAL D 11 38.79 -0.64 -45.96
CA VAL D 11 37.62 -1.40 -45.55
C VAL D 11 37.59 -2.69 -46.34
N CYS D 12 37.64 -3.83 -45.64
CA CYS D 12 37.65 -5.13 -46.27
C CYS D 12 36.51 -5.96 -45.71
N ASP D 13 35.64 -6.43 -46.59
CA ASP D 13 34.58 -7.36 -46.24
C ASP D 13 34.96 -8.72 -46.79
N ASN D 14 35.14 -9.69 -45.90
CA ASN D 14 35.56 -11.03 -46.32
C ASN D 14 34.33 -11.91 -46.36
N GLY D 15 33.74 -12.00 -47.55
CA GLY D 15 32.61 -12.87 -47.77
C GLY D 15 32.99 -14.32 -47.90
N SER D 16 32.01 -15.18 -47.63
CA SER D 16 32.21 -16.61 -47.82
C SER D 16 32.49 -16.95 -49.27
N GLY D 17 32.00 -16.13 -50.20
CA GLY D 17 32.21 -16.39 -51.60
C GLY D 17 32.87 -15.27 -52.41
N LEU D 18 32.68 -14.02 -52.00
CA LEU D 18 33.31 -12.89 -52.66
C LEU D 18 34.02 -11.98 -51.66
N VAL D 19 35.22 -11.56 -52.03
CA VAL D 19 36.02 -10.62 -51.23
C VAL D 19 35.86 -9.21 -51.80
N LYS D 20 35.57 -8.26 -50.93
CA LYS D 20 35.19 -6.90 -51.31
C LYS D 20 36.05 -5.92 -50.51
N ALA D 21 36.95 -5.22 -51.20
CA ALA D 21 37.92 -4.37 -50.52
C ALA D 21 38.03 -3.04 -51.25
N GLY D 22 38.04 -1.97 -50.46
CA GLY D 22 37.74 -0.63 -50.96
C GLY D 22 38.30 0.41 -50.03
N PHE D 23 38.58 1.59 -50.56
CA PHE D 23 39.13 2.67 -49.75
C PHE D 23 37.98 3.45 -49.12
N ALA D 24 38.16 3.82 -47.85
CA ALA D 24 37.05 4.37 -47.07
C ALA D 24 36.52 5.65 -47.69
N GLY D 25 35.20 5.78 -47.73
CA GLY D 25 34.55 6.90 -48.37
C GLY D 25 34.30 6.74 -49.86
N ASP D 26 34.89 5.72 -50.49
CA ASP D 26 34.52 5.37 -51.85
C ASP D 26 33.12 4.77 -51.92
N ASP D 27 32.47 4.98 -53.06
CA ASP D 27 31.09 4.53 -53.23
C ASP D 27 30.97 3.05 -53.54
N ALA D 28 32.06 2.39 -53.95
CA ALA D 28 31.98 0.98 -54.32
C ALA D 28 33.31 0.33 -53.99
N PRO D 29 33.31 -0.99 -53.76
CA PRO D 29 34.57 -1.73 -53.69
C PRO D 29 35.33 -1.71 -55.01
N ARG D 30 36.65 -1.85 -54.91
CA ARG D 30 37.51 -2.01 -56.08
C ARG D 30 37.84 -3.46 -56.37
N ALA D 31 38.30 -4.20 -55.36
CA ALA D 31 38.40 -5.65 -55.45
C ALA D 31 37.03 -6.26 -55.21
N VAL D 32 36.62 -7.16 -56.11
CA VAL D 32 35.37 -7.91 -55.94
C VAL D 32 35.61 -9.37 -56.29
N PHE D 33 36.88 -9.79 -56.31
CA PHE D 33 37.22 -11.10 -56.86
C PHE D 33 36.69 -12.23 -55.96
N PRO D 34 36.49 -13.42 -56.54
CA PRO D 34 35.96 -14.54 -55.77
C PRO D 34 36.88 -15.01 -54.65
N SER D 35 36.27 -15.43 -53.54
CA SER D 35 36.97 -16.02 -52.41
C SER D 35 37.49 -17.42 -52.73
N ILE D 36 38.39 -17.54 -53.70
CA ILE D 36 38.71 -18.84 -54.30
C ILE D 36 40.23 -18.97 -54.40
N VAL D 37 40.74 -20.13 -54.02
CA VAL D 37 42.09 -20.57 -54.36
C VAL D 37 42.00 -21.89 -55.11
N GLY D 38 42.82 -22.02 -56.15
CA GLY D 38 42.85 -23.24 -56.93
C GLY D 38 44.27 -23.75 -57.09
N ARG D 39 44.40 -25.07 -57.14
CA ARG D 39 45.70 -25.71 -57.33
C ARG D 39 45.57 -26.85 -58.33
N PRO D 40 46.51 -26.95 -59.28
CA PRO D 40 46.31 -27.87 -60.42
C PRO D 40 46.18 -29.32 -59.94
N ARG D 41 45.09 -29.96 -60.32
CA ARG D 41 45.00 -31.42 -60.19
C ARG D 41 45.83 -32.13 -61.25
N HIS D 42 45.89 -31.58 -62.47
CA HIS D 42 46.58 -32.24 -63.56
C HIS D 42 48.08 -32.03 -63.52
N GLN D 43 48.79 -32.94 -64.18
CA GLN D 43 50.24 -32.88 -64.32
C GLN D 43 50.68 -31.76 -65.25
N GLY D 44 51.66 -30.98 -64.81
CA GLY D 44 52.31 -30.02 -65.68
C GLY D 44 53.39 -30.70 -66.51
N VAL D 45 53.49 -30.29 -67.78
CA VAL D 45 54.52 -30.82 -68.66
C VAL D 45 55.28 -29.70 -69.37
N MET D 46 54.57 -28.68 -69.85
CA MET D 46 55.24 -27.54 -70.46
C MET D 46 55.88 -26.71 -69.34
N VAL D 47 57.20 -26.89 -69.17
CA VAL D 47 57.91 -26.27 -68.06
C VAL D 47 57.76 -24.76 -68.06
N GLY D 48 57.60 -24.15 -69.24
CA GLY D 48 57.34 -22.73 -69.32
C GLY D 48 55.94 -22.32 -68.91
N MET D 49 55.04 -23.27 -68.69
CA MET D 49 53.63 -22.96 -68.54
C MET D 49 53.03 -23.34 -67.20
N GLY D 50 53.62 -24.31 -66.48
CA GLY D 50 53.18 -24.58 -65.12
C GLY D 50 53.61 -23.50 -64.14
N GLN D 51 53.16 -22.27 -64.39
CA GLN D 51 53.80 -21.11 -63.80
C GLN D 51 53.59 -21.02 -62.30
N LYS D 52 52.42 -21.43 -61.80
CA LYS D 52 52.09 -21.30 -60.39
C LYS D 52 51.45 -22.57 -59.87
N ASP D 53 51.77 -22.91 -58.62
CA ASP D 53 51.10 -23.98 -57.89
C ASP D 53 49.75 -23.56 -57.33
N SER D 54 49.43 -22.28 -57.34
CA SER D 54 48.19 -21.81 -56.74
C SER D 54 47.75 -20.52 -57.43
N TYR D 55 46.45 -20.27 -57.36
CA TYR D 55 45.83 -19.17 -58.10
C TYR D 55 44.75 -18.51 -57.24
N VAL D 56 44.58 -17.21 -57.44
CA VAL D 56 43.58 -16.41 -56.75
C VAL D 56 42.36 -16.20 -57.63
N GLY D 57 41.22 -15.98 -56.98
CA GLY D 57 39.92 -16.35 -57.52
C GLY D 57 39.61 -15.91 -58.94
N ASP D 58 40.04 -14.70 -59.33
CA ASP D 58 39.77 -14.31 -60.72
C ASP D 58 40.60 -15.10 -61.71
N GLU D 59 41.91 -15.16 -61.51
CA GLU D 59 42.78 -15.98 -62.34
C GLU D 59 42.45 -17.46 -62.21
N ALA D 60 42.21 -17.91 -60.98
CA ALA D 60 41.78 -19.27 -60.69
C ALA D 60 40.47 -19.63 -61.38
N GLN D 61 39.57 -18.69 -61.61
CA GLN D 61 38.34 -19.05 -62.31
C GLN D 61 38.60 -19.41 -63.77
N SER D 62 39.38 -18.61 -64.48
CA SER D 62 39.73 -18.98 -65.85
C SER D 62 40.49 -20.29 -65.91
N LYS D 63 41.55 -20.41 -65.10
CA LYS D 63 42.29 -21.67 -64.92
C LYS D 63 41.46 -22.87 -64.42
N ARG D 64 40.29 -22.66 -63.81
CA ARG D 64 39.56 -23.72 -63.11
C ARG D 64 39.39 -25.00 -63.94
N GLY D 65 39.30 -24.89 -65.26
CA GLY D 65 39.20 -26.09 -66.08
C GLY D 65 40.31 -27.10 -65.85
N ILE D 66 41.56 -26.65 -65.71
CA ILE D 66 42.57 -27.53 -65.13
C ILE D 66 42.45 -27.63 -63.61
N LEU D 67 42.22 -26.53 -62.91
CA LEU D 67 42.39 -26.54 -61.46
C LEU D 67 41.29 -27.28 -60.73
N THR D 68 41.64 -27.79 -59.55
CA THR D 68 40.69 -27.98 -58.47
C THR D 68 40.51 -26.67 -57.71
N LEU D 69 39.27 -26.31 -57.40
CA LEU D 69 38.97 -25.13 -56.61
C LEU D 69 38.52 -25.49 -55.21
N LYS D 70 39.00 -24.73 -54.22
CA LYS D 70 38.57 -24.82 -52.85
C LYS D 70 38.22 -23.44 -52.32
N TYR D 71 37.15 -23.35 -51.55
CA TYR D 71 36.89 -22.12 -50.80
C TYR D 71 37.60 -22.17 -49.45
N PRO D 72 38.28 -21.10 -49.05
CA PRO D 72 38.93 -21.08 -47.73
C PRO D 72 37.98 -20.81 -46.58
N ILE D 73 36.78 -20.29 -46.84
CA ILE D 73 35.79 -20.02 -45.80
C ILE D 73 34.65 -21.01 -45.97
N GLU D 74 34.22 -21.61 -44.86
CA GLU D 74 32.95 -22.32 -44.82
C GLU D 74 32.02 -21.77 -43.74
N GLY D 76 31.08 -18.66 -42.85
CA GLY D 76 31.69 -17.58 -42.08
C GLY D 76 32.81 -17.99 -41.16
N ILE D 77 33.31 -19.22 -41.34
CA ILE D 77 34.42 -19.75 -40.56
C ILE D 77 35.59 -19.94 -41.51
N ILE D 78 36.80 -19.63 -41.05
CA ILE D 78 37.98 -19.73 -41.89
C ILE D 78 38.69 -21.05 -41.58
N THR D 79 38.80 -21.90 -42.59
CA THR D 79 39.25 -23.26 -42.42
C THR D 79 40.60 -23.54 -43.08
N ASN D 80 41.15 -22.58 -43.82
CA ASN D 80 42.49 -22.69 -44.41
C ASN D 80 43.14 -21.31 -44.27
N TRP D 81 43.84 -21.10 -43.15
CA TRP D 81 44.42 -19.80 -42.88
C TRP D 81 45.52 -19.44 -43.87
N ASP D 82 46.26 -20.43 -44.37
CA ASP D 82 47.30 -20.17 -45.37
C ASP D 82 46.72 -19.57 -46.64
N ASP D 83 45.66 -20.20 -47.18
CA ASP D 83 45.02 -19.62 -48.35
C ASP D 83 44.35 -18.29 -48.04
N MET D 84 43.84 -18.11 -46.83
CA MET D 84 43.24 -16.83 -46.48
C MET D 84 44.29 -15.72 -46.43
N GLU D 85 45.49 -16.03 -45.93
CA GLU D 85 46.61 -15.11 -46.02
C GLU D 85 47.00 -14.82 -47.46
N LYS D 86 46.92 -15.85 -48.32
CA LYS D 86 47.13 -15.61 -49.75
C LYS D 86 46.12 -14.62 -50.30
N ILE D 87 44.85 -14.81 -49.94
CA ILE D 87 43.78 -13.94 -50.39
C ILE D 87 44.02 -12.51 -49.96
N TRP D 88 44.32 -12.29 -48.68
CA TRP D 88 44.58 -10.92 -48.22
C TRP D 88 45.83 -10.32 -48.84
N HIS D 89 46.90 -11.11 -48.97
CA HIS D 89 48.12 -10.60 -49.59
C HIS D 89 47.85 -10.12 -51.02
N HIS D 90 47.17 -10.94 -51.81
CA HIS D 90 46.78 -10.51 -53.16
C HIS D 90 45.83 -9.33 -53.15
N THR D 91 44.93 -9.28 -52.17
CA THR D 91 43.99 -8.17 -52.07
C THR D 91 44.71 -6.86 -51.86
N PHE D 92 45.64 -6.81 -50.92
CA PHE D 92 46.31 -5.57 -50.60
C PHE D 92 47.34 -5.19 -51.66
N TYR D 93 48.27 -6.08 -52.01
CA TYR D 93 49.31 -5.70 -52.96
C TYR D 93 48.85 -5.69 -54.42
N ASN D 94 48.25 -6.78 -54.90
CA ASN D 94 47.89 -6.88 -56.32
C ASN D 94 46.68 -6.04 -56.70
N GLU D 95 45.61 -6.06 -55.91
CA GLU D 95 44.42 -5.32 -56.30
C GLU D 95 44.50 -3.84 -55.91
N LEU D 96 44.68 -3.53 -54.64
CA LEU D 96 44.56 -2.14 -54.22
C LEU D 96 45.86 -1.35 -54.33
N ARG D 97 46.98 -2.02 -54.62
CA ARG D 97 48.26 -1.34 -54.79
C ARG D 97 48.59 -0.43 -53.61
N VAL D 98 48.30 -0.91 -52.39
CA VAL D 98 48.34 -0.06 -51.21
C VAL D 98 49.21 -0.73 -50.16
N ALA D 99 49.99 0.08 -49.44
CA ALA D 99 50.90 -0.39 -48.42
C ALA D 99 50.27 -0.37 -47.02
N PRO D 100 49.82 -1.52 -46.52
CA PRO D 100 48.91 -1.51 -45.36
C PRO D 100 49.52 -0.95 -44.08
N GLU D 101 50.85 -0.74 -44.06
CA GLU D 101 51.51 -0.06 -42.94
C GLU D 101 50.89 1.29 -42.61
N GLU D 102 50.27 1.95 -43.58
CA GLU D 102 49.73 3.29 -43.38
C GLU D 102 48.20 3.34 -43.40
N HIS D 103 47.53 2.23 -43.66
CA HIS D 103 46.10 2.24 -43.99
C HIS D 103 45.33 1.38 -43.00
N PRO D 104 44.88 1.96 -41.89
CA PRO D 104 44.10 1.19 -40.90
C PRO D 104 42.84 0.60 -41.52
N THR D 105 42.41 -0.54 -40.97
CA THR D 105 41.56 -1.47 -41.70
C THR D 105 40.35 -1.82 -40.85
N LEU D 106 39.19 -1.92 -41.51
CA LEU D 106 37.96 -2.45 -40.94
C LEU D 106 37.67 -3.81 -41.55
N LEU D 107 37.32 -4.78 -40.71
CA LEU D 107 37.06 -6.13 -41.16
C LEU D 107 35.71 -6.60 -40.65
N THR D 108 35.11 -7.54 -41.39
CA THR D 108 33.73 -7.98 -41.17
C THR D 108 33.69 -9.46 -40.82
N GLU D 109 32.64 -9.83 -40.09
CA GLU D 109 32.40 -11.21 -39.70
C GLU D 109 30.90 -11.41 -39.54
N ALA D 110 30.46 -12.66 -39.74
CA ALA D 110 29.11 -13.03 -39.35
C ALA D 110 28.97 -13.02 -37.83
N PRO D 111 27.76 -12.77 -37.32
CA PRO D 111 27.53 -12.93 -35.88
C PRO D 111 27.50 -14.39 -35.47
N LEU D 112 27.68 -14.60 -34.16
CA LEU D 112 27.76 -15.92 -33.54
C LEU D 112 28.85 -16.78 -34.18
N ASN D 113 29.90 -16.14 -34.67
CA ASN D 113 31.07 -16.87 -35.16
C ASN D 113 31.90 -17.36 -33.98
N PRO D 114 32.74 -18.37 -34.19
CA PRO D 114 33.71 -18.74 -33.16
C PRO D 114 34.65 -17.58 -32.85
N LYS D 115 34.87 -17.35 -31.55
CA LYS D 115 35.72 -16.23 -31.13
C LYS D 115 37.16 -16.44 -31.57
N ALA D 116 37.59 -17.70 -31.66
CA ALA D 116 38.92 -18.01 -32.16
C ALA D 116 39.14 -17.45 -33.56
N ASN D 117 38.09 -17.46 -34.39
CA ASN D 117 38.25 -16.95 -35.76
C ASN D 117 38.62 -15.47 -35.75
N ARG D 118 37.92 -14.68 -34.94
CA ARG D 118 38.22 -13.26 -34.84
C ARG D 118 39.61 -13.03 -34.24
N GLU D 119 39.96 -13.81 -33.21
CA GLU D 119 41.29 -13.68 -32.63
C GLU D 119 42.38 -13.96 -33.66
N LYS D 120 42.26 -15.09 -34.37
CA LYS D 120 43.29 -15.51 -35.31
C LYS D 120 43.41 -14.52 -36.47
N MET D 121 42.27 -14.06 -37.00
CA MET D 121 42.27 -13.01 -38.02
C MET D 121 42.99 -11.76 -37.53
N THR D 122 42.70 -11.32 -36.31
CA THR D 122 43.35 -10.12 -35.79
C THR D 122 44.85 -10.35 -35.63
N GLN D 123 45.23 -11.51 -35.11
CA GLN D 123 46.63 -11.86 -34.91
C GLN D 123 47.40 -11.82 -36.24
N ILE D 124 46.81 -12.40 -37.28
CA ILE D 124 47.38 -12.32 -38.62
C ILE D 124 47.50 -10.88 -39.07
N MET D 125 46.44 -10.09 -38.91
CA MET D 125 46.44 -8.72 -39.40
C MET D 125 47.55 -7.89 -38.79
N PHE D 126 47.70 -7.96 -37.46
CA PHE D 126 48.79 -7.21 -36.83
C PHE D 126 50.17 -7.79 -37.12
N GLU D 127 50.36 -9.09 -36.88
CA GLU D 127 51.72 -9.65 -36.92
C GLU D 127 52.24 -9.80 -38.35
N THR D 128 51.42 -10.33 -39.25
CA THR D 128 51.84 -10.52 -40.64
C THR D 128 51.86 -9.22 -41.44
N PHE D 129 50.79 -8.44 -41.41
CA PHE D 129 50.74 -7.26 -42.25
C PHE D 129 51.23 -5.98 -41.58
N ASN D 130 51.47 -5.97 -40.27
CA ASN D 130 51.96 -4.78 -39.57
C ASN D 130 50.98 -3.62 -39.69
N VAL D 131 49.69 -3.93 -39.76
CA VAL D 131 48.66 -2.88 -39.84
C VAL D 131 48.69 -2.05 -38.57
N PRO D 132 48.62 -0.72 -38.65
CA PRO D 132 48.82 0.10 -37.45
C PRO D 132 47.56 0.27 -36.60
N ALA D 133 46.38 0.14 -37.21
CA ALA D 133 45.14 0.19 -36.43
C ALA D 133 44.09 -0.67 -37.12
N MET D 134 43.19 -1.23 -36.32
CA MET D 134 42.21 -2.16 -36.83
C MET D 134 40.92 -2.03 -36.02
N TYR D 135 39.80 -2.36 -36.66
CA TYR D 135 38.56 -2.66 -35.95
C TYR D 135 37.84 -3.79 -36.66
N VAL D 136 37.03 -4.54 -35.91
CA VAL D 136 36.15 -5.55 -36.47
C VAL D 136 34.71 -5.16 -36.18
N ALA D 137 33.88 -5.22 -37.21
CA ALA D 137 32.51 -4.70 -37.18
C ALA D 137 31.55 -5.78 -37.62
N ILE D 138 30.30 -5.66 -37.16
CA ILE D 138 29.30 -6.70 -37.34
C ILE D 138 28.42 -6.34 -38.52
N GLN D 139 28.28 -7.30 -39.45
CA GLN D 139 27.79 -7.00 -40.80
C GLN D 139 26.40 -6.39 -40.81
N ALA D 140 25.54 -6.76 -39.85
CA ALA D 140 24.22 -6.14 -39.76
C ALA D 140 24.30 -4.65 -39.49
N VAL D 141 25.21 -4.22 -38.61
CA VAL D 141 25.36 -2.79 -38.33
C VAL D 141 25.81 -2.05 -39.58
N LEU D 142 26.77 -2.62 -40.31
CA LEU D 142 27.18 -2.04 -41.58
C LEU D 142 26.01 -1.97 -42.56
N SER D 143 25.17 -3.01 -42.59
CA SER D 143 24.02 -3.00 -43.48
C SER D 143 23.03 -1.89 -43.12
N LEU D 144 22.90 -1.59 -41.84
CA LEU D 144 22.03 -0.48 -41.43
C LEU D 144 22.63 0.88 -41.78
N TYR D 145 23.94 1.05 -41.60
CA TYR D 145 24.58 2.27 -42.08
C TYR D 145 24.39 2.45 -43.59
N ALA D 146 24.58 1.38 -44.35
CA ALA D 146 24.31 1.42 -45.79
C ALA D 146 22.84 1.74 -46.10
N SER D 147 21.93 1.33 -45.24
CA SER D 147 20.50 1.56 -45.48
C SER D 147 19.99 2.82 -44.80
N GLY D 148 20.88 3.68 -44.31
CA GLY D 148 20.49 5.02 -43.91
C GLY D 148 19.53 5.10 -42.75
N ARG D 149 19.51 4.10 -41.88
CA ARG D 149 18.54 4.08 -40.79
C ARG D 149 19.15 3.40 -39.59
N THR D 150 18.62 3.71 -38.41
CA THR D 150 19.16 3.22 -37.16
C THR D 150 18.21 2.35 -36.35
N THR D 151 16.98 2.15 -36.81
CA THR D 151 16.14 1.06 -36.32
C THR D 151 15.86 0.12 -37.49
N GLY D 152 16.36 -1.10 -37.38
CA GLY D 152 16.15 -2.09 -38.41
C GLY D 152 16.31 -3.49 -37.88
N ILE D 153 15.68 -4.44 -38.57
CA ILE D 153 16.07 -5.84 -38.54
C ILE D 153 16.73 -6.16 -39.88
N VAL D 154 17.88 -6.82 -39.82
CA VAL D 154 18.67 -7.12 -41.00
C VAL D 154 18.61 -8.62 -41.29
N LEU D 155 18.28 -8.97 -42.51
CA LEU D 155 18.39 -10.33 -43.00
C LEU D 155 19.59 -10.39 -43.96
N ASP D 156 20.46 -11.36 -43.73
CA ASP D 156 21.67 -11.52 -44.53
C ASP D 156 21.66 -12.92 -45.13
N SER D 157 22.24 -13.05 -46.33
CA SER D 157 22.51 -14.37 -46.89
C SER D 157 23.60 -14.22 -47.95
N GLY D 158 24.84 -14.46 -47.53
CA GLY D 158 25.98 -14.47 -48.43
C GLY D 158 26.07 -15.78 -49.17
N ASP D 159 27.31 -16.20 -49.45
CA ASP D 159 27.50 -17.56 -49.95
C ASP D 159 27.32 -18.58 -48.84
N GLY D 160 27.58 -18.20 -47.59
CA GLY D 160 27.56 -19.16 -46.50
C GLY D 160 26.44 -18.97 -45.49
N VAL D 161 26.67 -18.08 -44.51
CA VAL D 161 25.69 -17.88 -43.45
C VAL D 161 24.44 -17.17 -43.97
N THR D 162 23.31 -17.50 -43.37
CA THR D 162 22.14 -16.62 -43.27
C THR D 162 21.94 -16.25 -41.81
N HIS D 163 21.78 -14.95 -41.53
CA HIS D 163 21.49 -14.56 -40.16
C HIS D 163 20.57 -13.35 -40.11
N ASN D 164 19.82 -13.27 -39.01
CA ASN D 164 18.87 -12.20 -38.72
C ASN D 164 19.32 -11.48 -37.45
N VAL D 165 19.49 -10.15 -37.54
CA VAL D 165 19.87 -9.35 -36.39
C VAL D 165 18.93 -8.16 -36.26
N PRO D 166 18.27 -7.98 -35.11
CA PRO D 166 17.50 -6.76 -34.83
C PRO D 166 18.32 -5.67 -34.15
N ILE D 167 18.14 -4.44 -34.61
CA ILE D 167 18.75 -3.26 -34.03
C ILE D 167 17.67 -2.21 -33.81
N TYR D 168 17.73 -1.52 -32.67
CA TYR D 168 16.75 -0.49 -32.34
C TYR D 168 17.46 0.71 -31.72
N GLU D 169 17.27 1.89 -32.32
CA GLU D 169 17.97 3.12 -31.93
C GLU D 169 19.46 2.91 -31.78
N GLY D 170 20.02 1.99 -32.55
CA GLY D 170 21.43 1.67 -32.43
C GLY D 170 21.80 0.75 -31.30
N TYR D 171 20.81 0.21 -30.58
CA TYR D 171 21.06 -0.81 -29.58
C TYR D 171 20.73 -2.18 -30.17
N ALA D 172 21.63 -3.13 -29.95
CA ALA D 172 21.50 -4.47 -30.53
C ALA D 172 20.97 -5.47 -29.52
N LEU D 173 20.16 -6.42 -30.00
CA LEU D 173 19.46 -7.38 -29.16
C LEU D 173 20.13 -8.75 -29.27
N PRO D 174 21.16 -9.04 -28.48
CA PRO D 174 21.99 -10.23 -28.76
C PRO D 174 21.22 -11.54 -28.70
N HIS D 175 20.19 -11.63 -27.84
CA HIS D 175 19.38 -12.83 -27.74
C HIS D 175 18.47 -13.05 -28.93
N ALA D 176 18.01 -11.96 -29.56
CA ALA D 176 17.16 -12.06 -30.74
C ALA D 176 17.89 -12.50 -32.01
N ILE D 177 19.22 -12.54 -32.01
CA ILE D 177 19.93 -13.03 -33.19
C ILE D 177 19.52 -14.45 -33.51
N MET D 178 19.35 -14.74 -34.80
CA MET D 178 19.14 -16.09 -35.29
C MET D 178 19.93 -16.29 -36.58
N ARG D 179 20.49 -17.48 -36.75
CA ARG D 179 21.44 -17.76 -37.81
C ARG D 179 21.13 -19.10 -38.44
N LEU D 180 21.22 -19.18 -39.77
CA LEU D 180 21.18 -20.44 -40.49
C LEU D 180 22.40 -20.57 -41.38
N ASP D 181 23.09 -21.69 -41.28
CA ASP D 181 24.15 -22.06 -42.23
C ASP D 181 23.53 -22.68 -43.48
N LEU D 182 23.24 -21.85 -44.48
CA LEU D 182 22.47 -22.32 -45.64
C LEU D 182 22.95 -21.59 -46.90
N ALA D 183 22.14 -20.65 -47.37
CA ALA D 183 22.43 -19.75 -48.49
C ALA D 183 23.02 -20.37 -49.76
N GLY D 184 23.93 -19.61 -50.37
CA GLY D 184 24.32 -19.85 -51.75
C GLY D 184 24.86 -21.24 -52.01
N ARG D 185 25.78 -21.70 -51.17
CA ARG D 185 26.51 -22.92 -51.49
C ARG D 185 25.57 -24.12 -51.46
N ASP D 186 24.76 -24.22 -50.40
CA ASP D 186 23.79 -25.30 -50.30
C ASP D 186 22.74 -25.22 -51.40
N LEU D 187 22.30 -24.01 -51.74
CA LEU D 187 21.38 -23.86 -52.86
C LEU D 187 22.01 -24.32 -54.17
N THR D 188 23.30 -24.04 -54.35
CA THR D 188 24.01 -24.50 -55.55
C THR D 188 24.09 -26.02 -55.60
N ASP D 189 24.46 -26.65 -54.49
CA ASP D 189 24.56 -28.11 -54.47
C ASP D 189 23.19 -28.76 -54.73
N TYR D 190 22.14 -28.23 -54.10
CA TYR D 190 20.80 -28.74 -54.38
C TYR D 190 20.41 -28.54 -55.83
N LEU D 191 20.79 -27.40 -56.42
CA LEU D 191 20.56 -27.21 -57.84
C LEU D 191 21.33 -28.21 -58.69
N MET D 192 22.53 -28.59 -58.25
CA MET D 192 23.25 -29.66 -58.95
C MET D 192 22.47 -30.96 -58.94
N LYS D 193 21.94 -31.34 -57.78
CA LYS D 193 21.14 -32.56 -57.68
C LYS D 193 19.87 -32.49 -58.53
N ILE D 194 19.15 -31.38 -58.45
CA ILE D 194 17.93 -31.26 -59.25
C ILE D 194 18.28 -31.33 -60.74
N LEU D 195 19.32 -30.61 -61.18
CA LEU D 195 19.70 -30.72 -62.59
C LEU D 195 20.14 -32.12 -62.95
N THR D 196 20.68 -32.87 -61.99
CA THR D 196 20.96 -34.29 -62.18
C THR D 196 19.68 -35.07 -62.45
N GLU D 197 18.55 -34.61 -61.88
CA GLU D 197 17.27 -35.25 -62.17
C GLU D 197 16.96 -35.27 -63.67
N ARG D 198 17.41 -34.25 -64.41
CA ARG D 198 17.22 -34.24 -65.86
C ARG D 198 18.35 -34.95 -66.61
N GLY D 199 19.43 -35.30 -65.92
CA GLY D 199 20.53 -36.03 -66.50
C GLY D 199 21.73 -35.21 -66.91
N TYR D 200 21.77 -33.92 -66.55
CA TYR D 200 22.95 -33.09 -66.78
C TYR D 200 23.89 -33.39 -65.62
N SER D 201 24.82 -34.31 -65.83
CA SER D 201 25.76 -34.69 -64.77
C SER D 201 26.84 -33.62 -64.62
N PHE D 202 26.71 -32.82 -63.57
CA PHE D 202 27.72 -31.85 -63.16
C PHE D 202 28.36 -32.35 -61.87
N VAL D 203 29.69 -32.34 -61.80
CA VAL D 203 30.40 -33.04 -60.74
C VAL D 203 31.57 -32.20 -60.23
N THR D 204 32.39 -31.69 -61.14
CA THR D 204 33.59 -30.97 -60.74
C THR D 204 33.23 -29.64 -60.08
N THR D 205 34.18 -29.13 -59.30
CA THR D 205 34.08 -27.78 -58.75
C THR D 205 33.98 -26.73 -59.84
N ALA D 206 34.64 -26.93 -60.98
CA ALA D 206 34.41 -26.07 -62.13
C ALA D 206 32.96 -26.13 -62.57
N GLU D 207 32.41 -27.34 -62.66
CA GLU D 207 31.00 -27.45 -63.00
C GLU D 207 30.12 -26.88 -61.88
N ARG D 208 30.57 -26.97 -60.62
CA ARG D 208 29.89 -26.25 -59.55
C ARG D 208 29.83 -24.75 -59.81
N GLU D 209 30.93 -24.15 -60.28
CA GLU D 209 30.93 -22.74 -60.64
C GLU D 209 30.02 -22.43 -61.83
N ILE D 210 29.97 -23.36 -62.79
CA ILE D 210 29.03 -23.22 -63.91
C ILE D 210 27.59 -23.24 -63.41
N VAL D 211 27.28 -24.19 -62.52
CA VAL D 211 25.94 -24.26 -61.94
C VAL D 211 25.64 -23.03 -61.08
N ARG D 212 26.65 -22.45 -60.44
CA ARG D 212 26.46 -21.19 -59.75
C ARG D 212 26.05 -20.07 -60.70
N ASP D 213 26.71 -19.98 -61.86
CA ASP D 213 26.31 -18.98 -62.85
C ASP D 213 24.91 -19.25 -63.39
N ILE D 214 24.59 -20.52 -63.64
CA ILE D 214 23.25 -20.90 -64.06
C ILE D 214 22.22 -20.44 -63.03
N LYS D 215 22.49 -20.73 -61.76
CA LYS D 215 21.62 -20.29 -60.67
C LYS D 215 21.43 -18.77 -60.70
N GLU D 216 22.54 -18.04 -60.78
CA GLU D 216 22.49 -16.59 -60.67
C GLU D 216 21.70 -15.96 -61.82
N LYS D 217 21.79 -16.52 -63.02
CA LYS D 217 20.97 -16.00 -64.11
C LYS D 217 19.53 -16.53 -64.08
N LEU D 218 19.37 -17.84 -64.19
CA LEU D 218 18.06 -18.44 -64.48
C LEU D 218 17.09 -18.45 -63.29
N CYS D 219 17.59 -18.61 -62.06
CA CYS D 219 16.68 -18.86 -60.94
C CYS D 219 15.84 -17.64 -60.59
N TYR D 220 14.57 -17.91 -60.27
CA TYR D 220 13.62 -16.92 -59.78
C TYR D 220 12.79 -17.57 -58.68
N VAL D 221 12.26 -16.74 -57.78
CA VAL D 221 11.59 -17.22 -56.58
C VAL D 221 10.08 -17.21 -56.79
N ALA D 222 9.44 -18.34 -56.53
CA ALA D 222 8.00 -18.45 -56.66
C ALA D 222 7.27 -17.62 -55.61
N LEU D 223 6.16 -17.01 -56.03
CA LEU D 223 5.19 -16.47 -55.08
C LEU D 223 4.22 -17.51 -54.56
N ASP D 224 3.94 -18.56 -55.34
CA ASP D 224 3.10 -19.67 -54.90
C ASP D 224 3.69 -20.95 -55.48
N PHE D 225 4.52 -21.63 -54.67
CA PHE D 225 5.34 -22.73 -55.16
C PHE D 225 4.48 -23.82 -55.81
N GLU D 226 3.34 -24.15 -55.22
CA GLU D 226 2.48 -25.19 -55.77
C GLU D 226 1.87 -24.78 -57.11
N ASN D 227 1.49 -23.50 -57.24
CA ASN D 227 1.00 -23.01 -58.53
C ASN D 227 2.09 -23.07 -59.59
N GLU D 228 3.32 -22.75 -59.21
CA GLU D 228 4.41 -22.80 -60.18
C GLU D 228 4.70 -24.24 -60.59
N MET D 229 4.70 -25.17 -59.64
CA MET D 229 4.85 -26.58 -59.96
C MET D 229 3.77 -27.07 -60.92
N ALA D 230 2.51 -26.68 -60.67
CA ALA D 230 1.44 -27.03 -61.61
C ALA D 230 1.64 -26.37 -62.97
N THR D 231 2.15 -25.14 -63.01
CA THR D 231 2.39 -24.47 -64.28
C THR D 231 3.47 -25.18 -65.08
N ALA D 232 4.59 -25.50 -64.45
CA ALA D 232 5.68 -26.20 -65.11
C ALA D 232 5.28 -27.61 -65.53
N ALA D 233 4.41 -28.26 -64.75
CA ALA D 233 3.90 -29.57 -65.17
C ALA D 233 2.98 -29.44 -66.37
N SER D 234 2.10 -28.44 -66.38
CA SER D 234 1.11 -28.29 -67.44
C SER D 234 1.65 -27.58 -68.67
N SER D 235 2.73 -26.81 -68.56
CA SER D 235 3.18 -26.00 -69.67
C SER D 235 4.69 -25.86 -69.66
N SER D 236 5.27 -25.70 -70.86
CA SER D 236 6.69 -25.44 -71.05
C SER D 236 7.06 -23.97 -70.92
N SER D 237 6.09 -23.08 -70.69
CA SER D 237 6.34 -21.64 -70.78
C SER D 237 7.37 -21.17 -69.76
N LEU D 238 7.57 -21.90 -68.67
CA LEU D 238 8.61 -21.58 -67.70
C LEU D 238 10.00 -22.05 -68.12
N GLU D 239 10.10 -22.86 -69.16
CA GLU D 239 11.39 -23.44 -69.53
C GLU D 239 12.30 -22.40 -70.17
N LYS D 240 13.60 -22.53 -69.88
CA LYS D 240 14.64 -21.67 -70.43
C LYS D 240 15.76 -22.55 -70.94
N SER D 241 16.50 -22.04 -71.93
CA SER D 241 17.73 -22.68 -72.39
C SER D 241 18.94 -21.82 -72.05
N TYR D 242 20.06 -22.50 -71.81
CA TYR D 242 21.33 -21.85 -71.51
C TYR D 242 22.43 -22.64 -72.20
N GLU D 243 23.54 -21.95 -72.51
CA GLU D 243 24.62 -22.53 -73.29
C GLU D 243 25.88 -22.61 -72.41
N LEU D 244 26.35 -23.83 -72.18
CA LEU D 244 27.52 -24.06 -71.35
C LEU D 244 28.78 -23.55 -72.07
N PRO D 245 29.89 -23.40 -71.34
CA PRO D 245 31.11 -22.86 -71.98
C PRO D 245 31.57 -23.62 -73.21
N ASP D 246 31.35 -24.93 -73.27
CA ASP D 246 31.67 -25.71 -74.45
C ASP D 246 30.61 -25.65 -75.55
N GLY D 247 29.63 -24.75 -75.43
CA GLY D 247 28.57 -24.63 -76.41
C GLY D 247 27.45 -25.64 -76.32
N GLN D 248 27.53 -26.61 -75.41
CA GLN D 248 26.41 -27.52 -75.20
C GLN D 248 25.22 -26.75 -74.64
N VAL D 249 24.02 -27.14 -75.03
CA VAL D 249 22.80 -26.47 -74.60
C VAL D 249 22.14 -27.28 -73.49
N ILE D 250 21.73 -26.59 -72.43
CA ILE D 250 21.02 -27.17 -71.31
C ILE D 250 19.64 -26.52 -71.24
N THR D 251 18.62 -27.33 -70.97
CA THR D 251 17.25 -26.84 -70.87
C THR D 251 16.68 -27.14 -69.49
N ILE D 252 16.01 -26.16 -68.90
CA ILE D 252 15.65 -26.17 -67.49
C ILE D 252 14.23 -25.64 -67.35
N GLY D 253 13.45 -26.25 -66.47
CA GLY D 253 12.06 -25.89 -66.27
C GLY D 253 11.76 -25.55 -64.83
N ASN D 254 10.97 -26.40 -64.17
CA ASN D 254 10.57 -26.18 -62.78
C ASN D 254 11.79 -25.98 -61.88
N GLU D 255 12.91 -26.59 -62.25
CA GLU D 255 14.13 -26.56 -61.46
C GLU D 255 14.52 -25.13 -61.10
N ARG D 256 14.21 -24.17 -61.98
CA ARG D 256 14.60 -22.79 -61.76
C ARG D 256 14.03 -22.26 -60.46
N PHE D 257 12.71 -22.29 -60.30
CA PHE D 257 12.13 -21.82 -59.05
C PHE D 257 12.31 -22.81 -57.90
N ARG D 258 12.33 -24.11 -58.21
CA ARG D 258 12.58 -25.11 -57.16
C ARG D 258 13.90 -24.91 -56.42
N CYS D 259 14.93 -24.37 -57.06
CA CYS D 259 16.18 -24.11 -56.32
C CYS D 259 16.07 -23.03 -55.24
N PRO D 260 15.72 -21.78 -55.54
CA PRO D 260 15.60 -20.78 -54.46
C PRO D 260 14.46 -21.02 -53.48
N GLU D 261 13.41 -21.74 -53.88
CA GLU D 261 12.36 -22.17 -52.95
C GLU D 261 12.91 -22.91 -51.75
N THR D 262 14.06 -23.57 -51.89
CA THR D 262 14.73 -24.27 -50.80
C THR D 262 15.45 -23.34 -49.83
N LEU D 263 15.41 -22.02 -50.03
CA LEU D 263 15.58 -21.13 -48.89
C LEU D 263 14.40 -21.20 -47.93
N PHE D 264 13.18 -21.15 -48.46
CA PHE D 264 12.00 -21.18 -47.61
C PHE D 264 11.73 -22.57 -47.04
N GLN D 265 12.11 -23.63 -47.75
CA GLN D 265 11.82 -25.00 -47.34
C GLN D 265 13.11 -25.81 -47.23
N PRO D 266 13.92 -25.58 -46.19
CA PRO D 266 15.17 -26.33 -46.03
C PRO D 266 14.97 -27.83 -45.86
N SER D 267 13.72 -28.28 -45.67
CA SER D 267 13.39 -29.70 -45.77
C SER D 267 13.91 -30.35 -47.04
N PHE D 268 13.96 -29.61 -48.15
CA PHE D 268 14.57 -30.13 -49.37
C PHE D 268 16.06 -30.38 -49.21
N ILE D 269 16.73 -29.67 -48.30
CA ILE D 269 18.08 -30.08 -47.91
C ILE D 269 18.07 -31.14 -46.82
N GLY D 270 16.91 -31.38 -46.21
CA GLY D 270 16.83 -32.25 -45.05
C GLY D 270 17.01 -31.55 -43.73
N MET D 271 17.20 -30.23 -43.73
CA MET D 271 17.21 -29.46 -42.49
C MET D 271 15.78 -29.31 -41.96
N GLU D 272 15.67 -29.26 -40.64
CA GLU D 272 14.38 -29.03 -39.99
C GLU D 272 14.15 -27.58 -39.61
N SER D 273 15.20 -26.77 -39.59
CA SER D 273 15.06 -25.35 -39.23
C SER D 273 14.10 -24.66 -40.18
N ALA D 274 13.22 -23.84 -39.62
CA ALA D 274 12.21 -23.16 -40.42
C ALA D 274 12.86 -22.17 -41.38
N GLY D 275 12.13 -21.84 -42.45
CA GLY D 275 12.67 -20.98 -43.49
C GLY D 275 13.04 -19.60 -43.00
N ILE D 276 13.66 -18.85 -43.91
CA ILE D 276 14.11 -17.49 -43.61
C ILE D 276 12.95 -16.60 -43.16
N HIS D 277 11.74 -16.83 -43.71
CA HIS D 277 10.58 -16.07 -43.27
C HIS D 277 10.22 -16.37 -41.82
N GLU D 278 10.12 -17.65 -41.46
CA GLU D 278 9.80 -18.01 -40.09
C GLU D 278 10.94 -17.68 -39.14
N THR D 279 12.19 -17.78 -39.60
CA THR D 279 13.31 -17.38 -38.77
C THR D 279 13.29 -15.87 -38.50
N THR D 280 12.92 -15.08 -39.50
CA THR D 280 12.73 -13.65 -39.29
C THR D 280 11.60 -13.38 -38.30
N TYR D 281 10.45 -14.02 -38.49
CA TYR D 281 9.32 -13.82 -37.59
C TYR D 281 9.69 -14.19 -36.16
N ASN D 282 10.32 -15.34 -35.96
CA ASN D 282 10.72 -15.76 -34.62
C ASN D 282 11.74 -14.79 -34.01
N SER D 283 12.69 -14.29 -34.80
CA SER D 283 13.62 -13.29 -34.31
C SER D 283 12.89 -12.02 -33.88
N ILE D 284 11.87 -11.61 -34.63
CA ILE D 284 11.03 -10.48 -34.23
C ILE D 284 10.29 -10.78 -32.92
N MET D 285 9.78 -12.00 -32.79
CA MET D 285 9.11 -12.40 -31.55
C MET D 285 10.05 -12.38 -30.35
N LYS D 286 11.33 -12.71 -30.56
CA LYS D 286 12.29 -12.60 -29.46
C LYS D 286 12.40 -11.18 -28.94
N CYS D 287 12.22 -10.19 -29.82
CA CYS D 287 12.33 -8.79 -29.44
C CYS D 287 11.19 -8.37 -28.52
N ASP D 288 11.49 -7.43 -27.63
CA ASP D 288 10.48 -6.90 -26.73
C ASP D 288 9.35 -6.20 -27.50
N ILE D 289 8.15 -6.27 -26.93
CA ILE D 289 6.92 -6.15 -27.71
C ILE D 289 6.87 -4.83 -28.48
N ASP D 290 7.30 -3.73 -27.87
CA ASP D 290 7.22 -2.42 -28.53
C ASP D 290 8.15 -2.36 -29.74
N ILE D 291 9.31 -2.99 -29.64
CA ILE D 291 10.30 -3.00 -30.73
C ILE D 291 9.69 -3.52 -32.02
N ARG D 292 8.86 -4.55 -31.91
CA ARG D 292 8.33 -5.26 -33.07
C ARG D 292 7.71 -4.35 -34.11
N LYS D 293 6.89 -3.37 -33.69
CA LYS D 293 6.23 -2.51 -34.67
C LYS D 293 7.25 -1.81 -35.56
N ASP D 294 8.29 -1.25 -34.96
CA ASP D 294 9.31 -0.57 -35.76
C ASP D 294 10.16 -1.55 -36.56
N LEU D 295 10.35 -2.76 -36.05
CA LEU D 295 11.05 -3.79 -36.83
C LEU D 295 10.30 -4.16 -38.10
N TYR D 296 8.98 -4.37 -38.01
CA TYR D 296 8.19 -4.65 -39.20
C TYR D 296 8.27 -3.54 -40.24
N ALA D 297 8.41 -2.29 -39.81
CA ALA D 297 8.59 -1.17 -40.73
C ALA D 297 9.96 -1.13 -41.38
N ASN D 298 10.94 -1.88 -40.89
CA ASN D 298 12.33 -1.69 -41.29
C ASN D 298 13.06 -3.03 -41.45
N ASN D 299 12.59 -3.85 -42.38
CA ASN D 299 13.16 -5.17 -42.61
C ASN D 299 14.10 -5.07 -43.82
N VAL D 300 15.39 -5.17 -43.56
CA VAL D 300 16.44 -4.81 -44.51
C VAL D 300 17.15 -6.08 -44.97
N MET D 301 17.41 -6.17 -46.27
CA MET D 301 18.04 -7.34 -46.87
C MET D 301 19.49 -7.02 -47.23
N SER D 302 20.40 -7.92 -46.86
CA SER D 302 21.84 -7.70 -46.92
C SER D 302 22.46 -8.26 -48.20
N GLY D 303 21.67 -8.42 -49.25
CA GLY D 303 22.22 -8.83 -50.53
C GLY D 303 22.58 -10.30 -50.63
N GLY D 304 23.66 -10.60 -51.34
CA GLY D 304 23.97 -11.95 -51.76
C GLY D 304 22.81 -12.69 -52.42
N THR D 305 22.39 -13.81 -51.82
CA THR D 305 21.29 -14.57 -52.40
C THR D 305 19.99 -13.78 -52.51
N THR D 306 19.80 -12.78 -51.66
CA THR D 306 18.58 -11.96 -51.77
C THR D 306 18.53 -11.12 -53.04
N MET D 307 19.48 -11.30 -53.96
CA MET D 307 19.36 -10.76 -55.30
C MET D 307 18.27 -11.44 -56.14
N TYR D 308 17.77 -12.61 -55.73
CA TYR D 308 16.89 -13.37 -56.63
C TYR D 308 15.68 -12.54 -57.02
N PRO D 309 15.17 -12.72 -58.24
CA PRO D 309 13.84 -12.19 -58.57
C PRO D 309 12.76 -12.73 -57.64
N GLY D 310 11.81 -11.88 -57.28
CA GLY D 310 10.67 -12.28 -56.50
C GLY D 310 10.90 -12.46 -55.02
N ILE D 311 12.15 -12.50 -54.56
CA ILE D 311 12.42 -12.87 -53.17
C ILE D 311 11.73 -11.91 -52.20
N ALA D 312 11.79 -10.61 -52.46
CA ALA D 312 11.18 -9.64 -51.54
C ALA D 312 9.66 -9.77 -51.51
N ASP D 313 9.02 -9.99 -52.66
CA ASP D 313 7.58 -10.19 -52.67
C ASP D 313 7.16 -11.46 -51.92
N ARG D 314 7.89 -12.55 -52.16
CA ARG D 314 7.61 -13.78 -51.43
C ARG D 314 7.78 -13.61 -49.94
N MET D 315 8.88 -12.96 -49.53
CA MET D 315 9.11 -12.69 -48.11
C MET D 315 7.98 -11.84 -47.51
N GLN D 316 7.58 -10.78 -48.20
CA GLN D 316 6.47 -9.95 -47.71
C GLN D 316 5.17 -10.75 -47.58
N LYS D 317 4.87 -11.60 -48.56
CA LYS D 317 3.70 -12.46 -48.47
C LYS D 317 3.77 -13.40 -47.27
N GLU D 318 4.93 -14.00 -47.05
CA GLU D 318 5.09 -14.94 -45.93
C GLU D 318 4.98 -14.22 -44.60
N ILE D 319 5.70 -13.11 -44.43
CA ILE D 319 5.68 -12.40 -43.15
C ILE D 319 4.28 -11.87 -42.85
N THR D 320 3.60 -11.30 -43.86
CA THR D 320 2.21 -10.88 -43.66
C THR D 320 1.30 -12.05 -43.30
N ALA D 321 1.59 -13.25 -43.80
CA ALA D 321 0.82 -14.42 -43.36
C ALA D 321 1.14 -14.78 -41.91
N LEU D 322 2.43 -14.72 -41.53
CA LEU D 322 2.85 -15.10 -40.19
C LEU D 322 2.44 -14.05 -39.16
N ALA D 323 2.77 -12.78 -39.41
CA ALA D 323 2.52 -11.74 -38.43
C ALA D 323 1.03 -11.39 -38.36
N PRO D 324 0.60 -10.79 -37.24
CA PRO D 324 -0.77 -10.29 -37.15
C PRO D 324 -1.12 -9.34 -38.29
N SER D 325 -2.39 -9.34 -38.67
CA SER D 325 -2.92 -8.39 -39.62
C SER D 325 -2.90 -6.97 -39.04
N THR D 326 -3.31 -6.01 -39.86
CA THR D 326 -3.46 -4.60 -39.45
C THR D 326 -2.15 -4.04 -38.92
N MET D 327 -1.05 -4.38 -39.60
CA MET D 327 0.28 -3.98 -39.16
C MET D 327 1.18 -3.88 -40.38
N LYS D 328 1.76 -2.69 -40.58
CA LYS D 328 2.56 -2.43 -41.77
C LYS D 328 3.82 -3.29 -41.75
N ILE D 329 3.97 -4.14 -42.77
CA ILE D 329 5.17 -4.95 -42.95
C ILE D 329 5.84 -4.50 -44.24
N LYS D 330 7.09 -4.04 -44.14
CA LYS D 330 7.76 -3.34 -45.22
C LYS D 330 9.19 -3.82 -45.33
N ILE D 331 9.64 -4.10 -46.55
CA ILE D 331 10.91 -4.78 -46.80
C ILE D 331 11.76 -3.87 -47.68
N ILE D 332 12.95 -3.54 -47.20
CA ILE D 332 13.86 -2.59 -47.85
C ILE D 332 15.03 -3.38 -48.44
N ALA D 333 15.17 -3.34 -49.76
CA ALA D 333 16.21 -4.11 -50.45
C ALA D 333 16.68 -3.34 -51.67
N PRO D 334 17.60 -2.38 -51.48
CA PRO D 334 18.14 -1.62 -52.61
C PRO D 334 18.84 -2.53 -53.59
N PRO D 335 19.01 -2.09 -54.85
CA PRO D 335 19.83 -2.86 -55.80
C PRO D 335 21.28 -3.02 -55.37
N GLU D 336 21.82 -2.12 -54.55
CA GLU D 336 23.17 -2.25 -54.02
C GLU D 336 23.28 -3.23 -52.85
N ARG D 337 22.20 -3.93 -52.52
CA ARG D 337 22.13 -4.71 -51.29
C ARG D 337 23.32 -5.66 -51.11
N LYS D 338 23.86 -6.18 -52.21
CA LYS D 338 25.05 -7.03 -52.16
C LYS D 338 26.29 -6.26 -51.70
N TYR D 339 26.57 -5.14 -52.36
CA TYR D 339 27.62 -4.21 -51.95
C TYR D 339 27.35 -3.56 -50.59
N SER D 340 26.08 -3.49 -50.19
CA SER D 340 25.67 -2.70 -49.02
C SER D 340 26.46 -3.01 -47.74
N VAL D 341 26.87 -4.26 -47.52
CA VAL D 341 27.78 -4.52 -46.39
C VAL D 341 29.09 -3.74 -46.52
N TRP D 342 29.71 -3.78 -47.70
CA TRP D 342 30.93 -2.99 -47.86
C TRP D 342 30.64 -1.50 -47.74
N ILE D 343 29.55 -1.05 -48.36
CA ILE D 343 29.22 0.37 -48.32
C ILE D 343 29.05 0.83 -46.88
N GLY D 344 28.41 0.00 -46.05
CA GLY D 344 28.32 0.29 -44.63
C GLY D 344 29.67 0.42 -43.96
N GLY D 345 30.60 -0.49 -44.29
CA GLY D 345 31.95 -0.35 -43.77
C GLY D 345 32.63 0.93 -44.21
N SER D 346 32.45 1.29 -45.48
CA SER D 346 33.00 2.53 -46.03
C SER D 346 32.46 3.75 -45.32
N ILE D 347 31.18 3.71 -44.93
CA ILE D 347 30.61 4.79 -44.14
C ILE D 347 31.22 4.80 -42.75
N LEU D 348 31.22 3.64 -42.09
CA LEU D 348 31.57 3.57 -40.67
C LEU D 348 33.00 4.04 -40.44
N ALA D 349 33.93 3.53 -41.23
CA ALA D 349 35.33 3.96 -41.14
C ALA D 349 35.51 5.46 -41.32
N SER D 350 34.67 6.11 -42.13
CA SER D 350 34.83 7.53 -42.36
C SER D 350 34.40 8.38 -41.17
N LEU D 351 33.45 7.90 -40.36
CA LEU D 351 32.84 8.73 -39.33
C LEU D 351 33.88 9.25 -38.34
N SER D 352 33.91 10.57 -38.15
CA SER D 352 34.79 11.18 -37.16
C SER D 352 34.54 10.63 -35.76
N THR D 353 33.27 10.37 -35.42
CA THR D 353 32.95 9.77 -34.13
C THR D 353 33.58 8.40 -33.97
N PHE D 354 33.77 7.68 -35.08
CA PHE D 354 34.16 6.29 -35.00
C PHE D 354 35.63 6.13 -34.59
N GLN D 355 36.50 7.05 -34.98
CA GLN D 355 37.93 6.74 -35.04
C GLN D 355 38.47 6.25 -33.69
N GLN D 356 37.93 6.74 -32.58
CA GLN D 356 38.35 6.25 -31.27
C GLN D 356 37.96 4.79 -31.03
N MET D 357 37.05 4.24 -31.83
CA MET D 357 36.76 2.81 -31.81
C MET D 357 37.90 1.95 -32.33
N TRP D 358 38.85 2.52 -33.08
CA TRP D 358 39.98 1.73 -33.56
C TRP D 358 40.66 0.99 -32.43
N ILE D 359 41.15 -0.21 -32.76
CA ILE D 359 42.09 -0.92 -31.92
C ILE D 359 43.47 -0.71 -32.52
N THR D 360 44.41 -0.23 -31.71
CA THR D 360 45.73 0.11 -32.18
C THR D 360 46.70 -1.01 -31.82
N LYS D 361 47.76 -1.14 -32.63
CA LYS D 361 48.72 -2.22 -32.40
C LYS D 361 49.27 -2.15 -30.98
N GLN D 362 49.40 -0.94 -30.43
CA GLN D 362 49.73 -0.76 -29.02
C GLN D 362 48.75 -1.49 -28.11
N GLU D 363 47.45 -1.23 -28.30
CA GLU D 363 46.42 -1.92 -27.52
C GLU D 363 46.46 -3.43 -27.69
N TYR D 364 46.68 -3.91 -28.92
CA TYR D 364 46.83 -5.35 -29.09
C TYR D 364 48.08 -5.87 -28.40
N ASP D 365 49.13 -5.05 -28.34
CA ASP D 365 50.33 -5.40 -27.60
C ASP D 365 50.18 -5.18 -26.10
N GLU D 366 49.01 -4.76 -25.65
CA GLU D 366 48.87 -4.53 -24.21
C GLU D 366 47.65 -5.22 -23.61
N ALA D 367 46.50 -5.19 -24.30
CA ALA D 367 45.30 -5.88 -23.82
C ALA D 367 45.29 -7.37 -24.21
N GLY D 368 46.39 -7.89 -24.73
CA GLY D 368 46.40 -9.14 -25.46
C GLY D 368 45.40 -9.16 -26.60
N PRO D 369 44.86 -10.34 -26.91
CA PRO D 369 43.72 -10.39 -27.85
C PRO D 369 42.46 -9.73 -27.30
N SER D 370 42.19 -9.91 -26.00
CA SER D 370 40.83 -9.90 -25.47
C SER D 370 40.01 -8.69 -25.90
N ILE D 371 40.69 -7.55 -26.13
CA ILE D 371 40.04 -6.33 -26.60
C ILE D 371 39.22 -6.51 -27.87
N VAL D 372 39.61 -7.43 -28.76
CA VAL D 372 38.78 -7.72 -29.93
C VAL D 372 37.40 -8.24 -29.56
N HIS D 373 37.29 -8.95 -28.44
CA HIS D 373 36.00 -9.38 -27.91
C HIS D 373 35.11 -8.25 -27.36
N ARG D 374 35.61 -7.02 -27.20
CA ARG D 374 34.88 -6.03 -26.42
C ARG D 374 33.44 -5.91 -26.91
N LYS D 375 33.27 -5.87 -28.24
CA LYS D 375 31.97 -5.75 -28.89
C LYS D 375 31.63 -7.01 -29.68
N CYS D 376 32.06 -8.18 -29.17
CA CYS D 376 31.95 -9.42 -29.93
C CYS D 376 30.52 -9.67 -30.39
N PHE D 377 29.55 -9.31 -29.57
CA PHE D 377 28.14 -9.46 -29.92
C PHE D 377 27.78 -10.89 -30.31
N MET E 1 -49.69 42.26 31.78
CA MET E 1 -48.42 41.54 31.77
C MET E 1 -47.37 42.30 30.96
N GLY E 2 -47.82 43.00 29.93
CA GLY E 2 -46.90 43.76 29.10
C GLY E 2 -46.09 44.75 29.92
N VAL E 3 -44.85 44.98 29.45
CA VAL E 3 -43.88 45.75 30.22
C VAL E 3 -44.41 47.16 30.52
N ALA E 4 -45.03 47.79 29.53
CA ALA E 4 -45.60 49.13 29.71
C ALA E 4 -46.64 49.17 30.83
N ASP E 5 -47.48 48.14 30.91
CA ASP E 5 -48.49 48.10 31.95
C ASP E 5 -47.87 47.97 33.33
N LEU E 6 -46.86 47.12 33.47
CA LEU E 6 -46.18 46.98 34.76
C LEU E 6 -45.49 48.27 35.15
N ILE E 7 -44.85 48.95 34.18
CA ILE E 7 -44.22 50.24 34.46
C ILE E 7 -45.26 51.22 35.00
N LYS E 8 -46.40 51.34 34.30
CA LYS E 8 -47.44 52.27 34.74
C LYS E 8 -48.01 51.88 36.10
N LYS E 9 -48.08 50.58 36.39
CA LYS E 9 -48.51 50.11 37.70
C LYS E 9 -47.57 50.55 38.81
N PHE E 10 -46.26 50.31 38.64
CA PHE E 10 -45.33 50.66 39.70
C PHE E 10 -45.14 52.17 39.82
N GLU E 11 -45.14 52.89 38.69
CA GLU E 11 -45.11 54.35 38.76
C GLU E 11 -46.37 54.89 39.42
N SER E 12 -47.51 54.21 39.26
CA SER E 12 -48.70 54.58 40.01
C SER E 12 -48.55 54.27 41.49
N ILE E 13 -47.98 53.12 41.82
CA ILE E 13 -47.72 52.76 43.20
C ILE E 13 -46.67 53.70 43.79
N THR F 7 -32.93 59.14 24.45
CA THR F 7 -31.90 58.60 25.31
C THR F 7 -32.33 57.28 25.93
N THR F 8 -32.44 56.25 25.10
CA THR F 8 -32.93 54.96 25.55
C THR F 8 -31.89 54.30 26.43
N ALA F 9 -32.28 53.98 27.67
CA ALA F 9 -31.38 53.27 28.56
C ALA F 9 -31.10 51.87 28.01
N LEU F 10 -29.96 51.33 28.40
CA LEU F 10 -29.66 49.93 28.11
C LEU F 10 -29.93 49.08 29.33
N VAL F 11 -30.36 47.84 29.09
CA VAL F 11 -30.55 46.85 30.14
C VAL F 11 -29.82 45.58 29.71
N CYS F 12 -28.85 45.16 30.51
CA CYS F 12 -28.05 43.98 30.19
C CYS F 12 -28.12 43.02 31.37
N ASP F 13 -28.57 41.79 31.10
CA ASP F 13 -28.55 40.73 32.09
C ASP F 13 -27.43 39.77 31.69
N ASN F 14 -26.43 39.62 32.56
CA ASN F 14 -25.29 38.76 32.26
C ASN F 14 -25.52 37.45 32.99
N GLY F 15 -26.11 36.50 32.27
CA GLY F 15 -26.30 35.18 32.81
C GLY F 15 -25.04 34.34 32.80
N SER F 16 -25.03 33.34 33.68
CA SER F 16 -23.91 32.40 33.71
C SER F 16 -23.81 31.63 32.40
N GLY F 17 -24.93 31.46 31.68
CA GLY F 17 -24.91 30.73 30.44
C GLY F 17 -25.44 31.46 29.23
N LEU F 18 -26.35 32.41 29.42
CA LEU F 18 -26.90 33.21 28.33
C LEU F 18 -26.84 34.69 28.66
N VAL F 19 -26.43 35.49 27.69
CA VAL F 19 -26.38 36.94 27.82
C VAL F 19 -27.61 37.55 27.15
N LYS F 20 -28.29 38.43 27.88
CA LYS F 20 -29.60 38.96 27.49
C LYS F 20 -29.53 40.48 27.59
N ALA F 21 -29.58 41.17 26.45
CA ALA F 21 -29.38 42.61 26.43
C ALA F 21 -30.42 43.24 25.52
N GLY F 22 -31.02 44.33 26.01
CA GLY F 22 -32.26 44.83 25.47
C GLY F 22 -32.45 46.29 25.83
N PHE F 23 -33.23 46.99 25.02
CA PHE F 23 -33.48 48.41 25.25
C PHE F 23 -34.67 48.57 26.19
N ALA F 24 -34.55 49.52 27.12
CA ALA F 24 -35.50 49.63 28.22
C ALA F 24 -36.91 49.91 27.70
N GLY F 25 -37.88 49.22 28.31
CA GLY F 25 -39.26 49.29 27.88
C GLY F 25 -39.65 48.33 26.77
N ASP F 26 -38.69 47.67 26.14
CA ASP F 26 -39.01 46.58 25.23
C ASP F 26 -39.52 45.36 26.00
N ASP F 27 -40.38 44.59 25.33
CA ASP F 27 -41.02 43.43 25.96
C ASP F 27 -40.11 42.21 26.02
N ALA F 28 -39.03 42.17 25.24
CA ALA F 28 -38.17 41.00 25.20
C ALA F 28 -36.75 41.44 24.92
N PRO F 29 -35.76 40.65 25.34
CA PRO F 29 -34.38 40.89 24.88
C PRO F 29 -34.23 40.72 23.38
N ARG F 30 -33.24 41.41 22.83
CA ARG F 30 -32.86 41.27 21.43
C ARG F 30 -31.65 40.34 21.27
N ALA F 31 -30.59 40.57 22.03
CA ALA F 31 -29.51 39.61 22.16
C ALA F 31 -29.90 38.54 23.16
N VAL F 32 -29.73 37.28 22.75
CA VAL F 32 -29.96 36.13 23.64
C VAL F 32 -28.81 35.14 23.49
N PHE F 33 -27.69 35.58 22.94
CA PHE F 33 -26.64 34.66 22.55
C PHE F 33 -25.97 34.03 23.79
N PRO F 34 -25.37 32.86 23.61
CA PRO F 34 -24.73 32.16 24.74
C PRO F 34 -23.56 32.92 25.33
N SER F 35 -23.42 32.82 26.65
CA SER F 35 -22.30 33.37 27.40
C SER F 35 -21.02 32.60 27.12
N ILE F 36 -20.57 32.56 25.87
CA ILE F 36 -19.54 31.61 25.44
C ILE F 36 -18.48 32.35 24.63
N VAL F 37 -17.22 32.05 24.90
CA VAL F 37 -16.11 32.38 24.03
C VAL F 37 -15.39 31.09 23.65
N GLY F 38 -15.01 30.97 22.38
CA GLY F 38 -14.29 29.82 21.90
C GLY F 38 -13.03 30.21 21.15
N ARG F 39 -12.00 29.36 21.28
CA ARG F 39 -10.75 29.59 20.57
C ARG F 39 -10.26 28.27 19.99
N PRO F 40 -9.81 28.27 18.74
CA PRO F 40 -9.55 26.99 18.05
C PRO F 40 -8.50 26.16 18.77
N ARG F 41 -8.87 24.93 19.13
CA ARG F 41 -7.86 23.95 19.54
C ARG F 41 -7.07 23.40 18.36
N HIS F 42 -7.72 23.24 17.20
CA HIS F 42 -7.08 22.64 16.05
C HIS F 42 -6.19 23.62 15.29
N GLN F 43 -5.26 23.04 14.53
CA GLN F 43 -4.35 23.79 13.67
C GLN F 43 -5.05 24.38 12.46
N GLY F 44 -4.80 25.67 12.20
CA GLY F 44 -5.23 26.30 10.96
C GLY F 44 -4.24 26.02 9.84
N VAL F 45 -4.77 25.79 8.64
CA VAL F 45 -3.90 25.59 7.47
C VAL F 45 -4.34 26.46 6.30
N MET F 46 -5.64 26.58 6.05
CA MET F 46 -6.11 27.48 5.01
C MET F 46 -5.98 28.92 5.51
N VAL F 47 -4.92 29.60 5.06
CA VAL F 47 -4.58 30.93 5.55
C VAL F 47 -5.72 31.92 5.36
N GLY F 48 -6.54 31.73 4.33
CA GLY F 48 -7.72 32.57 4.13
C GLY F 48 -8.87 32.28 5.09
N MET F 49 -8.76 31.23 5.90
CA MET F 49 -9.90 30.73 6.66
C MET F 49 -9.73 30.78 8.17
N GLY F 50 -8.51 30.77 8.69
CA GLY F 50 -8.31 30.97 10.11
C GLY F 50 -8.58 32.40 10.53
N GLN F 51 -9.82 32.85 10.30
CA GLN F 51 -10.12 34.27 10.26
C GLN F 51 -10.02 34.93 11.62
N LYS F 52 -10.38 34.23 12.69
CA LYS F 52 -10.39 34.79 14.03
C LYS F 52 -9.77 33.83 15.02
N ASP F 53 -9.05 34.39 16.00
CA ASP F 53 -8.56 33.63 17.13
C ASP F 53 -9.61 33.38 18.20
N SER F 54 -10.77 34.04 18.13
CA SER F 54 -11.78 33.89 19.17
C SER F 54 -13.15 34.16 18.58
N TYR F 55 -14.17 33.59 19.23
CA TYR F 55 -15.53 33.62 18.72
C TYR F 55 -16.51 33.82 19.87
N VAL F 56 -17.62 34.49 19.57
CA VAL F 56 -18.68 34.78 20.51
C VAL F 56 -19.85 33.81 20.30
N GLY F 57 -20.61 33.61 21.38
CA GLY F 57 -21.34 32.36 21.60
C GLY F 57 -22.18 31.85 20.45
N ASP F 58 -22.83 32.73 19.70
CA ASP F 58 -23.62 32.22 18.57
C ASP F 58 -22.71 31.71 17.46
N GLU F 59 -21.74 32.52 17.02
CA GLU F 59 -20.76 32.07 16.03
C GLU F 59 -19.93 30.91 16.57
N ALA F 60 -19.49 31.03 17.82
CA ALA F 60 -18.77 29.98 18.52
C ALA F 60 -19.55 28.67 18.61
N GLN F 61 -20.89 28.70 18.66
CA GLN F 61 -21.62 27.45 18.70
C GLN F 61 -21.51 26.68 17.38
N SER F 62 -21.70 27.35 16.25
CA SER F 62 -21.52 26.66 14.97
C SER F 62 -20.09 26.16 14.81
N LYS F 63 -19.11 27.05 15.02
CA LYS F 63 -17.69 26.68 15.07
C LYS F 63 -17.32 25.63 16.12
N ARG F 64 -18.12 25.40 17.16
CA ARG F 64 -17.70 24.59 18.30
C ARG F 64 -17.09 23.24 17.94
N GLY F 65 -17.51 22.64 16.82
CA GLY F 65 -16.90 21.39 16.41
C GLY F 65 -15.39 21.43 16.28
N ILE F 66 -14.85 22.52 15.70
CA ILE F 66 -13.43 22.77 15.89
C ILE F 66 -13.09 23.37 17.26
N LEU F 67 -13.89 24.32 17.75
CA LEU F 67 -13.44 25.11 18.89
C LEU F 67 -13.49 24.33 20.21
N THR F 68 -12.63 24.75 21.14
CA THR F 68 -12.89 24.61 22.56
C THR F 68 -13.76 25.77 23.04
N LEU F 69 -14.76 25.47 23.85
CA LEU F 69 -15.62 26.49 24.44
C LEU F 69 -15.33 26.67 25.91
N LYS F 70 -15.31 27.92 26.36
CA LYS F 70 -15.20 28.27 27.77
C LYS F 70 -16.29 29.25 28.15
N TYR F 71 -16.88 29.07 29.33
CA TYR F 71 -17.74 30.12 29.89
C TYR F 71 -16.90 31.11 30.69
N PRO F 72 -17.11 32.42 30.51
CA PRO F 72 -16.38 33.40 31.32
C PRO F 72 -16.92 33.57 32.72
N ILE F 73 -18.16 33.14 33.00
CA ILE F 73 -18.75 33.23 34.32
C ILE F 73 -18.86 31.83 34.90
N GLU F 74 -18.47 31.68 36.16
CA GLU F 74 -18.81 30.49 36.93
C GLU F 74 -19.57 30.84 38.21
N GLY F 76 -22.22 32.82 38.86
CA GLY F 76 -22.41 34.25 39.03
C GLY F 76 -21.17 35.04 39.35
N ILE F 77 -20.01 34.41 39.18
CA ILE F 77 -18.72 35.04 39.42
C ILE F 77 -18.01 35.13 38.08
N ILE F 78 -17.32 36.23 37.83
CA ILE F 78 -16.64 36.44 36.56
C ILE F 78 -15.17 36.09 36.73
N THR F 79 -14.72 35.09 35.97
CA THR F 79 -13.40 34.50 36.15
C THR F 79 -12.45 34.75 35.00
N ASN F 80 -12.92 35.37 33.91
CA ASN F 80 -12.06 35.77 32.79
C ASN F 80 -12.56 37.13 32.32
N TRP F 81 -12.00 38.19 32.90
CA TRP F 81 -12.46 39.54 32.59
C TRP F 81 -12.18 39.91 31.14
N ASP F 82 -11.10 39.42 30.57
CA ASP F 82 -10.79 39.69 29.16
C ASP F 82 -11.89 39.17 28.23
N ASP F 83 -12.27 37.91 28.42
CA ASP F 83 -13.37 37.36 27.62
C ASP F 83 -14.69 38.04 27.95
N MET F 84 -14.88 38.46 29.19
CA MET F 84 -16.12 39.16 29.53
C MET F 84 -16.19 40.51 28.83
N GLU F 85 -15.06 41.21 28.72
CA GLU F 85 -15.00 42.42 27.90
C GLU F 85 -15.26 42.12 26.44
N LYS F 86 -14.78 40.97 25.95
CA LYS F 86 -15.12 40.55 24.59
C LYS F 86 -16.63 40.39 24.44
N ILE F 87 -17.26 39.73 25.41
CA ILE F 87 -18.70 39.50 25.40
C ILE F 87 -19.46 40.81 25.35
N TRP F 88 -19.12 41.75 26.24
CA TRP F 88 -19.81 43.04 26.22
C TRP F 88 -19.54 43.83 24.95
N HIS F 89 -18.30 43.83 24.46
CA HIS F 89 -17.98 44.54 23.23
C HIS F 89 -18.82 44.03 22.06
N HIS F 90 -18.90 42.71 21.90
CA HIS F 90 -19.76 42.14 20.87
C HIS F 90 -21.24 42.42 21.13
N THR F 91 -21.65 42.43 22.39
CA THR F 91 -23.03 42.72 22.73
C THR F 91 -23.44 44.12 22.28
N PHE F 92 -22.62 45.11 22.61
CA PHE F 92 -22.97 46.49 22.30
C PHE F 92 -22.80 46.80 20.81
N TYR F 93 -21.64 46.51 20.23
CA TYR F 93 -21.43 46.88 18.83
C TYR F 93 -22.10 45.94 17.83
N ASN F 94 -21.86 44.62 17.95
CA ASN F 94 -22.37 43.68 16.95
C ASN F 94 -23.86 43.43 17.10
N GLU F 95 -24.34 43.21 18.32
CA GLU F 95 -25.76 42.90 18.49
C GLU F 95 -26.64 44.16 18.50
N LEU F 96 -26.39 45.08 19.42
CA LEU F 96 -27.32 46.19 19.59
C LEU F 96 -27.01 47.38 18.69
N ARG F 97 -25.89 47.37 17.98
CA ARG F 97 -25.51 48.44 17.05
C ARG F 97 -25.61 49.81 17.71
N VAL F 98 -25.17 49.90 18.96
CA VAL F 98 -25.40 51.08 19.78
C VAL F 98 -24.08 51.57 20.34
N ALA F 99 -23.92 52.89 20.39
CA ALA F 99 -22.70 53.52 20.89
C ALA F 99 -22.81 53.84 22.37
N PRO F 100 -22.22 53.03 23.25
CA PRO F 100 -22.57 53.07 24.68
C PRO F 100 -22.23 54.39 25.37
N GLU F 101 -21.46 55.26 24.72
CA GLU F 101 -21.21 56.62 25.23
C GLU F 101 -22.48 57.38 25.56
N GLU F 102 -23.59 57.06 24.91
CA GLU F 102 -24.83 57.79 25.11
C GLU F 102 -25.93 57.01 25.81
N HIS F 103 -25.70 55.73 26.14
CA HIS F 103 -26.77 54.83 26.54
C HIS F 103 -26.49 54.26 27.93
N PRO F 104 -26.93 54.95 28.99
CA PRO F 104 -26.71 54.44 30.35
C PRO F 104 -27.33 53.06 30.54
N THR F 105 -26.72 52.29 31.44
CA THR F 105 -26.85 50.83 31.43
C THR F 105 -27.24 50.33 32.81
N LEU F 106 -28.14 49.34 32.84
CA LEU F 106 -28.47 48.58 34.04
C LEU F 106 -27.87 47.19 33.93
N LEU F 107 -27.24 46.72 35.01
CA LEU F 107 -26.59 45.41 35.02
C LEU F 107 -27.06 44.61 36.23
N THR F 108 -26.99 43.29 36.09
CA THR F 108 -27.56 42.36 37.05
C THR F 108 -26.47 41.48 37.66
N GLU F 109 -26.72 41.01 38.88
CA GLU F 109 -25.82 40.12 39.58
C GLU F 109 -26.63 39.24 40.53
N ALA F 110 -26.09 38.05 40.82
CA ALA F 110 -26.62 37.24 41.90
C ALA F 110 -26.34 37.89 43.26
N PRO F 111 -27.20 37.63 44.25
CA PRO F 111 -26.90 38.08 45.62
C PRO F 111 -25.76 37.29 46.25
N LEU F 112 -25.20 37.87 47.31
CA LEU F 112 -24.05 37.32 48.03
C LEU F 112 -22.86 37.06 47.11
N ASN F 113 -22.73 37.85 46.06
CA ASN F 113 -21.54 37.78 45.22
C ASN F 113 -20.38 38.48 45.91
N PRO F 114 -19.15 38.17 45.52
CA PRO F 114 -18.01 38.97 45.99
C PRO F 114 -18.13 40.42 45.57
N LYS F 115 -17.86 41.31 46.52
CA LYS F 115 -17.99 42.75 46.25
C LYS F 115 -16.97 43.20 45.21
N ALA F 116 -15.81 42.54 45.18
CA ALA F 116 -14.81 42.85 44.15
C ALA F 116 -15.38 42.67 42.76
N ASN F 117 -16.26 41.67 42.56
CA ASN F 117 -16.82 41.44 41.23
C ASN F 117 -17.62 42.65 40.77
N ARG F 118 -18.47 43.19 41.64
CA ARG F 118 -19.26 44.37 41.29
C ARG F 118 -18.36 45.58 41.07
N GLU F 119 -17.34 45.75 41.91
CA GLU F 119 -16.41 46.86 41.72
C GLU F 119 -15.72 46.76 40.35
N LYS F 120 -15.17 45.59 40.04
CA LYS F 120 -14.41 45.43 38.80
C LYS F 120 -15.30 45.60 37.57
N MET F 121 -16.50 45.01 37.61
CA MET F 121 -17.48 45.23 36.55
C MET F 121 -17.78 46.71 36.35
N THR F 122 -18.02 47.45 37.44
CA THR F 122 -18.31 48.88 37.31
C THR F 122 -17.11 49.63 36.74
N GLN F 123 -15.91 49.31 37.24
CA GLN F 123 -14.68 49.95 36.77
C GLN F 123 -14.50 49.74 35.26
N ILE F 124 -14.71 48.52 34.79
CA ILE F 124 -14.68 48.25 33.36
C ILE F 124 -15.73 49.06 32.63
N MET F 125 -16.95 49.08 33.14
CA MET F 125 -18.04 49.77 32.44
C MET F 125 -17.74 51.25 32.24
N PHE F 126 -17.29 51.93 33.29
CA PHE F 126 -16.96 53.35 33.13
C PHE F 126 -15.68 53.56 32.33
N GLU F 127 -14.58 52.92 32.71
CA GLU F 127 -13.29 53.26 32.13
C GLU F 127 -13.12 52.76 30.70
N THR F 128 -13.50 51.50 30.44
CA THR F 128 -13.35 50.94 29.11
C THR F 128 -14.42 51.43 28.14
N PHE F 129 -15.70 51.36 28.52
CA PHE F 129 -16.76 51.72 27.59
C PHE F 129 -17.19 53.17 27.67
N ASN F 130 -16.74 53.93 28.67
CA ASN F 130 -17.11 55.34 28.83
C ASN F 130 -18.62 55.51 29.00
N VAL F 131 -19.27 54.54 29.61
CA VAL F 131 -20.71 54.63 29.85
C VAL F 131 -20.98 55.80 30.80
N PRO F 132 -21.98 56.63 30.53
CA PRO F 132 -22.14 57.85 31.35
C PRO F 132 -22.90 57.64 32.65
N ALA F 133 -23.74 56.61 32.73
CA ALA F 133 -24.42 56.30 33.98
C ALA F 133 -24.69 54.80 34.06
N MET F 134 -24.72 54.29 35.28
CA MET F 134 -24.86 52.86 35.52
C MET F 134 -25.63 52.64 36.82
N TYR F 135 -26.31 51.50 36.90
CA TYR F 135 -26.77 50.95 38.17
C TYR F 135 -26.63 49.43 38.13
N VAL F 136 -26.48 48.83 39.31
CA VAL F 136 -26.50 47.37 39.46
C VAL F 136 -27.68 46.99 40.34
N ALA F 137 -28.45 46.00 39.87
CA ALA F 137 -29.73 45.64 40.47
C ALA F 137 -29.74 44.15 40.78
N ILE F 138 -30.56 43.77 41.76
CA ILE F 138 -30.56 42.42 42.31
C ILE F 138 -31.68 41.61 41.68
N GLN F 139 -31.31 40.44 41.15
CA GLN F 139 -32.16 39.72 40.21
C GLN F 139 -33.53 39.35 40.79
N ALA F 140 -33.61 39.08 42.09
CA ALA F 140 -34.90 38.80 42.71
C ALA F 140 -35.86 39.98 42.62
N VAL F 141 -35.35 41.19 42.85
CA VAL F 141 -36.21 42.37 42.75
C VAL F 141 -36.73 42.54 41.32
N LEU F 142 -35.87 42.34 40.33
CA LEU F 142 -36.31 42.34 38.94
C LEU F 142 -37.36 41.27 38.69
N SER F 143 -37.18 40.08 39.27
CA SER F 143 -38.17 39.02 39.10
C SER F 143 -39.52 39.39 39.68
N LEU F 144 -39.53 40.14 40.78
CA LEU F 144 -40.80 40.60 41.34
C LEU F 144 -41.45 41.68 40.50
N TYR F 145 -40.65 42.63 39.97
CA TYR F 145 -41.21 43.59 39.03
C TYR F 145 -41.81 42.89 37.80
N ALA F 146 -41.11 41.90 37.26
CA ALA F 146 -41.66 41.11 36.17
C ALA F 146 -42.93 40.37 36.59
N SER F 147 -43.06 40.00 37.85
CA SER F 147 -44.24 39.28 38.33
C SER F 147 -45.29 40.20 38.94
N GLY F 148 -45.17 41.51 38.75
CA GLY F 148 -46.27 42.41 39.04
C GLY F 148 -46.68 42.50 40.49
N ARG F 149 -45.78 42.20 41.42
CA ARG F 149 -46.15 42.17 42.83
C ARG F 149 -44.96 42.61 43.67
N THR F 150 -45.27 43.08 44.89
CA THR F 150 -44.27 43.62 45.79
C THR F 150 -44.13 42.85 47.10
N THR F 151 -44.91 41.80 47.32
CA THR F 151 -44.62 40.81 48.33
C THR F 151 -44.42 39.47 47.64
N GLY F 152 -43.19 38.95 47.72
CA GLY F 152 -42.86 37.68 47.11
C GLY F 152 -41.64 37.05 47.75
N ILE F 153 -41.57 35.73 47.63
CA ILE F 153 -40.31 35.00 47.73
C ILE F 153 -39.96 34.53 46.33
N VAL F 154 -38.71 34.75 45.94
CA VAL F 154 -38.24 34.42 44.59
C VAL F 154 -37.29 33.24 44.65
N LEU F 155 -37.55 32.24 43.82
CA LEU F 155 -36.63 31.14 43.60
C LEU F 155 -36.02 31.33 42.22
N ASP F 156 -34.69 31.26 42.14
CA ASP F 156 -33.97 31.47 40.91
C ASP F 156 -33.12 30.23 40.62
N SER F 157 -32.93 29.93 39.34
CA SER F 157 -31.94 28.93 38.95
C SER F 157 -31.57 29.18 37.49
N GLY F 158 -30.48 29.92 37.29
CA GLY F 158 -29.94 30.15 35.97
C GLY F 158 -29.10 28.98 35.52
N ASP F 159 -28.06 29.27 34.74
CA ASP F 159 -27.07 28.24 34.47
C ASP F 159 -26.19 27.97 35.68
N GLY F 160 -26.02 28.96 36.55
CA GLY F 160 -25.10 28.82 37.66
C GLY F 160 -25.72 28.79 39.04
N VAL F 161 -25.98 29.98 39.61
CA VAL F 161 -26.52 30.06 40.96
C VAL F 161 -27.98 29.59 41.00
N THR F 162 -28.35 29.00 42.14
CA THR F 162 -29.72 28.97 42.63
C THR F 162 -29.78 29.80 43.92
N HIS F 163 -30.75 30.71 44.00
CA HIS F 163 -30.89 31.45 45.25
C HIS F 163 -32.36 31.76 45.54
N ASN F 164 -32.65 31.90 46.83
CA ASN F 164 -33.98 32.23 47.35
C ASN F 164 -33.91 33.56 48.08
N VAL F 165 -34.76 34.52 47.70
CA VAL F 165 -34.82 35.82 48.35
C VAL F 165 -36.27 36.15 48.71
N PRO F 166 -36.56 36.43 49.97
CA PRO F 166 -37.88 36.95 50.36
C PRO F 166 -37.95 38.47 50.34
N ILE F 167 -39.07 38.98 49.81
CA ILE F 167 -39.36 40.40 49.80
C ILE F 167 -40.77 40.61 50.32
N TYR F 168 -40.96 41.65 51.13
CA TYR F 168 -42.26 41.95 51.72
C TYR F 168 -42.49 43.46 51.68
N GLU F 169 -43.59 43.88 51.04
CA GLU F 169 -43.90 45.29 50.81
C GLU F 169 -42.71 46.06 50.23
N GLY F 170 -41.87 45.37 49.47
CA GLY F 170 -40.68 46.00 48.93
C GLY F 170 -39.52 46.12 49.88
N TYR F 171 -39.61 45.53 51.06
CA TYR F 171 -38.47 45.44 51.98
C TYR F 171 -37.85 44.07 51.88
N ALA F 172 -36.53 44.02 51.79
CA ALA F 172 -35.79 42.79 51.60
C ALA F 172 -35.19 42.29 52.90
N LEU F 173 -35.17 40.96 53.07
CA LEU F 173 -34.75 40.31 54.30
C LEU F 173 -33.36 39.69 54.13
N PRO F 174 -32.29 40.45 54.36
CA PRO F 174 -30.95 39.96 53.95
C PRO F 174 -30.53 38.66 54.61
N HIS F 175 -30.97 38.43 55.85
CA HIS F 175 -30.64 37.20 56.56
C HIS F 175 -31.38 35.99 56.01
N ALA F 176 -32.59 36.19 55.50
CA ALA F 176 -33.37 35.10 54.92
C ALA F 176 -32.87 34.63 53.57
N ILE F 177 -31.93 35.34 52.93
CA ILE F 177 -31.39 34.89 51.66
C ILE F 177 -30.75 33.52 51.84
N MET F 178 -30.95 32.64 50.86
CA MET F 178 -30.26 31.36 50.79
C MET F 178 -29.88 31.08 49.35
N ARG F 179 -28.70 30.48 49.15
CA ARG F 179 -28.10 30.35 47.84
C ARG F 179 -27.50 28.95 47.70
N LEU F 180 -27.70 28.35 46.53
CA LEU F 180 -27.00 27.13 46.15
C LEU F 180 -26.30 27.32 44.81
N ASP F 181 -25.01 26.98 44.77
CA ASP F 181 -24.27 26.89 43.51
C ASP F 181 -24.55 25.54 42.86
N LEU F 182 -25.56 25.49 42.00
CA LEU F 182 -26.04 24.22 41.47
C LEU F 182 -26.54 24.40 40.04
N ALA F 183 -27.86 24.39 39.86
CA ALA F 183 -28.56 24.65 38.61
C ALA F 183 -28.04 23.97 37.35
N GLY F 184 -28.10 24.73 36.24
CA GLY F 184 -28.01 24.13 34.91
C GLY F 184 -26.74 23.34 34.68
N ARG F 185 -25.59 23.92 35.04
CA ARG F 185 -24.32 23.34 34.62
C ARG F 185 -24.10 22.00 35.33
N ASP F 186 -24.32 21.98 36.65
CA ASP F 186 -24.19 20.75 37.42
C ASP F 186 -25.21 19.71 36.99
N LEU F 187 -26.45 20.15 36.69
CA LEU F 187 -27.43 19.21 36.17
C LEU F 187 -27.00 18.63 34.83
N THR F 188 -26.38 19.45 33.98
CA THR F 188 -25.88 18.96 32.69
C THR F 188 -24.76 17.94 32.89
N ASP F 189 -23.80 18.23 33.76
CA ASP F 189 -22.71 17.29 34.01
C ASP F 189 -23.24 15.97 34.57
N TYR F 190 -24.16 16.04 35.53
CA TYR F 190 -24.78 14.84 36.05
C TYR F 190 -25.53 14.08 34.95
N LEU F 191 -26.20 14.80 34.05
CA LEU F 191 -26.82 14.13 32.92
C LEU F 191 -25.79 13.46 32.02
N MET F 192 -24.61 14.05 31.87
CA MET F 192 -23.54 13.39 31.12
C MET F 192 -23.15 12.07 31.76
N LYS F 193 -22.98 12.07 33.09
CA LYS F 193 -22.65 10.83 33.80
C LYS F 193 -23.75 9.78 33.68
N ILE F 194 -25.01 10.18 33.90
CA ILE F 194 -26.10 9.23 33.78
C ILE F 194 -26.17 8.67 32.37
N LEU F 195 -26.06 9.53 31.34
CA LEU F 195 -26.07 9.00 29.98
C LEU F 195 -24.88 8.09 29.72
N THR F 196 -23.76 8.33 30.43
CA THR F 196 -22.64 7.40 30.41
C THR F 196 -23.03 6.04 30.96
N GLU F 197 -23.99 6.02 31.89
CA GLU F 197 -24.48 4.72 32.38
C GLU F 197 -25.01 3.84 31.26
N ARG F 198 -25.58 4.44 30.21
CA ARG F 198 -26.03 3.67 29.05
C ARG F 198 -24.92 3.48 28.02
N GLY F 199 -23.79 4.16 28.16
CA GLY F 199 -22.66 4.02 27.28
C GLY F 199 -22.53 5.06 26.19
N TYR F 200 -23.32 6.13 26.23
CA TYR F 200 -23.16 7.25 25.31
C TYR F 200 -22.07 8.14 25.89
N SER F 201 -20.84 7.93 25.43
CA SER F 201 -19.70 8.70 25.91
C SER F 201 -19.69 10.10 25.30
N PHE F 202 -20.08 11.09 26.11
CA PHE F 202 -19.98 12.50 25.76
C PHE F 202 -18.89 13.13 26.62
N VAL F 203 -18.01 13.90 26.00
CA VAL F 203 -16.78 14.32 26.68
C VAL F 203 -16.45 15.77 26.37
N THR F 204 -16.48 16.14 25.08
CA THR F 204 -16.08 17.49 24.69
C THR F 204 -17.09 18.52 25.18
N THR F 205 -16.62 19.77 25.28
CA THR F 205 -17.52 20.89 25.55
C THR F 205 -18.60 21.03 24.48
N ALA F 206 -18.28 20.71 23.22
CA ALA F 206 -19.33 20.64 22.21
C ALA F 206 -20.35 19.56 22.59
N GLU F 207 -19.87 18.40 23.00
CA GLU F 207 -20.80 17.37 23.45
C GLU F 207 -21.51 17.79 24.73
N ARG F 208 -20.85 18.58 25.59
CA ARG F 208 -21.55 19.21 26.70
C ARG F 208 -22.73 20.05 26.24
N GLU F 209 -22.56 20.85 25.18
CA GLU F 209 -23.66 21.63 24.62
C GLU F 209 -24.75 20.74 24.03
N ILE F 210 -24.35 19.63 23.41
CA ILE F 210 -25.33 18.66 22.92
C ILE F 210 -26.13 18.06 24.07
N VAL F 211 -25.45 17.70 25.15
CA VAL F 211 -26.14 17.17 26.33
C VAL F 211 -27.02 18.24 26.97
N ARG F 212 -26.62 19.50 26.89
CA ARG F 212 -27.50 20.59 27.33
C ARG F 212 -28.80 20.62 26.52
N ASP F 213 -28.69 20.49 25.19
CA ASP F 213 -29.90 20.46 24.37
C ASP F 213 -30.75 19.23 24.67
N ILE F 214 -30.11 18.08 24.88
CA ILE F 214 -30.83 16.87 25.28
C ILE F 214 -31.60 17.13 26.56
N LYS F 215 -30.93 17.71 27.55
CA LYS F 215 -31.58 18.06 28.81
C LYS F 215 -32.78 18.96 28.57
N GLU F 216 -32.59 20.03 27.80
CA GLU F 216 -33.63 21.03 27.63
C GLU F 216 -34.87 20.46 26.94
N LYS F 217 -34.68 19.54 25.98
CA LYS F 217 -35.84 18.91 25.37
C LYS F 217 -36.43 17.76 26.20
N LEU F 218 -35.64 16.72 26.46
CA LEU F 218 -36.17 15.46 26.96
C LEU F 218 -36.55 15.46 28.44
N CYS F 219 -35.84 16.20 29.29
CA CYS F 219 -36.01 16.05 30.72
C CYS F 219 -37.36 16.57 31.20
N TYR F 220 -37.96 15.82 32.14
CA TYR F 220 -39.19 16.18 32.84
C TYR F 220 -39.04 15.78 34.30
N VAL F 221 -39.77 16.44 35.19
CA VAL F 221 -39.61 16.29 36.63
C VAL F 221 -40.67 15.34 37.17
N ALA F 222 -40.23 14.33 37.91
CA ALA F 222 -41.13 13.36 38.52
C ALA F 222 -41.96 14.00 39.62
N LEU F 223 -43.23 13.59 39.70
CA LEU F 223 -44.04 13.86 40.88
C LEU F 223 -43.82 12.85 42.01
N ASP F 224 -43.45 11.61 41.69
CA ASP F 224 -43.12 10.60 42.69
C ASP F 224 -41.94 9.79 42.16
N PHE F 225 -40.73 10.19 42.56
CA PHE F 225 -39.51 9.66 41.97
C PHE F 225 -39.45 8.13 42.05
N GLU F 226 -39.85 7.56 43.18
CA GLU F 226 -39.79 6.10 43.32
C GLU F 226 -40.80 5.40 42.41
N ASN F 227 -41.99 5.99 42.26
CA ASN F 227 -42.97 5.43 41.32
C ASN F 227 -42.46 5.52 39.89
N GLU F 228 -41.78 6.61 39.54
CA GLU F 228 -41.25 6.74 38.19
C GLU F 228 -40.13 5.73 37.95
N MET F 229 -39.24 5.56 38.93
CA MET F 229 -38.20 4.54 38.83
C MET F 229 -38.79 3.14 38.64
N ALA F 230 -39.83 2.81 39.41
CA ALA F 230 -40.52 1.53 39.21
C ALA F 230 -41.17 1.43 37.83
N THR F 231 -41.72 2.54 37.33
CA THR F 231 -42.33 2.53 36.01
C THR F 231 -41.29 2.28 34.91
N ALA F 232 -40.19 3.00 34.97
CA ALA F 232 -39.11 2.82 33.99
C ALA F 232 -38.47 1.44 34.09
N ALA F 233 -38.40 0.87 35.29
CA ALA F 233 -37.90 -0.49 35.43
C ALA F 233 -38.88 -1.50 34.85
N SER F 234 -40.18 -1.32 35.08
CA SER F 234 -41.18 -2.27 34.65
C SER F 234 -41.61 -2.09 33.21
N SER F 235 -41.41 -0.91 32.62
CA SER F 235 -41.95 -0.63 31.29
C SER F 235 -41.03 0.32 30.55
N SER F 236 -41.03 0.17 29.22
CA SER F 236 -40.30 1.06 28.31
C SER F 236 -41.07 2.33 27.96
N SER F 237 -42.30 2.48 28.45
CA SER F 237 -43.19 3.54 27.98
C SER F 237 -42.62 4.94 28.24
N LEU F 238 -41.73 5.07 29.23
CA LEU F 238 -41.05 6.33 29.49
C LEU F 238 -39.90 6.62 28.54
N GLU F 239 -39.47 5.64 27.75
CA GLU F 239 -38.29 5.81 26.92
C GLU F 239 -38.56 6.74 25.74
N LYS F 240 -37.55 7.53 25.39
CA LYS F 240 -37.59 8.45 24.26
C LYS F 240 -36.34 8.26 23.42
N SER F 241 -36.46 8.58 22.14
CA SER F 241 -35.32 8.64 21.24
C SER F 241 -35.05 10.07 20.80
N TYR F 242 -33.76 10.34 20.55
CA TYR F 242 -33.29 11.64 20.09
C TYR F 242 -32.18 11.39 19.07
N GLU F 243 -32.00 12.35 18.16
CA GLU F 243 -31.06 12.21 17.05
C GLU F 243 -29.95 13.23 17.17
N LEU F 244 -28.71 12.74 17.32
CA LEU F 244 -27.55 13.59 17.46
C LEU F 244 -27.26 14.31 16.14
N PRO F 245 -26.42 15.36 16.17
CA PRO F 245 -26.15 16.11 14.93
C PRO F 245 -25.63 15.27 13.78
N ASP F 246 -24.89 14.20 14.05
CA ASP F 246 -24.42 13.28 13.01
C ASP F 246 -25.47 12.24 12.61
N GLY F 247 -26.72 12.39 13.04
CA GLY F 247 -27.75 11.43 12.72
C GLY F 247 -27.76 10.15 13.51
N GLN F 248 -26.80 9.94 14.40
CA GLN F 248 -26.86 8.79 15.29
C GLN F 248 -28.04 8.94 16.24
N VAL F 249 -28.68 7.82 16.57
CA VAL F 249 -29.85 7.82 17.43
C VAL F 249 -29.46 7.42 18.84
N ILE F 250 -29.95 8.18 19.82
CA ILE F 250 -29.74 7.92 21.23
C ILE F 250 -31.09 7.64 21.86
N THR F 251 -31.15 6.64 22.75
CA THR F 251 -32.38 6.28 23.42
C THR F 251 -32.21 6.39 24.93
N ILE F 252 -33.20 6.97 25.59
CA ILE F 252 -33.09 7.43 26.97
C ILE F 252 -34.38 7.07 27.69
N GLY F 253 -34.27 6.60 28.93
CA GLY F 253 -35.40 6.18 29.72
C GLY F 253 -35.51 6.91 31.05
N ASN F 254 -35.28 6.18 32.14
CA ASN F 254 -35.36 6.75 33.48
C ASN F 254 -34.48 7.99 33.63
N GLU F 255 -33.39 8.03 32.86
CA GLU F 255 -32.42 9.11 32.94
C GLU F 255 -33.09 10.47 32.80
N ARG F 256 -34.18 10.54 32.04
CA ARG F 256 -34.87 11.80 31.80
C ARG F 256 -35.32 12.44 33.09
N PHE F 257 -36.14 11.74 33.87
CA PHE F 257 -36.58 12.31 35.14
C PHE F 257 -35.48 12.28 36.21
N ARG F 258 -34.61 11.28 36.18
CA ARG F 258 -33.50 11.22 37.13
C ARG F 258 -32.60 12.45 37.09
N CYS F 259 -32.44 13.11 35.93
CA CYS F 259 -31.62 14.32 35.91
C CYS F 259 -32.21 15.50 36.69
N PRO F 260 -33.40 16.03 36.38
CA PRO F 260 -33.94 17.14 37.17
C PRO F 260 -34.30 16.79 38.61
N GLU F 261 -34.57 15.53 38.92
CA GLU F 261 -34.75 15.09 40.30
C GLU F 261 -33.57 15.47 41.20
N THR F 262 -32.38 15.61 40.63
CA THR F 262 -31.19 16.02 41.35
C THR F 262 -31.14 17.53 41.64
N LEU F 263 -32.15 18.30 41.25
CA LEU F 263 -32.40 19.55 41.97
C LEU F 263 -32.93 19.31 43.38
N PHE F 264 -33.89 18.39 43.53
CA PHE F 264 -34.46 18.14 44.84
C PHE F 264 -33.53 17.32 45.74
N GLN F 265 -32.68 16.47 45.16
CA GLN F 265 -31.80 15.59 45.93
C GLN F 265 -30.35 15.82 45.53
N PRO F 266 -29.75 16.93 45.95
CA PRO F 266 -28.35 17.21 45.60
C PRO F 266 -27.36 16.18 46.13
N SER F 267 -27.80 15.26 46.99
CA SER F 267 -27.02 14.08 47.35
C SER F 267 -26.50 13.33 46.13
N PHE F 268 -27.26 13.31 45.03
CA PHE F 268 -26.78 12.73 43.79
C PHE F 268 -25.59 13.48 43.20
N ILE F 269 -25.45 14.77 43.51
CA ILE F 269 -24.18 15.46 43.22
C ILE F 269 -23.16 15.24 44.32
N GLY F 270 -23.57 14.72 45.47
CA GLY F 270 -22.72 14.65 46.63
C GLY F 270 -22.79 15.85 47.54
N MET F 271 -23.61 16.84 47.21
CA MET F 271 -23.87 17.95 48.11
C MET F 271 -24.76 17.51 49.26
N GLU F 272 -24.56 18.12 50.43
CA GLU F 272 -25.41 17.83 51.57
C GLU F 272 -26.52 18.86 51.74
N SER F 273 -26.42 20.02 51.09
CA SER F 273 -27.43 21.05 51.20
C SER F 273 -28.79 20.52 50.75
N ALA F 274 -29.83 20.83 51.51
CA ALA F 274 -31.16 20.32 51.22
C ALA F 274 -31.67 20.89 49.88
N GLY F 275 -32.61 20.19 49.28
CA GLY F 275 -33.11 20.57 47.97
C GLY F 275 -33.75 21.95 47.95
N ILE F 276 -34.08 22.39 46.74
CA ILE F 276 -34.71 23.69 46.53
C ILE F 276 -36.00 23.83 47.32
N HIS F 277 -36.76 22.74 47.50
CA HIS F 277 -37.97 22.79 48.30
C HIS F 277 -37.65 23.06 49.77
N GLU F 278 -36.72 22.30 50.34
CA GLU F 278 -36.36 22.52 51.74
C GLU F 278 -35.61 23.82 51.93
N THR F 279 -34.82 24.24 50.93
CA THR F 279 -34.17 25.54 51.02
C THR F 279 -35.18 26.68 51.01
N THR F 280 -36.22 26.55 50.19
CA THR F 280 -37.32 27.51 50.21
C THR F 280 -38.02 27.52 51.56
N TYR F 281 -38.39 26.35 52.07
CA TYR F 281 -39.06 26.28 53.36
C TYR F 281 -38.22 26.89 54.47
N ASN F 282 -36.94 26.53 54.54
CA ASN F 282 -36.06 27.09 55.56
C ASN F 282 -35.90 28.61 55.42
N SER F 283 -35.80 29.11 54.18
CA SER F 283 -35.76 30.55 53.97
C SER F 283 -37.04 31.22 54.46
N ILE F 284 -38.19 30.59 54.24
CA ILE F 284 -39.44 31.09 54.78
C ILE F 284 -39.43 31.08 56.31
N MET F 285 -38.88 30.01 56.90
CA MET F 285 -38.77 29.95 58.35
C MET F 285 -37.85 31.04 58.91
N LYS F 286 -36.82 31.43 58.16
CA LYS F 286 -35.99 32.55 58.61
C LYS F 286 -36.80 33.83 58.73
N CYS F 287 -37.82 33.98 57.89
CA CYS F 287 -38.65 35.19 57.89
C CYS F 287 -39.49 35.25 59.16
N ASP F 288 -39.76 36.47 59.61
CA ASP F 288 -40.61 36.67 60.78
C ASP F 288 -42.02 36.13 60.54
N ILE F 289 -42.64 35.65 61.62
CA ILE F 289 -43.70 34.66 61.54
C ILE F 289 -44.85 35.14 60.66
N ASP F 290 -45.24 36.41 60.77
CA ASP F 290 -46.37 36.93 60.00
C ASP F 290 -46.08 36.93 58.50
N ILE F 291 -44.83 37.22 58.13
CA ILE F 291 -44.43 37.28 56.73
C ILE F 291 -44.73 35.95 56.02
N ARG F 292 -44.50 34.84 56.72
CA ARG F 292 -44.59 33.51 56.12
C ARG F 292 -45.90 33.26 55.39
N LYS F 293 -47.04 33.64 55.99
CA LYS F 293 -48.32 33.38 55.34
C LYS F 293 -48.38 34.00 53.95
N ASP F 294 -47.96 35.27 53.84
CA ASP F 294 -47.98 35.94 52.55
C ASP F 294 -46.92 35.39 51.61
N LEU F 295 -45.79 34.92 52.15
CA LEU F 295 -44.78 34.26 51.32
C LEU F 295 -45.30 32.98 50.67
N TYR F 296 -46.00 32.14 51.43
CA TYR F 296 -46.60 30.94 50.84
C TYR F 296 -47.56 31.27 49.71
N ALA F 297 -48.26 32.40 49.80
CA ALA F 297 -49.14 32.84 48.72
C ALA F 297 -48.42 33.36 47.49
N ASN F 298 -47.11 33.63 47.57
CA ASN F 298 -46.42 34.36 46.52
C ASN F 298 -45.03 33.79 46.25
N ASN F 299 -44.97 32.54 45.82
CA ASN F 299 -43.71 31.84 45.57
C ASN F 299 -43.45 31.88 44.07
N VAL F 300 -42.45 32.66 43.67
CA VAL F 300 -42.23 33.05 42.29
C VAL F 300 -40.97 32.37 41.77
N MET F 301 -41.03 31.85 40.54
CA MET F 301 -39.92 31.13 39.94
C MET F 301 -39.27 31.99 38.86
N SER F 302 -37.94 32.06 38.89
CA SER F 302 -37.16 32.98 38.09
C SER F 302 -36.63 32.36 36.80
N GLY F 303 -37.29 31.30 36.31
CA GLY F 303 -36.92 30.74 35.03
C GLY F 303 -35.66 29.90 35.03
N GLY F 304 -34.89 29.98 33.94
CA GLY F 304 -33.83 29.03 33.67
C GLY F 304 -34.22 27.58 33.80
N THR F 305 -33.59 26.84 34.72
CA THR F 305 -33.91 25.43 34.90
C THR F 305 -35.36 25.19 35.29
N THR F 306 -36.00 26.15 35.94
CA THR F 306 -37.42 25.98 36.30
C THR F 306 -38.36 25.94 35.09
N MET F 307 -37.83 25.91 33.87
CA MET F 307 -38.64 25.59 32.70
C MET F 307 -39.09 24.13 32.65
N TYR F 308 -38.51 23.23 33.46
CA TYR F 308 -38.79 21.81 33.27
C TYR F 308 -40.29 21.53 33.40
N PRO F 309 -40.79 20.54 32.66
CA PRO F 309 -42.13 20.02 32.95
C PRO F 309 -42.24 19.48 34.37
N GLY F 310 -43.39 19.71 34.99
CA GLY F 310 -43.67 19.14 36.30
C GLY F 310 -43.03 19.84 37.49
N ILE F 311 -42.07 20.74 37.27
CA ILE F 311 -41.31 21.29 38.38
C ILE F 311 -42.21 22.00 39.38
N ALA F 312 -43.17 22.79 38.90
CA ALA F 312 -44.05 23.53 39.82
C ALA F 312 -44.93 22.60 40.63
N ASP F 313 -45.46 21.54 40.01
CA ASP F 313 -46.27 20.58 40.75
C ASP F 313 -45.46 19.85 41.80
N ARG F 314 -44.25 19.42 41.46
CA ARG F 314 -43.37 18.78 42.44
C ARG F 314 -43.06 19.71 43.61
N MET F 315 -42.71 20.97 43.29
CA MET F 315 -42.45 21.95 44.34
C MET F 315 -43.65 22.15 45.25
N GLN F 316 -44.85 22.31 44.67
CA GLN F 316 -46.06 22.46 45.48
C GLN F 316 -46.30 21.24 46.37
N LYS F 317 -46.09 20.03 45.83
CA LYS F 317 -46.21 18.81 46.63
C LYS F 317 -45.23 18.80 47.78
N GLU F 318 -43.98 19.18 47.52
CA GLU F 318 -42.96 19.17 48.56
C GLU F 318 -43.26 20.21 49.63
N ILE F 319 -43.56 21.44 49.23
CA ILE F 319 -43.80 22.49 50.23
C ILE F 319 -45.04 22.17 51.05
N THR F 320 -46.12 21.68 50.42
CA THR F 320 -47.28 21.25 51.18
C THR F 320 -46.97 20.11 52.14
N ALA F 321 -46.02 19.24 51.78
CA ALA F 321 -45.60 18.22 52.75
C ALA F 321 -44.78 18.83 53.89
N LEU F 322 -43.89 19.76 53.58
CA LEU F 322 -43.04 20.37 54.59
C LEU F 322 -43.82 21.34 55.49
N ALA F 323 -44.54 22.28 54.89
CA ALA F 323 -45.23 23.30 55.66
C ALA F 323 -46.44 22.74 56.40
N PRO F 324 -46.89 23.44 57.45
CA PRO F 324 -48.15 23.07 58.12
C PRO F 324 -49.32 23.00 57.15
N SER F 325 -50.26 22.11 57.47
CA SER F 325 -51.52 22.03 56.74
C SER F 325 -52.35 23.30 56.95
N THR F 326 -53.50 23.35 56.28
CA THR F 326 -54.48 24.44 56.44
C THR F 326 -53.87 25.80 56.12
N MET F 327 -53.05 25.84 55.07
CA MET F 327 -52.33 27.05 54.70
C MET F 327 -52.09 27.04 53.20
N LYS F 328 -52.57 28.07 52.51
CA LYS F 328 -52.51 28.13 51.06
C LYS F 328 -51.06 28.25 50.58
N ILE F 329 -50.62 27.28 49.80
CA ILE F 329 -49.29 27.31 49.18
C ILE F 329 -49.48 27.39 47.67
N LYS F 330 -48.93 28.44 47.06
CA LYS F 330 -49.24 28.81 45.70
C LYS F 330 -47.97 29.22 44.99
N ILE F 331 -47.76 28.72 43.77
CA ILE F 331 -46.49 28.85 43.06
C ILE F 331 -46.76 29.54 41.73
N ILE F 332 -46.08 30.66 41.49
CA ILE F 332 -46.28 31.51 40.31
C ILE F 332 -45.08 31.34 39.40
N ALA F 333 -45.31 30.83 38.19
CA ALA F 333 -44.24 30.55 37.24
C ALA F 333 -44.75 30.78 35.82
N PRO F 334 -44.77 32.02 35.36
CA PRO F 334 -45.20 32.31 33.98
C PRO F 334 -44.34 31.61 32.96
N PRO F 335 -44.83 31.41 31.74
CA PRO F 335 -43.97 30.90 30.67
C PRO F 335 -42.80 31.80 30.31
N GLU F 336 -42.88 33.10 30.58
CA GLU F 336 -41.77 34.01 30.36
C GLU F 336 -40.72 33.96 31.46
N ARG F 337 -40.84 33.04 32.41
CA ARG F 337 -40.03 33.05 33.62
C ARG F 337 -38.54 33.16 33.35
N LYS F 338 -38.05 32.59 32.24
CA LYS F 338 -36.65 32.71 31.88
C LYS F 338 -36.26 34.15 31.51
N TYR F 339 -37.02 34.76 30.61
CA TYR F 339 -36.88 36.18 30.28
C TYR F 339 -37.23 37.10 31.44
N SER F 340 -38.03 36.64 32.39
CA SER F 340 -38.60 37.48 33.44
C SER F 340 -37.55 38.31 34.20
N VAL F 341 -36.35 37.80 34.41
CA VAL F 341 -35.29 38.64 34.98
C VAL F 341 -34.99 39.84 34.09
N TRP F 342 -34.80 39.61 32.79
CA TRP F 342 -34.58 40.74 31.90
C TRP F 342 -35.79 41.66 31.87
N ILE F 343 -36.98 41.09 31.80
CA ILE F 343 -38.19 41.90 31.74
C ILE F 343 -38.28 42.80 32.96
N GLY F 344 -37.95 42.26 34.14
CA GLY F 344 -37.87 43.07 35.34
C GLY F 344 -36.89 44.21 35.22
N GLY F 345 -35.71 43.95 34.66
CA GLY F 345 -34.78 45.04 34.41
C GLY F 345 -35.32 46.09 33.46
N SER F 346 -36.01 45.64 32.41
CA SER F 346 -36.63 46.54 31.44
C SER F 346 -37.70 47.42 32.10
N ILE F 347 -38.44 46.87 33.06
CA ILE F 347 -39.39 47.67 33.81
C ILE F 347 -38.65 48.67 34.69
N LEU F 348 -37.68 48.18 35.48
CA LEU F 348 -37.07 48.98 36.52
C LEU F 348 -36.36 50.20 35.92
N ALA F 349 -35.57 49.99 34.88
CA ALA F 349 -34.88 51.08 34.20
C ALA F 349 -35.84 52.14 33.66
N SER F 350 -37.05 51.75 33.26
CA SER F 350 -37.98 52.73 32.71
C SER F 350 -38.58 53.64 33.79
N LEU F 351 -38.69 53.18 35.02
CA LEU F 351 -39.42 53.92 36.05
C LEU F 351 -38.81 55.30 36.27
N SER F 352 -39.66 56.33 36.16
CA SER F 352 -39.23 57.69 36.45
C SER F 352 -38.68 57.83 37.86
N THR F 353 -39.28 57.12 38.82
CA THR F 353 -38.77 57.13 40.20
C THR F 353 -37.36 56.56 40.28
N PHE F 354 -37.02 55.64 39.38
CA PHE F 354 -35.76 54.91 39.50
C PHE F 354 -34.55 55.77 39.18
N GLN F 355 -34.69 56.71 38.25
CA GLN F 355 -33.52 57.25 37.55
C GLN F 355 -32.47 57.83 38.50
N GLN F 356 -32.89 58.37 39.65
CA GLN F 356 -31.93 58.87 40.62
C GLN F 356 -31.09 57.76 41.25
N MET F 357 -31.48 56.50 41.08
CA MET F 357 -30.63 55.38 41.47
C MET F 357 -29.39 55.24 40.59
N TRP F 358 -29.37 55.84 39.41
CA TRP F 358 -28.18 55.77 38.56
C TRP F 358 -26.94 56.21 39.33
N ILE F 359 -25.82 55.57 39.01
CA ILE F 359 -24.49 56.03 39.39
C ILE F 359 -23.87 56.72 38.20
N THR F 360 -23.44 57.96 38.37
CA THR F 360 -22.91 58.75 37.27
C THR F 360 -21.39 58.70 37.34
N LYS F 361 -20.76 58.87 36.16
CA LYS F 361 -19.30 58.78 36.11
C LYS F 361 -18.66 59.76 37.07
N GLN F 362 -19.28 60.93 37.27
CA GLN F 362 -18.84 61.87 38.30
C GLN F 362 -18.82 61.23 39.68
N GLU F 363 -19.93 60.61 40.08
CA GLU F 363 -20.00 59.91 41.37
C GLU F 363 -18.98 58.80 41.48
N TYR F 364 -18.77 58.03 40.41
CA TYR F 364 -17.72 57.01 40.46
C TYR F 364 -16.35 57.64 40.56
N ASP F 365 -16.17 58.82 39.98
CA ASP F 365 -14.94 59.58 40.10
C ASP F 365 -14.84 60.34 41.41
N GLU F 366 -15.83 60.21 42.29
CA GLU F 366 -15.76 60.95 43.55
C GLU F 366 -15.98 60.07 44.77
N ALA F 367 -16.92 59.13 44.72
CA ALA F 367 -17.15 58.21 45.81
C ALA F 367 -16.21 56.99 45.77
N GLY F 368 -15.21 57.02 44.89
CA GLY F 368 -14.50 55.84 44.47
C GLY F 368 -15.42 54.76 43.98
N PRO F 369 -15.05 53.49 44.18
CA PRO F 369 -16.02 52.42 43.92
C PRO F 369 -17.20 52.44 44.88
N SER F 370 -16.95 52.76 46.15
CA SER F 370 -17.76 52.26 47.26
C SER F 370 -19.25 52.48 47.07
N ILE F 371 -19.63 53.53 46.34
CA ILE F 371 -21.03 53.82 46.03
C ILE F 371 -21.77 52.65 45.39
N VAL F 372 -21.06 51.82 44.60
CA VAL F 372 -21.69 50.61 44.06
C VAL F 372 -22.16 49.66 45.15
N HIS F 373 -21.47 49.65 46.30
CA HIS F 373 -21.89 48.88 47.47
C HIS F 373 -23.15 49.42 48.17
N ARG F 374 -23.65 50.61 47.82
CA ARG F 374 -24.65 51.26 48.66
C ARG F 374 -25.82 50.32 48.94
N LYS F 375 -26.26 49.60 47.92
CA LYS F 375 -27.37 48.66 48.00
C LYS F 375 -26.90 47.23 47.74
N CYS F 376 -25.68 46.91 48.18
CA CYS F 376 -25.06 45.63 47.83
C CYS F 376 -25.93 44.46 48.24
N PHE F 377 -26.65 44.57 49.35
CA PHE F 377 -27.57 43.53 49.81
C PHE F 377 -26.89 42.17 49.94
N MET G 1 11.87 -40.01 6.49
CA MET G 1 11.86 -39.48 5.13
C MET G 1 10.96 -40.31 4.22
N GLY G 2 10.87 -41.61 4.51
CA GLY G 2 10.03 -42.48 3.71
C GLY G 2 8.59 -42.01 3.65
N VAL G 3 7.94 -42.29 2.53
CA VAL G 3 6.61 -41.74 2.25
C VAL G 3 5.62 -42.14 3.33
N ALA G 4 5.68 -43.41 3.76
CA ALA G 4 4.78 -43.89 4.82
C ALA G 4 4.93 -43.08 6.10
N ASP G 5 6.17 -42.74 6.45
CA ASP G 5 6.40 -41.96 7.67
C ASP G 5 5.81 -40.56 7.55
N LEU G 6 5.98 -39.92 6.40
CA LEU G 6 5.41 -38.60 6.20
C LEU G 6 3.88 -38.65 6.24
N ILE G 7 3.29 -39.68 5.63
CA ILE G 7 1.84 -39.86 5.69
C ILE G 7 1.39 -39.95 7.15
N LYS G 8 2.04 -40.82 7.92
CA LYS G 8 1.68 -40.99 9.32
C LYS G 8 1.88 -39.71 10.13
N LYS G 9 2.90 -38.92 9.76
CA LYS G 9 3.13 -37.63 10.39
C LYS G 9 1.98 -36.67 10.15
N PHE G 10 1.57 -36.50 8.89
CA PHE G 10 0.51 -35.53 8.61
C PHE G 10 -0.86 -36.03 9.09
N GLU G 11 -1.12 -37.35 8.99
CA GLU G 11 -2.34 -37.90 9.57
C GLU G 11 -2.36 -37.77 11.09
N SER G 12 -1.20 -37.83 11.74
CA SER G 12 -1.14 -37.57 13.17
C SER G 12 -1.40 -36.10 13.48
N ILE G 13 -0.83 -35.18 12.69
CA ILE G 13 -1.08 -33.76 12.88
C ILE G 13 -2.55 -33.45 12.55
N THR H 7 -7.94 -50.27 -3.68
CA THR H 7 -8.22 -49.18 -4.59
C THR H 7 -7.08 -48.16 -4.57
N THR H 8 -5.92 -48.56 -5.09
CA THR H 8 -4.75 -47.69 -5.03
C THR H 8 -4.94 -46.52 -6.00
N ALA H 9 -4.88 -45.30 -5.46
CA ALA H 9 -4.97 -44.12 -6.29
C ALA H 9 -3.75 -44.02 -7.22
N LEU H 10 -3.94 -43.34 -8.34
CA LEU H 10 -2.83 -43.00 -9.21
C LEU H 10 -2.39 -41.56 -8.95
N VAL H 11 -1.10 -41.32 -9.11
CA VAL H 11 -0.53 -39.98 -9.02
C VAL H 11 0.30 -39.75 -10.26
N CYS H 12 -0.06 -38.74 -11.05
CA CYS H 12 0.63 -38.42 -12.29
C CYS H 12 1.07 -36.97 -12.23
N ASP H 13 2.37 -36.73 -12.38
CA ASP H 13 2.92 -35.39 -12.50
C ASP H 13 3.32 -35.17 -13.94
N ASN H 14 2.70 -34.18 -14.58
CA ASN H 14 2.98 -33.91 -15.99
C ASN H 14 3.93 -32.72 -15.99
N GLY H 15 5.21 -33.03 -16.04
CA GLY H 15 6.23 -32.02 -16.13
C GLY H 15 6.38 -31.45 -17.53
N SER H 16 6.91 -30.23 -17.58
CA SER H 16 7.19 -29.62 -18.87
C SER H 16 8.21 -30.42 -19.66
N GLY H 17 9.07 -31.16 -18.97
CA GLY H 17 10.09 -31.95 -19.66
C GLY H 17 10.10 -33.43 -19.32
N LEU H 18 9.66 -33.81 -18.13
CA LEU H 18 9.59 -35.21 -17.73
C LEU H 18 8.23 -35.55 -17.14
N VAL H 19 7.71 -36.70 -17.55
CA VAL H 19 6.43 -37.22 -17.03
C VAL H 19 6.73 -38.26 -15.96
N LYS H 20 6.06 -38.12 -14.82
CA LYS H 20 6.36 -38.90 -13.61
C LYS H 20 5.05 -39.47 -13.09
N ALA H 21 4.89 -40.79 -13.18
CA ALA H 21 3.62 -41.42 -12.84
C ALA H 21 3.84 -42.65 -11.99
N GLY H 22 3.04 -42.75 -10.93
CA GLY H 22 3.32 -43.64 -9.82
C GLY H 22 2.04 -43.92 -9.06
N PHE H 23 2.02 -45.06 -8.36
CA PHE H 23 0.84 -45.43 -7.60
C PHE H 23 0.92 -44.83 -6.21
N ALA H 24 -0.21 -44.35 -5.72
CA ALA H 24 -0.21 -43.55 -4.49
C ALA H 24 0.30 -44.37 -3.31
N GLY H 25 1.14 -43.75 -2.48
CA GLY H 25 1.78 -44.42 -1.38
C GLY H 25 3.07 -45.14 -1.72
N ASP H 26 3.38 -45.29 -3.01
CA ASP H 26 4.70 -45.77 -3.40
C ASP H 26 5.77 -44.71 -3.13
N ASP H 27 6.98 -45.18 -2.86
CA ASP H 27 8.07 -44.28 -2.49
C ASP H 27 8.68 -43.56 -3.69
N ALA H 28 8.44 -44.03 -4.91
CA ALA H 28 9.04 -43.43 -6.09
C ALA H 28 8.10 -43.59 -7.27
N PRO H 29 8.18 -42.70 -8.26
CA PRO H 29 7.48 -42.95 -9.52
C PRO H 29 8.00 -44.19 -10.24
N ARG H 30 7.14 -44.79 -11.05
CA ARG H 30 7.51 -45.89 -11.93
C ARG H 30 7.78 -45.44 -13.36
N ALA H 31 6.86 -44.68 -13.95
CA ALA H 31 7.11 -43.97 -15.19
C ALA H 31 7.89 -42.69 -14.93
N VAL H 32 8.97 -42.49 -15.68
CA VAL H 32 9.75 -41.26 -15.61
C VAL H 32 10.10 -40.78 -17.03
N PHE H 33 9.36 -41.28 -18.03
CA PHE H 33 9.77 -41.07 -19.41
C PHE H 33 9.61 -39.60 -19.81
N PRO H 34 10.37 -39.17 -20.83
CA PRO H 34 10.32 -37.78 -21.29
C PRO H 34 8.96 -37.36 -21.85
N SER H 35 8.60 -36.10 -21.60
CA SER H 35 7.41 -35.46 -22.14
C SER H 35 7.53 -35.18 -23.63
N ILE H 36 7.70 -36.20 -24.46
CA ILE H 36 8.13 -36.00 -25.84
C ILE H 36 7.26 -36.82 -26.78
N VAL H 37 6.83 -36.21 -27.88
CA VAL H 37 6.29 -36.91 -29.04
C VAL H 37 7.12 -36.55 -30.26
N GLY H 38 7.42 -37.55 -31.09
CA GLY H 38 8.18 -37.34 -32.29
C GLY H 38 7.48 -37.92 -33.52
N ARG H 39 7.68 -37.25 -34.65
CA ARG H 39 7.12 -37.71 -35.92
C ARG H 39 8.15 -37.57 -37.04
N PRO H 40 8.29 -38.59 -37.88
CA PRO H 40 9.42 -38.63 -38.82
C PRO H 40 9.39 -37.44 -39.78
N ARG H 41 10.48 -36.69 -39.82
CA ARG H 41 10.67 -35.73 -40.91
C ARG H 41 11.06 -36.43 -42.21
N HIS H 42 11.83 -37.51 -42.14
CA HIS H 42 12.31 -38.17 -43.33
C HIS H 42 11.26 -39.11 -43.94
N GLN H 43 11.46 -39.40 -45.23
CA GLN H 43 10.61 -40.32 -45.97
C GLN H 43 10.84 -41.76 -45.56
N GLY H 44 9.74 -42.48 -45.33
CA GLY H 44 9.80 -43.92 -45.12
C GLY H 44 9.84 -44.64 -46.46
N VAL H 45 10.66 -45.71 -46.50
CA VAL H 45 10.73 -46.53 -47.71
C VAL H 45 10.57 -48.01 -47.40
N MET H 46 11.20 -48.50 -46.33
CA MET H 46 11.00 -49.89 -45.94
C MET H 46 9.61 -50.04 -45.34
N VAL H 47 8.68 -50.55 -46.14
CA VAL H 47 7.27 -50.63 -45.74
C VAL H 47 7.09 -51.43 -44.46
N GLY H 48 7.95 -52.41 -44.21
CA GLY H 48 7.93 -53.16 -42.97
C GLY H 48 8.46 -52.41 -41.77
N MET H 49 9.02 -51.22 -41.96
CA MET H 49 9.77 -50.54 -40.92
C MET H 49 9.19 -49.20 -40.52
N GLY H 50 8.44 -48.52 -41.38
CA GLY H 50 7.73 -47.32 -40.98
C GLY H 50 6.56 -47.60 -40.06
N GLN H 51 6.86 -48.20 -38.91
CA GLN H 51 5.84 -48.89 -38.13
C GLN H 51 4.82 -47.93 -37.51
N LYS H 52 5.26 -46.73 -37.11
CA LYS H 52 4.39 -45.78 -36.43
C LYS H 52 4.59 -44.39 -36.99
N ASP H 53 3.50 -43.64 -37.09
CA ASP H 53 3.55 -42.21 -37.42
C ASP H 53 3.94 -41.33 -36.25
N SER H 54 3.97 -41.85 -35.03
CA SER H 54 4.26 -41.03 -33.87
C SER H 54 4.86 -41.90 -32.77
N TYR H 55 5.63 -41.27 -31.89
CA TYR H 55 6.39 -41.99 -30.87
C TYR H 55 6.35 -41.22 -29.57
N VAL H 56 6.39 -41.96 -28.47
CA VAL H 56 6.38 -41.43 -27.11
C VAL H 56 7.80 -41.45 -26.54
N GLY H 57 8.02 -40.55 -25.57
CA GLY H 57 9.33 -39.98 -25.33
C GLY H 57 10.49 -40.95 -25.20
N ASP H 58 10.27 -42.11 -24.58
CA ASP H 58 11.39 -43.06 -24.51
C ASP H 58 11.71 -43.66 -25.87
N GLU H 59 10.70 -44.18 -26.57
CA GLU H 59 10.90 -44.69 -27.92
C GLU H 59 11.32 -43.57 -28.88
N ALA H 60 10.65 -42.42 -28.76
CA ALA H 60 11.00 -41.22 -29.52
C ALA H 60 12.42 -40.76 -29.30
N GLN H 61 13.00 -40.97 -28.10
CA GLN H 61 14.39 -40.54 -27.92
C GLN H 61 15.36 -41.39 -28.75
N SER H 62 15.21 -42.71 -28.73
CA SER H 62 16.08 -43.52 -29.57
C SER H 62 15.88 -43.21 -31.05
N LYS H 63 14.63 -43.21 -31.50
CA LYS H 63 14.26 -42.76 -32.86
C LYS H 63 14.65 -41.32 -33.22
N ARG H 64 14.89 -40.44 -32.24
CA ARG H 64 15.03 -39.00 -32.49
C ARG H 64 15.99 -38.66 -33.62
N GLY H 65 17.03 -39.48 -33.84
CA GLY H 65 17.94 -39.21 -34.94
C GLY H 65 17.26 -39.07 -36.29
N ILE H 66 16.28 -39.94 -36.59
CA ILE H 66 15.38 -39.62 -37.70
C ILE H 66 14.32 -38.59 -37.31
N LEU H 67 13.74 -38.69 -36.12
CA LEU H 67 12.52 -37.92 -35.84
C LEU H 67 12.81 -36.44 -35.62
N THR H 68 11.79 -35.62 -35.90
CA THR H 68 11.62 -34.34 -35.23
C THR H 68 10.93 -34.54 -33.89
N LEU H 69 11.44 -33.87 -32.86
CA LEU H 69 10.84 -33.91 -31.53
C LEU H 69 10.15 -32.58 -31.22
N LYS H 70 8.99 -32.66 -30.59
CA LYS H 70 8.27 -31.50 -30.08
C LYS H 70 7.87 -31.74 -28.63
N TYR H 71 7.99 -30.71 -27.80
CA TYR H 71 7.37 -30.80 -26.48
C TYR H 71 5.93 -30.32 -26.54
N PRO H 72 4.98 -31.06 -25.93
CA PRO H 72 3.59 -30.59 -25.91
C PRO H 72 3.32 -29.52 -24.87
N ILE H 73 4.19 -29.35 -23.89
CA ILE H 73 4.04 -28.33 -22.84
C ILE H 73 5.10 -27.26 -23.05
N GLU H 74 4.68 -26.00 -22.97
CA GLU H 74 5.61 -24.88 -22.83
C GLU H 74 5.31 -24.05 -21.58
N GLY H 76 4.65 -24.85 -18.38
CA GLY H 76 3.48 -25.32 -17.66
C GLY H 76 2.15 -25.13 -18.37
N ILE H 77 2.21 -24.80 -19.65
CA ILE H 77 1.02 -24.61 -20.47
C ILE H 77 1.01 -25.71 -21.52
N ILE H 78 -0.16 -26.26 -21.82
CA ILE H 78 -0.27 -27.35 -22.77
C ILE H 78 -0.71 -26.79 -24.12
N THR H 79 0.14 -26.98 -25.13
CA THR H 79 -0.03 -26.33 -26.42
C THR H 79 -0.35 -27.30 -27.55
N ASN H 80 -0.33 -28.61 -27.30
CA ASN H 80 -0.71 -29.62 -28.28
C ASN H 80 -1.49 -30.71 -27.53
N TRP H 81 -2.81 -30.53 -27.45
CA TRP H 81 -3.64 -31.46 -26.69
C TRP H 81 -3.65 -32.85 -27.29
N ASP H 82 -3.56 -32.97 -28.62
CA ASP H 82 -3.52 -34.29 -29.25
C ASP H 82 -2.30 -35.09 -28.80
N ASP H 83 -1.12 -34.48 -28.83
CA ASP H 83 0.06 -35.18 -28.34
C ASP H 83 -0.01 -35.40 -26.84
N MET H 84 -0.65 -34.49 -26.10
CA MET H 84 -0.80 -34.69 -24.67
C MET H 84 -1.71 -35.88 -24.36
N GLU H 85 -2.76 -36.07 -25.16
CA GLU H 85 -3.57 -37.27 -25.06
C GLU H 85 -2.77 -38.51 -25.40
N LYS H 86 -1.86 -38.41 -26.38
CA LYS H 86 -0.96 -39.53 -26.64
C LYS H 86 -0.10 -39.85 -25.42
N ILE H 87 0.44 -38.81 -24.80
CA ILE H 87 1.29 -38.97 -23.61
C ILE H 87 0.53 -39.67 -22.49
N TRP H 88 -0.68 -39.19 -22.18
CA TRP H 88 -1.45 -39.83 -21.12
C TRP H 88 -1.88 -41.25 -21.48
N HIS H 89 -2.30 -41.47 -22.74
CA HIS H 89 -2.68 -42.82 -23.16
C HIS H 89 -1.54 -43.81 -22.97
N HIS H 90 -0.34 -43.44 -23.42
CA HIS H 90 0.83 -44.29 -23.19
C HIS H 90 1.18 -44.42 -21.72
N THR H 91 0.99 -43.35 -20.95
CA THR H 91 1.27 -43.40 -19.52
C THR H 91 0.40 -44.44 -18.83
N PHE H 92 -0.90 -44.41 -19.09
CA PHE H 92 -1.79 -45.32 -18.40
C PHE H 92 -1.68 -46.75 -18.92
N TYR H 93 -1.81 -46.95 -20.24
CA TYR H 93 -1.79 -48.32 -20.74
C TYR H 93 -0.39 -48.94 -20.86
N ASN H 94 0.55 -48.26 -21.52
CA ASN H 94 1.86 -48.85 -21.77
C ASN H 94 2.77 -48.87 -20.54
N GLU H 95 2.83 -47.76 -19.80
CA GLU H 95 3.73 -47.72 -18.66
C GLU H 95 3.12 -48.37 -17.41
N LEU H 96 1.98 -47.86 -16.95
CA LEU H 96 1.47 -48.32 -15.67
C LEU H 96 0.59 -49.57 -15.77
N ARG H 97 0.25 -50.00 -16.99
CA ARG H 97 -0.55 -51.21 -17.19
C ARG H 97 -1.83 -51.20 -16.35
N VAL H 98 -2.48 -50.05 -16.27
CA VAL H 98 -3.56 -49.84 -15.31
C VAL H 98 -4.78 -49.33 -16.05
N ALA H 99 -5.95 -49.82 -15.63
CA ALA H 99 -7.23 -49.45 -16.24
C ALA H 99 -7.87 -48.29 -15.50
N PRO H 100 -7.78 -47.07 -16.03
CA PRO H 100 -8.07 -45.88 -15.22
C PRO H 100 -9.50 -45.78 -14.74
N GLU H 101 -10.40 -46.62 -15.25
CA GLU H 101 -11.77 -46.73 -14.74
C GLU H 101 -11.82 -46.95 -13.22
N GLU H 102 -10.78 -47.56 -12.65
CA GLU H 102 -10.80 -47.89 -11.23
C GLU H 102 -9.82 -47.09 -10.39
N HIS H 103 -9.02 -46.21 -10.99
CA HIS H 103 -7.87 -45.62 -10.30
C HIS H 103 -7.95 -44.10 -10.28
N PRO H 104 -8.61 -43.52 -9.27
CA PRO H 104 -8.70 -42.06 -9.20
C PRO H 104 -7.32 -41.42 -9.15
N THR H 105 -7.23 -40.20 -9.67
CA THR H 105 -5.97 -39.65 -10.14
C THR H 105 -5.73 -38.27 -9.53
N LEU H 106 -4.49 -38.01 -9.15
CA LEU H 106 -4.03 -36.68 -8.75
C LEU H 106 -3.11 -36.13 -9.82
N LEU H 107 -3.31 -34.86 -10.18
CA LEU H 107 -2.53 -34.21 -11.22
C LEU H 107 -1.98 -32.88 -10.71
N THR H 108 -0.86 -32.46 -11.29
CA THR H 108 -0.10 -31.33 -10.81
C THR H 108 -0.05 -30.23 -11.86
N GLU H 109 0.12 -28.99 -11.40
CA GLU H 109 0.24 -27.83 -12.28
C GLU H 109 1.08 -26.77 -11.59
N ALA H 110 1.73 -25.93 -12.40
CA ALA H 110 2.35 -24.72 -11.88
C ALA H 110 1.28 -23.72 -11.43
N PRO H 111 1.60 -22.87 -10.45
CA PRO H 111 0.69 -21.78 -10.11
C PRO H 111 0.63 -20.70 -11.17
N LEU H 112 -0.43 -19.90 -11.10
CA LEU H 112 -0.71 -18.83 -12.05
C LEU H 112 -0.75 -19.34 -13.49
N ASN H 113 -1.15 -20.58 -13.68
CA ASN H 113 -1.38 -21.10 -15.02
C ASN H 113 -2.71 -20.59 -15.54
N PRO H 114 -2.91 -20.60 -16.86
CA PRO H 114 -4.25 -20.31 -17.39
C PRO H 114 -5.27 -21.32 -16.89
N LYS H 115 -6.43 -20.81 -16.46
CA LYS H 115 -7.47 -21.66 -15.90
C LYS H 115 -8.03 -22.61 -16.96
N ALA H 116 -8.04 -22.16 -18.22
CA ALA H 116 -8.47 -23.03 -19.31
C ALA H 116 -7.67 -24.31 -19.36
N ASN H 117 -6.37 -24.25 -19.04
CA ASN H 117 -5.55 -25.44 -19.10
C ASN H 117 -6.04 -26.49 -18.11
N ARG H 118 -6.33 -26.07 -16.87
CA ARG H 118 -6.86 -26.99 -15.86
C ARG H 118 -8.22 -27.52 -16.26
N GLU H 119 -9.09 -26.65 -16.78
CA GLU H 119 -10.41 -27.10 -17.22
C GLU H 119 -10.29 -28.15 -18.31
N LYS H 120 -9.50 -27.87 -19.35
CA LYS H 120 -9.39 -28.78 -20.48
C LYS H 120 -8.77 -30.10 -20.08
N MET H 121 -7.72 -30.06 -19.26
CA MET H 121 -7.13 -31.28 -18.70
C MET H 121 -8.16 -32.10 -17.94
N THR H 122 -8.96 -31.46 -17.09
CA THR H 122 -9.97 -32.21 -16.34
C THR H 122 -11.01 -32.81 -17.27
N GLN H 123 -11.45 -32.03 -18.25
CA GLN H 123 -12.45 -32.48 -19.22
C GLN H 123 -11.95 -33.72 -19.97
N ILE H 124 -10.69 -33.68 -20.42
CA ILE H 124 -10.07 -34.85 -21.04
C ILE H 124 -10.06 -36.03 -20.07
N MET H 125 -9.61 -35.80 -18.83
CA MET H 125 -9.47 -36.90 -17.88
C MET H 125 -10.80 -37.62 -17.64
N PHE H 126 -11.87 -36.87 -17.39
CA PHE H 126 -13.17 -37.52 -17.21
C PHE H 126 -13.73 -38.11 -18.50
N GLU H 127 -13.84 -37.30 -19.56
CA GLU H 127 -14.59 -37.74 -20.74
C GLU H 127 -13.84 -38.77 -21.57
N THR H 128 -12.56 -38.54 -21.82
CA THR H 128 -11.76 -39.47 -22.62
C THR H 128 -11.35 -40.72 -21.86
N PHE H 129 -10.79 -40.58 -20.67
CA PHE H 129 -10.28 -41.74 -19.94
C PHE H 129 -11.29 -42.36 -18.99
N ASN H 130 -12.43 -41.72 -18.75
CA ASN H 130 -13.46 -42.23 -17.84
C ASN H 130 -12.93 -42.40 -16.42
N VAL H 131 -12.00 -41.54 -16.03
CA VAL H 131 -11.46 -41.60 -14.67
C VAL H 131 -12.58 -41.30 -13.68
N PRO H 132 -12.72 -42.04 -12.58
CA PRO H 132 -13.89 -41.85 -11.72
C PRO H 132 -13.74 -40.72 -10.71
N ALA H 133 -12.52 -40.36 -10.33
CA ALA H 133 -12.32 -39.22 -9.44
C ALA H 133 -10.98 -38.58 -9.74
N MET H 134 -10.89 -37.28 -9.49
CA MET H 134 -9.71 -36.51 -9.83
C MET H 134 -9.53 -35.40 -8.80
N TYR H 135 -8.28 -34.98 -8.61
CA TYR H 135 -7.97 -33.70 -7.98
C TYR H 135 -6.75 -33.10 -8.66
N VAL H 136 -6.65 -31.76 -8.61
CA VAL H 136 -5.48 -31.03 -9.07
C VAL H 136 -4.86 -30.30 -7.89
N ALA H 137 -3.54 -30.44 -7.73
CA ALA H 137 -2.80 -29.99 -6.56
C ALA H 137 -1.65 -29.10 -7.00
N ILE H 138 -1.23 -28.21 -6.10
CA ILE H 138 -0.26 -27.17 -6.43
C ILE H 138 1.11 -27.61 -5.96
N GLN H 139 2.08 -27.57 -6.88
CA GLN H 139 3.35 -28.27 -6.71
C GLN H 139 4.14 -27.84 -5.48
N ALA H 140 4.04 -26.57 -5.07
CA ALA H 140 4.71 -26.13 -3.85
C ALA H 140 4.18 -26.84 -2.61
N VAL H 141 2.87 -27.02 -2.51
CA VAL H 141 2.31 -27.72 -1.37
C VAL H 141 2.80 -29.16 -1.32
N LEU H 142 2.83 -29.82 -2.48
CA LEU H 142 3.40 -31.16 -2.56
C LEU H 142 4.87 -31.16 -2.15
N SER H 143 5.62 -30.14 -2.55
CA SER H 143 7.04 -30.07 -2.16
C SER H 143 7.20 -29.94 -0.66
N LEU H 144 6.28 -29.23 0.00
CA LEU H 144 6.34 -29.14 1.46
C LEU H 144 5.95 -30.45 2.14
N TYR H 145 4.94 -31.14 1.62
CA TYR H 145 4.65 -32.48 2.15
C TYR H 145 5.85 -33.41 1.99
N ALA H 146 6.51 -33.37 0.84
CA ALA H 146 7.73 -34.15 0.64
C ALA H 146 8.84 -33.73 1.60
N SER H 147 8.89 -32.47 1.99
CA SER H 147 9.93 -31.99 2.89
C SER H 147 9.52 -31.99 4.35
N GLY H 148 8.41 -32.64 4.69
CA GLY H 148 8.11 -32.94 6.08
C GLY H 148 7.87 -31.74 6.97
N ARG H 149 7.46 -30.61 6.40
CA ARG H 149 7.30 -29.41 7.21
C ARG H 149 6.16 -28.58 6.66
N THR H 150 5.60 -27.73 7.51
CA THR H 150 4.43 -26.94 7.18
C THR H 150 4.64 -25.43 7.23
N THR H 151 5.82 -24.96 7.60
CA THR H 151 6.23 -23.58 7.33
C THR H 151 7.44 -23.61 6.41
N GLY H 152 7.26 -23.10 5.20
CA GLY H 152 8.34 -23.07 4.24
C GLY H 152 8.09 -22.02 3.18
N ILE H 153 9.18 -21.56 2.57
CA ILE H 153 9.14 -20.95 1.25
C ILE H 153 9.74 -21.94 0.27
N VAL H 154 9.06 -22.15 -0.85
CA VAL H 154 9.45 -23.14 -1.84
C VAL H 154 9.94 -22.43 -3.09
N LEU H 155 11.13 -22.81 -3.55
CA LEU H 155 11.63 -22.42 -4.85
C LEU H 155 11.55 -23.62 -5.77
N ASP H 156 10.96 -23.42 -6.95
CA ASP H 156 10.77 -24.49 -7.90
C ASP H 156 11.44 -24.09 -9.21
N SER H 157 11.96 -25.09 -9.93
CA SER H 157 12.39 -24.85 -11.31
C SER H 157 12.42 -26.19 -12.04
N GLY H 158 11.33 -26.49 -12.75
CA GLY H 158 11.23 -27.66 -13.58
C GLY H 158 11.93 -27.45 -14.91
N ASP H 159 11.39 -28.09 -15.95
CA ASP H 159 11.84 -27.75 -17.30
C ASP H 159 11.33 -26.39 -17.75
N GLY H 160 10.18 -25.96 -17.22
CA GLY H 160 9.56 -24.74 -17.68
C GLY H 160 9.54 -23.60 -16.69
N VAL H 161 8.54 -23.60 -15.80
CA VAL H 161 8.37 -22.52 -14.85
C VAL H 161 9.47 -22.55 -13.78
N THR H 162 9.82 -21.37 -13.29
CA THR H 162 10.38 -21.16 -11.97
C THR H 162 9.37 -20.36 -11.15
N HIS H 163 9.06 -20.83 -9.94
CA HIS H 163 8.17 -20.05 -9.08
C HIS H 163 8.55 -20.19 -7.62
N ASN H 164 8.21 -19.16 -6.86
CA ASN H 164 8.44 -19.06 -5.42
C ASN H 164 7.09 -18.95 -4.72
N VAL H 165 6.83 -19.84 -3.76
CA VAL H 165 5.60 -19.81 -2.99
C VAL H 165 5.92 -19.88 -1.50
N PRO H 166 5.46 -18.92 -0.69
CA PRO H 166 5.57 -19.02 0.77
C PRO H 166 4.35 -19.67 1.40
N ILE H 167 4.62 -20.55 2.36
CA ILE H 167 3.58 -21.20 3.15
C ILE H 167 3.95 -21.06 4.63
N TYR H 168 2.94 -20.79 5.47
CA TYR H 168 3.17 -20.62 6.89
C TYR H 168 2.05 -21.32 7.66
N GLU H 169 2.43 -22.24 8.54
CA GLU H 169 1.48 -23.08 9.28
C GLU H 169 0.42 -23.70 8.36
N GLY H 170 0.78 -23.97 7.12
CA GLY H 170 -0.16 -24.50 6.16
C GLY H 170 -1.09 -23.49 5.52
N TYR H 171 -0.90 -22.20 5.78
CA TYR H 171 -1.63 -21.16 5.09
C TYR H 171 -0.75 -20.58 3.99
N ALA H 172 -1.33 -20.41 2.80
CA ALA H 172 -0.60 -19.96 1.63
C ALA H 172 -0.82 -18.48 1.38
N LEU H 173 0.23 -17.80 0.89
CA LEU H 173 0.22 -16.36 0.71
C LEU H 173 0.11 -16.01 -0.78
N PRO H 174 -1.11 -15.93 -1.33
CA PRO H 174 -1.24 -15.87 -2.79
C PRO H 174 -0.55 -14.67 -3.43
N HIS H 175 -0.50 -13.54 -2.72
CA HIS H 175 0.16 -12.33 -3.23
C HIS H 175 1.67 -12.45 -3.25
N ALA H 176 2.25 -13.21 -2.32
CA ALA H 176 3.70 -13.39 -2.28
C ALA H 176 4.22 -14.32 -3.37
N ILE H 177 3.36 -15.03 -4.11
CA ILE H 177 3.84 -15.85 -5.20
C ILE H 177 4.58 -15.00 -6.22
N MET H 178 5.68 -15.54 -6.74
CA MET H 178 6.41 -14.94 -7.85
C MET H 178 6.87 -16.03 -8.79
N ARG H 179 6.83 -15.74 -10.10
CA ARG H 179 7.03 -16.76 -11.13
C ARG H 179 7.93 -16.20 -12.22
N LEU H 180 8.85 -17.04 -12.69
CA LEU H 180 9.63 -16.76 -13.88
C LEU H 180 9.50 -17.91 -14.87
N ASP H 181 9.17 -17.58 -16.12
CA ASP H 181 9.23 -18.56 -17.21
C ASP H 181 10.67 -18.65 -17.71
N LEU H 182 11.44 -19.58 -17.14
CA LEU H 182 12.86 -19.64 -17.39
C LEU H 182 13.34 -21.10 -17.37
N ALA H 183 14.02 -21.46 -16.29
CA ALA H 183 14.47 -22.82 -16.00
C ALA H 183 15.14 -23.59 -17.14
N GLY H 184 14.84 -24.90 -17.19
CA GLY H 184 15.66 -25.83 -17.97
C GLY H 184 15.76 -25.48 -19.44
N ARG H 185 14.63 -25.19 -20.07
CA ARG H 185 14.63 -25.08 -21.53
C ARG H 185 15.43 -23.86 -21.97
N ASP H 186 15.18 -22.71 -21.33
CA ASP H 186 15.92 -21.50 -21.65
C ASP H 186 17.40 -21.65 -21.31
N LEU H 187 17.71 -22.31 -20.19
CA LEU H 187 19.12 -22.58 -19.88
C LEU H 187 19.77 -23.46 -20.93
N THR H 188 19.03 -24.45 -21.44
CA THR H 188 19.56 -25.31 -22.50
C THR H 188 19.82 -24.52 -23.78
N ASP H 189 18.85 -23.69 -24.19
CA ASP H 189 19.04 -22.89 -25.41
C ASP H 189 20.23 -21.94 -25.27
N TYR H 190 20.33 -21.28 -24.11
CA TYR H 190 21.48 -20.42 -23.87
C TYR H 190 22.78 -21.21 -23.90
N LEU H 191 22.77 -22.43 -23.35
CA LEU H 191 23.95 -23.27 -23.46
C LEU H 191 24.27 -23.63 -24.91
N MET H 192 23.24 -23.81 -25.74
CA MET H 192 23.50 -24.02 -27.17
C MET H 192 24.23 -22.82 -27.78
N LYS H 193 23.75 -21.62 -27.49
CA LYS H 193 24.40 -20.41 -28.00
C LYS H 193 25.84 -20.26 -27.48
N ILE H 194 26.03 -20.43 -26.18
CA ILE H 194 27.37 -20.33 -25.62
C ILE H 194 28.29 -21.37 -26.26
N LEU H 195 27.84 -22.62 -26.38
CA LEU H 195 28.68 -23.63 -27.03
C LEU H 195 28.95 -23.27 -28.48
N THR H 196 28.01 -22.56 -29.12
CA THR H 196 28.24 -22.00 -30.44
C THR H 196 29.40 -21.00 -30.43
N GLU H 197 29.59 -20.32 -29.30
CA GLU H 197 30.74 -19.42 -29.19
C GLU H 197 32.06 -20.16 -29.42
N ARG H 198 32.13 -21.44 -29.05
CA ARG H 198 33.32 -22.25 -29.33
C ARG H 198 33.27 -22.92 -30.71
N GLY H 199 32.12 -22.86 -31.37
CA GLY H 199 31.95 -23.41 -32.71
C GLY H 199 31.32 -24.77 -32.81
N TYR H 200 30.78 -25.31 -31.72
CA TYR H 200 30.02 -26.56 -31.76
C TYR H 200 28.61 -26.19 -32.19
N SER H 201 28.34 -26.29 -33.48
CA SER H 201 27.03 -25.95 -34.02
C SER H 201 26.03 -27.06 -33.74
N PHE H 202 25.16 -26.82 -32.77
CA PHE H 202 24.02 -27.68 -32.46
C PHE H 202 22.74 -26.97 -32.86
N VAL H 203 21.85 -27.66 -33.56
CA VAL H 203 20.73 -27.01 -34.23
C VAL H 203 19.47 -27.85 -34.07
N THR H 204 19.56 -29.15 -34.34
CA THR H 204 18.38 -29.99 -34.32
C THR H 204 17.87 -30.18 -32.89
N THR H 205 16.59 -30.54 -32.79
CA THR H 205 16.01 -30.93 -31.51
C THR H 205 16.73 -32.13 -30.89
N ALA H 206 17.21 -33.05 -31.72
CA ALA H 206 18.09 -34.11 -31.19
C ALA H 206 19.34 -33.51 -30.58
N GLU H 207 19.96 -32.55 -31.28
CA GLU H 207 21.12 -31.89 -30.69
C GLU H 207 20.73 -31.06 -29.48
N ARG H 208 19.51 -30.51 -29.46
CA ARG H 208 19.00 -29.89 -28.24
C ARG H 208 18.98 -30.87 -27.07
N GLU H 209 18.54 -32.12 -27.30
CA GLU H 209 18.56 -33.14 -26.27
C GLU H 209 19.98 -33.51 -25.84
N ILE H 210 20.90 -33.53 -26.79
CA ILE H 210 22.31 -33.75 -26.47
C ILE H 210 22.84 -32.63 -25.59
N VAL H 211 22.53 -31.38 -25.94
CA VAL H 211 22.95 -30.24 -25.12
C VAL H 211 22.28 -30.26 -23.75
N ARG H 212 21.05 -30.76 -23.67
CA ARG H 212 20.42 -30.96 -22.36
C ARG H 212 21.20 -31.95 -21.51
N ASP H 213 21.64 -33.07 -22.10
CA ASP H 213 22.45 -34.02 -21.34
C ASP H 213 23.79 -33.41 -20.93
N ILE H 214 24.41 -32.64 -21.84
CA ILE H 214 25.64 -31.93 -21.51
C ILE H 214 25.43 -31.02 -20.32
N LYS H 215 24.35 -30.24 -20.35
CA LYS H 215 24.01 -29.36 -19.23
C LYS H 215 23.87 -30.15 -17.95
N GLU H 216 23.09 -31.23 -17.99
CA GLU H 216 22.77 -31.98 -16.78
C GLU H 216 24.00 -32.62 -16.15
N LYS H 217 24.95 -33.07 -16.96
CA LYS H 217 26.20 -33.59 -16.39
C LYS H 217 27.20 -32.50 -16.01
N LEU H 218 27.63 -31.71 -17.00
CA LEU H 218 28.81 -30.85 -16.84
C LEU H 218 28.57 -29.59 -16.00
N CYS H 219 27.37 -29.01 -16.05
CA CYS H 219 27.19 -27.68 -15.45
C CYS H 219 27.27 -27.71 -13.93
N TYR H 220 27.91 -26.67 -13.38
CA TYR H 220 28.02 -26.42 -11.96
C TYR H 220 27.86 -24.91 -11.73
N VAL H 221 27.41 -24.54 -10.53
CA VAL H 221 27.05 -23.16 -10.21
C VAL H 221 28.20 -22.50 -9.46
N ALA H 222 28.62 -21.33 -9.94
CA ALA H 222 29.69 -20.57 -9.31
C ALA H 222 29.25 -20.04 -7.95
N LEU H 223 30.19 -20.04 -7.00
CA LEU H 223 30.04 -19.26 -5.77
C LEU H 223 30.46 -17.81 -5.92
N ASP H 224 31.40 -17.51 -6.82
CA ASP H 224 31.79 -16.13 -7.11
C ASP H 224 32.05 -16.02 -8.61
N PHE H 225 31.02 -15.58 -9.35
CA PHE H 225 31.05 -15.64 -10.81
C PHE H 225 32.26 -14.93 -11.40
N GLU H 226 32.61 -13.76 -10.84
CA GLU H 226 33.76 -13.02 -11.37
C GLU H 226 35.07 -13.74 -11.09
N ASN H 227 35.20 -14.36 -9.91
CA ASN H 227 36.38 -15.16 -9.62
C ASN H 227 36.48 -16.36 -10.54
N GLU H 228 35.35 -16.99 -10.85
CA GLU H 228 35.36 -18.14 -11.75
C GLU H 228 35.74 -17.72 -13.16
N MET H 229 35.19 -16.60 -13.64
CA MET H 229 35.58 -16.07 -14.94
C MET H 229 37.07 -15.79 -15.01
N ALA H 230 37.63 -15.16 -13.96
CA ALA H 230 39.08 -14.95 -13.92
C ALA H 230 39.85 -16.26 -13.88
N THR H 231 39.33 -17.27 -13.19
CA THR H 231 40.00 -18.56 -13.12
C THR H 231 40.03 -19.23 -14.50
N ALA H 232 38.89 -19.27 -15.18
CA ALA H 232 38.81 -19.86 -16.51
C ALA H 232 39.64 -19.08 -17.53
N ALA H 233 39.75 -17.76 -17.36
CA ALA H 233 40.64 -17.00 -18.23
C ALA H 233 42.09 -17.31 -17.96
N SER H 234 42.47 -17.43 -16.69
CA SER H 234 43.86 -17.65 -16.31
C SER H 234 44.29 -19.11 -16.37
N SER H 235 43.35 -20.06 -16.33
CA SER H 235 43.74 -21.47 -16.22
C SER H 235 42.73 -22.34 -16.94
N SER H 236 43.21 -23.47 -17.46
CA SER H 236 42.41 -24.52 -18.08
C SER H 236 41.80 -25.49 -17.09
N SER H 237 42.08 -25.36 -15.80
CA SER H 237 41.73 -26.39 -14.82
C SER H 237 40.23 -26.62 -14.73
N LEU H 238 39.41 -25.64 -15.12
CA LEU H 238 37.96 -25.79 -15.17
C LEU H 238 37.46 -26.53 -16.40
N GLU H 239 38.31 -26.76 -17.39
CA GLU H 239 37.85 -27.35 -18.65
C GLU H 239 37.51 -28.83 -18.49
N LYS H 240 36.46 -29.25 -19.20
CA LYS H 240 36.01 -30.64 -19.22
C LYS H 240 35.83 -31.08 -20.67
N SER H 241 35.95 -32.38 -20.89
CA SER H 241 35.62 -33.00 -22.16
C SER H 241 34.40 -33.90 -22.03
N TYR H 242 33.64 -34.00 -23.12
CA TYR H 242 32.45 -34.83 -23.20
C TYR H 242 32.41 -35.46 -24.59
N GLU H 243 31.76 -36.61 -24.69
CA GLU H 243 31.74 -37.40 -25.91
C GLU H 243 30.33 -37.47 -26.48
N LEU H 244 30.14 -36.93 -27.68
CA LEU H 244 28.85 -36.91 -28.33
C LEU H 244 28.45 -38.31 -28.76
N PRO H 245 27.17 -38.53 -29.11
CA PRO H 245 26.74 -39.89 -29.45
C PRO H 245 27.52 -40.54 -30.58
N ASP H 246 28.03 -39.76 -31.53
CA ASP H 246 28.88 -40.27 -32.60
C ASP H 246 30.35 -40.41 -32.19
N GLY H 247 30.67 -40.29 -30.91
CA GLY H 247 32.03 -40.40 -30.44
C GLY H 247 32.90 -39.16 -30.62
N GLN H 248 32.39 -38.10 -31.25
CA GLN H 248 33.14 -36.86 -31.32
C GLN H 248 33.29 -36.27 -29.92
N VAL H 249 34.43 -35.65 -29.66
CA VAL H 249 34.72 -35.06 -28.35
C VAL H 249 34.49 -33.56 -28.39
N ILE H 250 33.80 -33.07 -27.35
CA ILE H 250 33.53 -31.64 -27.16
C ILE H 250 34.22 -31.23 -25.87
N THR H 251 34.83 -30.04 -25.88
CA THR H 251 35.53 -29.52 -24.71
C THR H 251 34.94 -28.19 -24.30
N ILE H 252 34.75 -28.02 -22.98
CA ILE H 252 33.94 -26.95 -22.42
C ILE H 252 34.66 -26.42 -21.19
N GLY H 253 34.65 -25.09 -21.02
CA GLY H 253 35.34 -24.44 -19.92
C GLY H 253 34.40 -23.57 -19.09
N ASN H 254 34.61 -22.25 -19.17
CA ASN H 254 33.81 -21.29 -18.42
C ASN H 254 32.32 -21.47 -18.69
N GLU H 255 31.99 -21.97 -19.88
CA GLU H 255 30.61 -22.13 -20.31
C GLU H 255 29.80 -22.92 -19.29
N ARG H 256 30.46 -23.85 -18.60
CA ARG H 256 29.76 -24.70 -17.64
C ARG H 256 29.08 -23.88 -16.57
N PHE H 257 29.84 -23.06 -15.84
CA PHE H 257 29.21 -22.23 -14.81
C PHE H 257 28.44 -21.06 -15.40
N ARG H 258 28.89 -20.53 -16.54
CA ARG H 258 28.15 -19.45 -17.19
C ARG H 258 26.70 -19.80 -17.52
N CYS H 259 26.40 -21.08 -17.80
CA CYS H 259 25.00 -21.44 -18.05
C CYS H 259 24.09 -21.31 -16.81
N PRO H 260 24.31 -22.01 -15.70
CA PRO H 260 23.43 -21.83 -14.54
C PRO H 260 23.52 -20.46 -13.88
N GLU H 261 24.64 -19.75 -14.03
CA GLU H 261 24.73 -18.36 -13.56
C GLU H 261 23.61 -17.49 -14.14
N THR H 262 23.10 -17.85 -15.31
CA THR H 262 21.98 -17.15 -15.94
C THR H 262 20.63 -17.48 -15.30
N LEU H 263 20.59 -18.33 -14.27
CA LEU H 263 19.48 -18.23 -13.32
C LEU H 263 19.57 -16.96 -12.48
N PHE H 264 20.75 -16.65 -11.95
CA PHE H 264 20.89 -15.47 -11.11
C PHE H 264 20.88 -14.18 -11.93
N GLN H 265 21.35 -14.23 -13.18
CA GLN H 265 21.47 -13.05 -14.03
C GLN H 265 20.71 -13.25 -15.34
N PRO H 266 19.38 -13.20 -15.31
CA PRO H 266 18.61 -13.40 -16.55
C PRO H 266 18.88 -12.36 -17.62
N SER H 267 19.62 -11.29 -17.28
CA SER H 267 20.17 -10.38 -18.28
C SER H 267 20.91 -11.10 -19.40
N PHE H 268 21.57 -12.22 -19.11
CA PHE H 268 22.20 -13.00 -20.17
C PHE H 268 21.17 -13.60 -21.13
N ILE H 269 19.93 -13.81 -20.70
CA ILE H 269 18.85 -14.09 -21.65
C ILE H 269 18.26 -12.81 -22.23
N GLY H 270 18.58 -11.66 -21.64
CA GLY H 270 17.93 -10.42 -21.98
C GLY H 270 16.70 -10.12 -21.16
N MET H 271 16.35 -10.97 -20.21
CA MET H 271 15.29 -10.67 -19.27
C MET H 271 15.78 -9.65 -18.24
N GLU H 272 14.85 -8.81 -17.77
CA GLU H 272 15.17 -7.85 -16.74
C GLU H 272 14.79 -8.33 -15.34
N SER H 273 13.96 -9.36 -15.23
CA SER H 273 13.55 -9.86 -13.93
C SER H 273 14.75 -10.31 -13.11
N ALA H 274 14.76 -9.94 -11.83
CA ALA H 274 15.88 -10.24 -10.96
C ALA H 274 16.01 -11.76 -10.76
N GLY H 275 17.23 -12.18 -10.41
CA GLY H 275 17.52 -13.60 -10.27
C GLY H 275 16.67 -14.28 -9.21
N ILE H 276 16.82 -15.61 -9.17
CA ILE H 276 16.08 -16.44 -8.22
C ILE H 276 16.34 -16.02 -6.78
N HIS H 277 17.55 -15.55 -6.48
CA HIS H 277 17.86 -15.07 -5.14
C HIS H 277 17.05 -13.81 -4.81
N GLU H 278 17.08 -12.82 -5.70
CA GLU H 278 16.32 -11.60 -5.44
C GLU H 278 14.81 -11.85 -5.52
N THR H 279 14.37 -12.78 -6.38
CA THR H 279 12.96 -13.13 -6.40
C THR H 279 12.52 -13.79 -5.11
N THR H 280 13.36 -14.65 -4.54
CA THR H 280 13.09 -15.22 -3.22
C THR H 280 13.03 -14.14 -2.15
N TYR H 281 14.05 -13.27 -2.12
CA TYR H 281 14.07 -12.22 -1.11
C TYR H 281 12.85 -11.31 -1.22
N ASN H 282 12.50 -10.88 -2.43
CA ASN H 282 11.32 -10.04 -2.63
C ASN H 282 10.04 -10.75 -2.23
N SER H 283 9.92 -12.04 -2.54
CA SER H 283 8.77 -12.80 -2.08
C SER H 283 8.68 -12.85 -0.57
N ILE H 284 9.82 -12.99 0.10
CA ILE H 284 9.87 -12.91 1.56
C ILE H 284 9.45 -11.53 2.05
N MET H 285 9.90 -10.48 1.37
CA MET H 285 9.49 -9.13 1.73
C MET H 285 8.00 -8.90 1.56
N LYS H 286 7.38 -9.55 0.57
CA LYS H 286 5.93 -9.45 0.44
C LYS H 286 5.22 -10.01 1.67
N CYS H 287 5.80 -11.00 2.32
CA CYS H 287 5.21 -11.62 3.48
C CYS H 287 5.21 -10.67 4.68
N ASP H 288 4.19 -10.81 5.53
CA ASP H 288 4.10 -10.00 6.74
C ASP H 288 5.28 -10.26 7.66
N ILE H 289 5.67 -9.23 8.41
CA ILE H 289 7.02 -9.10 8.94
C ILE H 289 7.40 -10.31 9.81
N ASP H 290 6.47 -10.79 10.63
CA ASP H 290 6.77 -11.90 11.54
C ASP H 290 7.07 -13.19 10.77
N ILE H 291 6.36 -13.40 9.66
CA ILE H 291 6.52 -14.59 8.84
C ILE H 291 7.97 -14.74 8.39
N ARG H 292 8.61 -13.62 8.04
CA ARG H 292 9.93 -13.62 7.42
C ARG H 292 10.96 -14.44 8.20
N LYS H 293 11.01 -14.29 9.53
CA LYS H 293 12.02 -15.02 10.29
C LYS H 293 11.92 -16.52 10.06
N ASP H 294 10.69 -17.06 10.12
CA ASP H 294 10.51 -18.49 9.91
C ASP H 294 10.74 -18.88 8.45
N LEU H 295 10.43 -17.98 7.51
CA LEU H 295 10.75 -18.25 6.11
C LEU H 295 12.24 -18.39 5.86
N TYR H 296 13.06 -17.49 6.41
CA TYR H 296 14.51 -17.62 6.27
C TYR H 296 15.03 -18.94 6.84
N ALA H 297 14.41 -19.44 7.90
CA ALA H 297 14.78 -20.74 8.46
C ALA H 297 14.35 -21.93 7.60
N ASN H 298 13.47 -21.73 6.62
CA ASN H 298 12.83 -22.85 5.94
C ASN H 298 12.70 -22.61 4.44
N ASN H 299 13.83 -22.48 3.75
CA ASN H 299 13.84 -22.20 2.32
C ASN H 299 14.08 -23.52 1.58
N VAL H 300 13.05 -24.01 0.91
CA VAL H 300 13.00 -25.37 0.39
C VAL H 300 13.07 -25.32 -1.13
N MET H 301 13.85 -26.22 -1.71
CA MET H 301 14.06 -26.27 -3.15
C MET H 301 13.32 -27.46 -3.74
N SER H 302 12.59 -27.21 -4.83
CA SER H 302 11.64 -28.16 -5.42
C SER H 302 12.24 -28.97 -6.55
N GLY H 303 13.56 -29.12 -6.58
CA GLY H 303 14.21 -29.97 -7.55
C GLY H 303 14.31 -29.42 -8.96
N GLY H 304 14.18 -30.30 -9.95
CA GLY H 304 14.53 -30.00 -11.32
C GLY H 304 15.90 -29.38 -11.51
N THR H 305 15.94 -28.16 -12.06
CA THR H 305 17.23 -27.50 -12.28
C THR H 305 18.00 -27.28 -11.00
N THR H 306 17.33 -27.18 -9.86
CA THR H 306 18.02 -27.00 -8.58
C THR H 306 18.84 -28.23 -8.16
N MET H 307 18.95 -29.22 -9.04
CA MET H 307 19.94 -30.29 -8.86
C MET H 307 21.38 -29.82 -9.03
N TYR H 308 21.61 -28.63 -9.60
CA TYR H 308 22.98 -28.26 -9.96
C TYR H 308 23.89 -28.29 -8.72
N PRO H 309 25.16 -28.65 -8.90
CA PRO H 309 26.14 -28.43 -7.85
C PRO H 309 26.25 -26.95 -7.47
N GLY H 310 26.43 -26.70 -6.17
CA GLY H 310 26.68 -25.35 -5.69
C GLY H 310 25.48 -24.43 -5.57
N ILE H 311 24.33 -24.79 -6.15
CA ILE H 311 23.20 -23.86 -6.23
C ILE H 311 22.77 -23.41 -4.83
N ALA H 312 22.66 -24.35 -3.88
CA ALA H 312 22.21 -23.99 -2.55
C ALA H 312 23.18 -23.08 -1.82
N ASP H 313 24.49 -23.34 -1.97
CA ASP H 313 25.49 -22.46 -1.35
C ASP H 313 25.46 -21.06 -1.94
N ARG H 314 25.36 -20.96 -3.27
CA ARG H 314 25.27 -19.65 -3.92
C ARG H 314 24.02 -18.90 -3.45
N MET H 315 22.88 -19.60 -3.42
CA MET H 315 21.64 -19.00 -2.94
C MET H 315 21.78 -18.50 -1.51
N GLN H 316 22.34 -19.33 -0.62
CA GLN H 316 22.56 -18.91 0.77
C GLN H 316 23.47 -17.67 0.86
N LYS H 317 24.54 -17.64 0.07
CA LYS H 317 25.40 -16.46 0.02
C LYS H 317 24.64 -15.22 -0.42
N GLU H 318 23.83 -15.35 -1.46
CA GLU H 318 23.08 -14.19 -1.97
C GLU H 318 22.05 -13.72 -0.95
N ILE H 319 21.25 -14.65 -0.41
CA ILE H 319 20.20 -14.25 0.53
C ILE H 319 20.80 -13.64 1.79
N THR H 320 21.87 -14.23 2.32
CA THR H 320 22.55 -13.62 3.46
C THR H 320 23.11 -12.23 3.13
N ALA H 321 23.51 -11.99 1.89
CA ALA H 321 23.89 -10.64 1.51
C ALA H 321 22.69 -9.70 1.45
N LEU H 322 21.57 -10.18 0.90
CA LEU H 322 20.38 -9.35 0.75
C LEU H 322 19.68 -9.12 2.08
N ALA H 323 19.40 -10.17 2.84
CA ALA H 323 18.64 -10.05 4.07
C ALA H 323 19.46 -9.39 5.18
N PRO H 324 18.78 -8.83 6.19
CA PRO H 324 19.48 -8.32 7.37
C PRO H 324 20.37 -9.37 8.01
N SER H 325 21.46 -8.89 8.63
CA SER H 325 22.33 -9.74 9.43
C SER H 325 21.60 -10.24 10.68
N THR H 326 22.31 -11.06 11.45
CA THR H 326 21.84 -11.58 12.75
C THR H 326 20.52 -12.33 12.59
N MET H 327 20.43 -13.12 11.54
CA MET H 327 19.19 -13.84 11.22
C MET H 327 19.54 -15.11 10.47
N LYS H 328 19.13 -16.25 11.02
CA LYS H 328 19.47 -17.56 10.46
C LYS H 328 18.81 -17.75 9.10
N ILE H 329 19.62 -17.95 8.07
CA ILE H 329 19.13 -18.26 6.73
C ILE H 329 19.60 -19.66 6.37
N LYS H 330 18.63 -20.54 6.09
CA LYS H 330 18.88 -21.98 5.99
C LYS H 330 18.11 -22.54 4.81
N ILE H 331 18.77 -23.37 4.01
CA ILE H 331 18.23 -23.82 2.73
C ILE H 331 18.16 -25.35 2.74
N ILE H 332 16.96 -25.88 2.50
CA ILE H 332 16.66 -27.31 2.60
C ILE H 332 16.48 -27.86 1.18
N ALA H 333 17.34 -28.79 0.78
CA ALA H 333 17.32 -29.34 -0.57
C ALA H 333 17.75 -30.80 -0.54
N PRO H 334 16.82 -31.70 -0.21
CA PRO H 334 17.16 -33.14 -0.19
C PRO H 334 17.61 -33.62 -1.56
N PRO H 335 18.33 -34.75 -1.61
CA PRO H 335 18.64 -35.35 -2.92
C PRO H 335 17.44 -35.80 -3.73
N GLU H 336 16.31 -36.10 -3.09
CA GLU H 336 15.08 -36.43 -3.79
C GLU H 336 14.32 -35.24 -4.35
N ARG H 337 14.90 -34.04 -4.24
CA ARG H 337 14.17 -32.80 -4.52
C ARG H 337 13.46 -32.81 -5.88
N LYS H 338 14.03 -33.49 -6.88
CA LYS H 338 13.38 -33.61 -8.17
C LYS H 338 12.10 -34.43 -8.11
N TYR H 339 12.17 -35.63 -7.54
CA TYR H 339 11.00 -36.46 -7.26
C TYR H 339 10.07 -35.84 -6.24
N SER H 340 10.57 -34.96 -5.38
CA SER H 340 9.83 -34.48 -4.22
C SER H 340 8.44 -33.92 -4.54
N VAL H 341 8.25 -33.28 -5.69
CA VAL H 341 6.89 -32.91 -6.09
C VAL H 341 5.98 -34.14 -6.22
N TRP H 342 6.45 -35.16 -6.92
CA TRP H 342 5.65 -36.39 -7.02
C TRP H 342 5.47 -37.03 -5.66
N ILE H 343 6.55 -37.10 -4.88
CA ILE H 343 6.47 -37.74 -3.56
C ILE H 343 5.43 -37.04 -2.70
N GLY H 344 5.38 -35.70 -2.76
CA GLY H 344 4.35 -34.97 -2.08
C GLY H 344 2.95 -35.36 -2.53
N GLY H 345 2.76 -35.51 -3.85
CA GLY H 345 1.48 -36.00 -4.33
C GLY H 345 1.13 -37.39 -3.82
N SER H 346 2.13 -38.28 -3.80
CA SER H 346 1.97 -39.64 -3.29
C SER H 346 1.58 -39.64 -1.82
N ILE H 347 2.11 -38.71 -1.04
CA ILE H 347 1.71 -38.57 0.34
C ILE H 347 0.28 -38.05 0.42
N LEU H 348 0.01 -36.97 -0.30
CA LEU H 348 -1.26 -36.25 -0.13
C LEU H 348 -2.44 -37.14 -0.48
N ALA H 349 -2.37 -37.82 -1.64
CA ALA H 349 -3.41 -38.75 -2.03
C ALA H 349 -3.64 -39.85 -1.00
N SER H 350 -2.60 -40.26 -0.27
CA SER H 350 -2.76 -41.33 0.70
C SER H 350 -3.50 -40.86 1.96
N LEU H 351 -3.41 -39.58 2.30
CA LEU H 351 -3.91 -39.10 3.58
C LEU H 351 -5.41 -39.37 3.71
N SER H 352 -5.79 -40.05 4.80
CA SER H 352 -7.21 -40.28 5.07
C SER H 352 -8.00 -38.97 5.14
N THR H 353 -7.40 -37.93 5.73
CA THR H 353 -8.05 -36.62 5.77
C THR H 353 -8.30 -36.06 4.38
N PHE H 354 -7.45 -36.41 3.41
CA PHE H 354 -7.50 -35.76 2.11
C PHE H 354 -8.70 -36.22 1.29
N GLN H 355 -9.12 -37.49 1.44
CA GLN H 355 -9.93 -38.14 0.40
C GLN H 355 -11.20 -37.35 0.08
N GLN H 356 -11.78 -36.67 1.07
CA GLN H 356 -12.96 -35.85 0.79
C GLN H 356 -12.65 -34.66 -0.11
N MET H 357 -11.37 -34.31 -0.29
CA MET H 357 -10.98 -33.32 -1.29
C MET H 357 -11.18 -33.80 -2.72
N TRP H 358 -11.31 -35.10 -2.95
CA TRP H 358 -11.53 -35.61 -4.31
C TRP H 358 -12.71 -34.89 -4.96
N ILE H 359 -12.58 -34.69 -6.28
CA ILE H 359 -13.70 -34.31 -7.14
C ILE H 359 -14.19 -35.55 -7.84
N THR H 360 -15.49 -35.82 -7.72
CA THR H 360 -16.08 -37.04 -8.28
C THR H 360 -16.76 -36.71 -9.60
N LYS H 361 -16.84 -37.70 -10.47
CA LYS H 361 -17.41 -37.50 -11.79
C LYS H 361 -18.83 -36.94 -11.71
N GLN H 362 -19.58 -37.33 -10.69
CA GLN H 362 -20.87 -36.71 -10.42
C GLN H 362 -20.78 -35.19 -10.27
N GLU H 363 -19.89 -34.74 -9.38
CA GLU H 363 -19.67 -33.30 -9.20
C GLU H 363 -19.21 -32.61 -10.48
N TYR H 364 -18.32 -33.24 -11.25
CA TYR H 364 -17.92 -32.64 -12.52
C TYR H 364 -19.10 -32.60 -13.49
N ASP H 365 -19.99 -33.58 -13.42
CA ASP H 365 -21.20 -33.59 -14.20
C ASP H 365 -22.29 -32.69 -13.62
N GLU H 366 -22.01 -32.00 -12.52
CA GLU H 366 -23.03 -31.15 -11.92
C GLU H 366 -22.53 -29.75 -11.63
N ALA H 367 -21.30 -29.59 -11.13
CA ALA H 367 -20.75 -28.26 -10.90
C ALA H 367 -20.12 -27.65 -12.16
N GLY H 368 -20.33 -28.28 -13.31
CA GLY H 368 -19.53 -28.03 -14.49
C GLY H 368 -18.05 -28.21 -14.24
N PRO H 369 -17.23 -27.43 -14.95
CA PRO H 369 -15.80 -27.39 -14.59
C PRO H 369 -15.53 -26.74 -13.24
N SER H 370 -16.27 -25.69 -12.91
CA SER H 370 -15.79 -24.63 -12.02
C SER H 370 -15.21 -25.15 -10.71
N ILE H 371 -15.70 -26.30 -10.23
CA ILE H 371 -15.18 -26.93 -9.01
C ILE H 371 -13.67 -27.18 -9.04
N VAL H 372 -13.11 -27.42 -10.22
CA VAL H 372 -11.65 -27.55 -10.33
C VAL H 372 -10.92 -26.27 -9.92
N HIS H 373 -11.56 -25.10 -10.12
CA HIS H 373 -11.02 -23.83 -9.63
C HIS H 373 -11.05 -23.66 -8.12
N ARG H 374 -11.71 -24.54 -7.35
CA ARG H 374 -11.99 -24.23 -5.95
C ARG H 374 -10.72 -23.82 -5.21
N LYS H 375 -9.62 -24.54 -5.46
CA LYS H 375 -8.33 -24.28 -4.83
C LYS H 375 -7.30 -23.85 -5.85
N CYS H 376 -7.72 -23.09 -6.87
CA CYS H 376 -6.85 -22.77 -7.99
C CYS H 376 -5.56 -22.10 -7.53
N PHE H 377 -5.64 -21.27 -6.48
CA PHE H 377 -4.47 -20.61 -5.91
C PHE H 377 -3.69 -19.81 -6.95
N MET I 1 3.57 -6.79 52.73
CA MET I 1 3.16 -6.62 51.35
C MET I 1 2.47 -7.89 50.83
N GLY I 2 2.91 -9.04 51.33
CA GLY I 2 2.31 -10.30 50.90
C GLY I 2 0.81 -10.33 51.13
N VAL I 3 0.13 -11.06 50.24
CA VAL I 3 -1.33 -11.02 50.21
C VAL I 3 -1.92 -11.46 51.55
N ALA I 4 -1.34 -12.51 52.15
CA ALA I 4 -1.81 -13.00 53.44
C ALA I 4 -1.75 -11.93 54.52
N ASP I 5 -0.68 -11.12 54.52
CA ASP I 5 -0.56 -10.06 55.51
C ASP I 5 -1.63 -8.99 55.33
N LEU I 6 -1.89 -8.61 54.08
CA LEU I 6 -2.94 -7.62 53.84
C LEU I 6 -4.31 -8.16 54.23
N ILE I 7 -4.56 -9.45 53.93
CA ILE I 7 -5.81 -10.08 54.35
C ILE I 7 -5.96 -9.99 55.87
N LYS I 8 -4.91 -10.39 56.60
CA LYS I 8 -4.96 -10.35 58.06
C LYS I 8 -5.13 -8.93 58.58
N LYS I 9 -4.55 -7.95 57.89
CA LYS I 9 -4.74 -6.55 58.25
C LYS I 9 -6.19 -6.10 58.12
N PHE I 10 -6.82 -6.37 56.97
CA PHE I 10 -8.19 -5.92 56.78
C PHE I 10 -9.18 -6.73 57.61
N GLU I 11 -8.94 -8.04 57.77
CA GLU I 11 -9.78 -8.83 58.67
C GLU I 11 -9.63 -8.38 60.12
N SER I 12 -8.45 -7.87 60.50
CA SER I 12 -8.30 -7.27 61.82
C SER I 12 -9.06 -5.96 61.92
N ILE I 13 -9.01 -5.14 60.88
CA ILE I 13 -9.76 -3.89 60.85
C ILE I 13 -11.25 -4.20 60.80
N THR J 7 -12.52 -25.09 49.05
CA THR J 7 -13.36 -24.37 48.11
C THR J 7 -12.74 -23.03 47.76
N THR J 8 -11.61 -23.06 47.05
CA THR J 8 -10.89 -21.84 46.74
C THR J 8 -11.66 -21.02 45.71
N ALA J 9 -11.99 -19.79 46.07
CA ALA J 9 -12.65 -18.89 45.13
C ALA J 9 -11.74 -18.57 43.95
N LEU J 10 -12.35 -18.24 42.82
CA LEU J 10 -11.61 -17.73 41.69
C LEU J 10 -11.69 -16.21 41.63
N VAL J 11 -10.62 -15.60 41.15
CA VAL J 11 -10.56 -14.16 40.92
C VAL J 11 -10.06 -13.95 39.49
N CYS J 12 -10.88 -13.29 38.68
CA CYS J 12 -10.56 -13.06 37.27
C CYS J 12 -10.65 -11.57 37.02
N ASP J 13 -9.57 -10.98 36.53
CA ASP J 13 -9.53 -9.59 36.10
C ASP J 13 -9.49 -9.57 34.58
N ASN J 14 -10.51 -8.99 33.96
CA ASN J 14 -10.59 -8.95 32.51
C ASN J 14 -10.13 -7.56 32.09
N GLY J 15 -8.85 -7.46 31.78
CA GLY J 15 -8.30 -6.22 31.29
C GLY J 15 -8.63 -5.96 29.83
N SER J 16 -8.57 -4.68 29.46
CA SER J 16 -8.77 -4.31 28.07
C SER J 16 -7.69 -4.91 27.18
N GLY J 17 -6.51 -5.18 27.73
CA GLY J 17 -5.43 -5.74 26.96
C GLY J 17 -4.83 -7.03 27.48
N LEU J 18 -4.89 -7.26 28.79
CA LEU J 18 -4.40 -8.49 29.39
C LEU J 18 -5.44 -9.09 30.32
N VAL J 19 -5.60 -10.41 30.25
CA VAL J 19 -6.52 -11.15 31.11
C VAL J 19 -5.71 -11.79 32.23
N LYS J 20 -6.17 -11.59 33.47
CA LYS J 20 -5.44 -11.95 34.69
C LYS J 20 -6.36 -12.76 35.60
N ALA J 21 -6.08 -14.05 35.76
CA ALA J 21 -6.98 -14.91 36.50
C ALA J 21 -6.19 -15.80 37.44
N GLY J 22 -6.68 -15.89 38.68
CA GLY J 22 -5.87 -16.36 39.79
C GLY J 22 -6.75 -16.84 40.92
N PHE J 23 -6.22 -17.74 41.73
CA PHE J 23 -6.97 -18.29 42.86
C PHE J 23 -6.77 -17.40 44.08
N ALA J 24 -7.85 -17.18 44.83
CA ALA J 24 -7.84 -16.19 45.89
C ALA J 24 -6.81 -16.52 46.96
N GLY J 25 -6.09 -15.49 47.42
CA GLY J 25 -5.01 -15.67 48.36
C GLY J 25 -3.66 -15.97 47.75
N ASP J 26 -3.60 -16.29 46.46
CA ASP J 26 -2.32 -16.37 45.77
C ASP J 26 -1.70 -14.99 45.60
N ASP J 27 -0.36 -14.96 45.58
CA ASP J 27 0.36 -13.69 45.51
C ASP J 27 0.41 -13.11 44.11
N ALA J 28 0.11 -13.89 43.07
CA ALA J 28 0.21 -13.40 41.71
C ALA J 28 -0.82 -14.11 40.85
N PRO J 29 -1.26 -13.48 39.75
CA PRO J 29 -2.06 -14.21 38.75
C PRO J 29 -1.28 -15.34 38.11
N ARG J 30 -2.02 -16.34 37.64
CA ARG J 30 -1.44 -17.45 36.89
C ARG J 30 -1.59 -17.26 35.38
N ALA J 31 -2.80 -16.98 34.92
CA ALA J 31 -3.01 -16.52 33.54
C ALA J 31 -2.70 -15.04 33.43
N VAL J 32 -1.88 -14.68 32.44
CA VAL J 32 -1.60 -13.28 32.15
C VAL J 32 -1.66 -13.06 30.64
N PHE J 33 -2.30 -13.98 29.92
CA PHE J 33 -2.22 -13.99 28.47
C PHE J 33 -2.97 -12.79 27.88
N PRO J 34 -2.61 -12.39 26.66
CA PRO J 34 -3.26 -11.23 26.04
C PRO J 34 -4.74 -11.45 25.75
N SER J 35 -5.51 -10.37 25.90
CA SER J 35 -6.93 -10.32 25.57
C SER J 35 -7.20 -10.34 24.07
N ILE J 36 -6.81 -11.41 23.38
CA ILE J 36 -6.73 -11.39 21.92
C ILE J 36 -7.38 -12.65 21.36
N VAL J 37 -8.19 -12.49 20.33
CA VAL J 37 -8.64 -13.57 19.45
C VAL J 37 -8.22 -13.23 18.03
N GLY J 38 -7.74 -14.25 17.31
CA GLY J 38 -7.34 -14.07 15.92
C GLY J 38 -7.97 -15.11 15.02
N ARG J 39 -8.24 -14.69 13.79
CA ARG J 39 -8.81 -15.59 12.79
C ARG J 39 -8.11 -15.38 11.45
N PRO J 40 -7.75 -16.45 10.75
CA PRO J 40 -6.87 -16.32 9.59
C PRO J 40 -7.48 -15.45 8.50
N ARG J 41 -6.75 -14.41 8.11
CA ARG J 41 -7.10 -13.69 6.88
C ARG J 41 -6.70 -14.47 5.63
N HIS J 42 -5.59 -15.21 5.69
CA HIS J 42 -5.09 -15.93 4.52
C HIS J 42 -5.80 -17.25 4.30
N GLN J 43 -5.71 -17.71 3.05
CA GLN J 43 -6.28 -19.00 2.65
C GLN J 43 -5.48 -20.18 3.20
N GLY J 44 -6.20 -21.15 3.77
CA GLY J 44 -5.60 -22.41 4.16
C GLY J 44 -5.52 -23.36 2.96
N VAL J 45 -4.41 -24.09 2.87
CA VAL J 45 -4.25 -25.07 1.81
C VAL J 45 -3.81 -26.43 2.35
N MET J 46 -2.87 -26.45 3.29
CA MET J 46 -2.47 -27.71 3.92
C MET J 46 -3.56 -28.16 4.87
N VAL J 47 -4.38 -29.12 4.41
CA VAL J 47 -5.56 -29.57 5.13
C VAL J 47 -5.23 -30.06 6.54
N GLY J 48 -4.04 -30.61 6.74
CA GLY J 48 -3.62 -31.00 8.06
C GLY J 48 -3.25 -29.86 8.98
N MET J 49 -3.21 -28.63 8.48
CA MET J 49 -2.62 -27.52 9.20
C MET J 49 -3.59 -26.38 9.51
N GLY J 50 -4.65 -26.21 8.72
CA GLY J 50 -5.66 -25.23 9.09
C GLY J 50 -6.47 -25.67 10.29
N GLN J 51 -5.79 -25.88 11.42
CA GLN J 51 -6.34 -26.68 12.50
C GLN J 51 -7.50 -25.99 13.21
N LYS J 52 -7.44 -24.66 13.33
CA LYS J 52 -8.45 -23.90 14.04
C LYS J 52 -8.85 -22.67 13.26
N ASP J 53 -10.13 -22.33 13.32
CA ASP J 53 -10.63 -21.07 12.79
C ASP J 53 -10.37 -19.87 13.70
N SER J 54 -9.95 -20.10 14.94
CA SER J 54 -9.76 -19.01 15.88
C SER J 54 -8.71 -19.42 16.92
N TYR J 55 -8.08 -18.40 17.50
CA TYR J 55 -6.94 -18.60 18.40
C TYR J 55 -7.03 -17.64 19.56
N VAL J 56 -6.53 -18.07 20.71
CA VAL J 56 -6.50 -17.29 21.94
C VAL J 56 -5.10 -16.71 22.17
N GLY J 57 -5.08 -15.59 22.92
CA GLY J 57 -4.06 -14.57 22.77
C GLY J 57 -2.62 -15.05 22.76
N ASP J 58 -2.27 -16.03 23.58
CA ASP J 58 -0.89 -16.50 23.53
C ASP J 58 -0.58 -17.25 22.23
N GLU J 59 -1.42 -18.22 21.88
CA GLU J 59 -1.28 -18.92 20.61
C GLU J 59 -1.49 -17.97 19.43
N ALA J 60 -2.52 -17.11 19.54
CA ALA J 60 -2.79 -16.08 18.56
C ALA J 60 -1.63 -15.11 18.34
N GLN J 61 -0.82 -14.84 19.37
CA GLN J 61 0.32 -13.95 19.13
C GLN J 61 1.36 -14.58 18.22
N SER J 62 1.73 -15.83 18.47
CA SER J 62 2.68 -16.47 17.56
C SER J 62 2.11 -16.59 16.15
N LYS J 63 0.89 -17.10 16.04
CA LYS J 63 0.15 -17.11 14.76
C LYS J 63 -0.09 -15.73 14.13
N ARG J 64 -0.01 -14.63 14.87
CA ARG J 64 -0.46 -13.32 14.38
C ARG J 64 0.09 -12.94 13.01
N GLY J 65 1.31 -13.41 12.68
CA GLY J 65 1.83 -13.11 11.35
C GLY J 65 0.93 -13.51 10.20
N ILE J 66 0.30 -14.69 10.27
CA ILE J 66 -0.84 -14.93 9.39
C ILE J 66 -2.12 -14.25 9.87
N LEU J 67 -2.41 -14.27 11.17
CA LEU J 67 -3.74 -13.89 11.61
C LEU J 67 -3.99 -12.38 11.52
N THR J 68 -5.26 -12.02 11.38
CA THR J 68 -5.77 -10.75 11.88
C THR J 68 -6.09 -10.89 13.36
N LEU J 69 -5.70 -9.89 14.15
CA LEU J 69 -6.03 -9.88 15.57
C LEU J 69 -7.09 -8.83 15.87
N LYS J 70 -8.03 -9.19 16.74
CA LYS J 70 -9.03 -8.27 17.25
C LYS J 70 -9.07 -8.37 18.77
N TYR J 71 -9.21 -7.22 19.44
CA TYR J 71 -9.52 -7.24 20.85
C TYR J 71 -11.03 -7.30 21.06
N PRO J 72 -11.52 -8.17 21.96
CA PRO J 72 -12.95 -8.20 22.23
C PRO J 72 -13.43 -7.08 23.14
N ILE J 73 -12.53 -6.41 23.86
CA ILE J 73 -12.87 -5.30 24.73
C ILE J 73 -12.35 -4.02 24.11
N GLU J 74 -13.18 -2.98 24.08
CA GLU J 74 -12.71 -1.63 23.82
C GLU J 74 -13.08 -0.67 24.95
N GLY J 76 -12.79 -0.84 28.23
CA GLY J 76 -13.51 -1.51 29.30
C GLY J 76 -14.92 -1.93 28.96
N ILE J 77 -15.26 -1.89 27.66
CA ILE J 77 -16.56 -2.29 27.17
C ILE J 77 -16.35 -3.52 26.30
N ILE J 78 -17.26 -4.48 26.39
CA ILE J 78 -17.12 -5.74 25.65
C ILE J 78 -17.97 -5.66 24.39
N THR J 79 -17.31 -5.75 23.24
CA THR J 79 -17.93 -5.49 21.94
C THR J 79 -18.05 -6.73 21.07
N ASN J 80 -17.48 -7.86 21.48
CA ASN J 80 -17.62 -9.13 20.77
C ASN J 80 -17.79 -10.23 21.83
N TRP J 81 -19.04 -10.50 22.19
CA TRP J 81 -19.31 -11.46 23.26
C TRP J 81 -18.90 -12.88 22.87
N ASP J 82 -18.98 -13.25 21.59
CA ASP J 82 -18.56 -14.57 21.17
C ASP J 82 -17.08 -14.80 21.46
N ASP J 83 -16.23 -13.85 21.06
CA ASP J 83 -14.81 -13.97 21.38
C ASP J 83 -14.56 -13.85 22.88
N MET J 84 -15.38 -13.07 23.59
CA MET J 84 -15.20 -12.98 25.04
C MET J 84 -15.53 -14.31 25.72
N GLU J 85 -16.56 -15.01 25.23
CA GLU J 85 -16.83 -16.36 25.70
C GLU J 85 -15.68 -17.31 25.38
N LYS J 86 -15.06 -17.13 24.21
CA LYS J 86 -13.85 -17.90 23.90
C LYS J 86 -12.75 -17.63 24.93
N ILE J 87 -12.54 -16.35 25.23
CA ILE J 87 -11.51 -15.95 26.19
C ILE J 87 -11.76 -16.59 27.55
N TRP J 88 -12.98 -16.48 28.07
CA TRP J 88 -13.27 -17.08 29.37
C TRP J 88 -13.18 -18.61 29.33
N HIS J 89 -13.69 -19.24 28.27
CA HIS J 89 -13.61 -20.69 28.16
C HIS J 89 -12.16 -21.17 28.21
N HIS J 90 -11.28 -20.53 27.43
CA HIS J 90 -9.87 -20.87 27.49
C HIS J 90 -9.25 -20.54 28.84
N THR J 91 -9.68 -19.45 29.47
CA THR J 91 -9.17 -19.08 30.78
C THR J 91 -9.46 -20.16 31.81
N PHE J 92 -10.70 -20.62 31.86
CA PHE J 92 -11.07 -21.59 32.89
C PHE J 92 -10.54 -22.98 32.57
N TYR J 93 -10.81 -23.50 31.37
CA TYR J 93 -10.38 -24.87 31.10
C TYR J 93 -8.89 -25.01 30.76
N ASN J 94 -8.40 -24.23 29.78
CA ASN J 94 -7.02 -24.39 29.33
C ASN J 94 -5.98 -23.82 30.30
N GLU J 95 -6.22 -22.62 30.83
CA GLU J 95 -5.22 -22.03 31.72
C GLU J 95 -5.34 -22.56 33.15
N LEU J 96 -6.49 -22.38 33.78
CA LEU J 96 -6.58 -22.70 35.19
C LEU J 96 -6.94 -24.15 35.47
N ARG J 97 -7.28 -24.93 34.44
CA ARG J 97 -7.60 -26.35 34.60
C ARG J 97 -8.64 -26.58 35.70
N VAL J 98 -9.65 -25.72 35.75
CA VAL J 98 -10.56 -25.68 36.89
C VAL J 98 -11.99 -25.79 36.38
N ALA J 99 -12.80 -26.54 37.12
CA ALA J 99 -14.20 -26.80 36.80
C ALA J 99 -15.14 -25.81 37.47
N PRO J 100 -15.64 -24.81 36.75
CA PRO J 100 -16.26 -23.64 37.41
C PRO J 100 -17.52 -23.97 38.20
N GLU J 101 -18.06 -25.17 38.06
CA GLU J 101 -19.17 -25.64 38.88
C GLU J 101 -18.89 -25.50 40.38
N GLU J 102 -17.62 -25.53 40.79
CA GLU J 102 -17.26 -25.49 42.20
C GLU J 102 -16.59 -24.21 42.65
N HIS J 103 -16.32 -23.26 41.74
CA HIS J 103 -15.43 -22.15 42.03
C HIS J 103 -16.09 -20.79 41.86
N PRO J 104 -16.73 -20.26 42.91
CA PRO J 104 -17.36 -18.94 42.81
C PRO J 104 -16.33 -17.89 42.43
N THR J 105 -16.79 -16.84 41.75
CA THR J 105 -15.90 -16.03 40.92
C THR J 105 -16.07 -14.56 41.25
N LEU J 106 -14.93 -13.85 41.27
CA LEU J 106 -14.88 -12.40 41.36
C LEU J 106 -14.45 -11.82 40.01
N LEU J 107 -15.15 -10.80 39.55
CA LEU J 107 -14.88 -10.16 38.27
C LEU J 107 -14.74 -8.66 38.45
N THR J 108 -13.98 -8.05 37.54
CA THR J 108 -13.58 -6.65 37.66
C THR J 108 -14.14 -5.85 36.50
N GLU J 109 -14.34 -4.55 36.74
CA GLU J 109 -14.82 -3.63 35.71
C GLU J 109 -14.29 -2.23 35.99
N ALA J 110 -14.15 -1.44 34.94
CA ALA J 110 -13.93 -0.01 35.10
C ALA J 110 -15.18 0.66 35.66
N PRO J 111 -15.02 1.76 36.39
CA PRO J 111 -16.20 2.53 36.82
C PRO J 111 -16.83 3.28 35.65
N LEU J 112 -18.09 3.67 35.87
CA LEU J 112 -18.92 4.34 34.86
C LEU J 112 -19.02 3.53 33.58
N ASN J 113 -18.94 2.21 33.68
CA ASN J 113 -19.20 1.35 32.53
C ASN J 113 -20.69 1.26 32.26
N PRO J 114 -21.08 0.89 31.04
CA PRO J 114 -22.49 0.58 30.80
C PRO J 114 -22.97 -0.58 31.65
N LYS J 115 -24.16 -0.41 32.25
CA LYS J 115 -24.70 -1.42 33.14
C LYS J 115 -25.01 -2.71 32.39
N ALA J 116 -25.37 -2.58 31.10
CA ALA J 116 -25.61 -3.76 30.28
C ALA J 116 -24.39 -4.67 30.24
N ASN J 117 -23.18 -4.10 30.25
CA ASN J 117 -21.98 -4.93 30.19
C ASN J 117 -21.90 -5.85 31.41
N ARG J 118 -22.13 -5.29 32.60
CA ARG J 118 -22.10 -6.09 33.81
C ARG J 118 -23.22 -7.12 33.82
N GLU J 119 -24.42 -6.72 33.39
CA GLU J 119 -25.53 -7.66 33.31
C GLU J 119 -25.20 -8.83 32.39
N LYS J 120 -24.74 -8.53 31.18
CA LYS J 120 -24.49 -9.57 30.20
C LYS J 120 -23.36 -10.50 30.65
N MET J 121 -22.29 -9.94 31.21
CA MET J 121 -21.23 -10.74 31.80
C MET J 121 -21.77 -11.68 32.88
N THR J 122 -22.61 -11.16 33.79
CA THR J 122 -23.15 -12.00 34.84
C THR J 122 -24.03 -13.11 34.26
N GLN J 123 -24.87 -12.74 33.29
CA GLN J 123 -25.76 -13.71 32.64
C GLN J 123 -24.97 -14.84 31.99
N ILE J 124 -23.90 -14.49 31.28
CA ILE J 124 -23.00 -15.50 30.72
C ILE J 124 -22.41 -16.37 31.82
N MET J 125 -21.89 -15.74 32.87
CA MET J 125 -21.21 -16.50 33.93
C MET J 125 -22.13 -17.54 34.56
N PHE J 126 -23.35 -17.14 34.92
CA PHE J 126 -24.27 -18.12 35.49
C PHE J 126 -24.79 -19.13 34.47
N GLU J 127 -25.35 -18.65 33.35
CA GLU J 127 -26.06 -19.55 32.44
C GLU J 127 -25.12 -20.44 31.64
N THR J 128 -24.06 -19.87 31.07
CA THR J 128 -23.13 -20.64 30.26
C THR J 128 -22.19 -21.51 31.09
N PHE J 129 -21.53 -20.91 32.09
CA PHE J 129 -20.53 -21.64 32.86
C PHE J 129 -21.07 -22.31 34.11
N ASN J 130 -22.33 -22.02 34.50
CA ASN J 130 -22.94 -22.61 35.69
C ASN J 130 -22.16 -22.27 36.96
N VAL J 131 -21.55 -21.08 36.98
CA VAL J 131 -20.83 -20.65 38.18
C VAL J 131 -21.81 -20.50 39.34
N PRO J 132 -21.49 -20.98 40.54
CA PRO J 132 -22.49 -20.99 41.62
C PRO J 132 -22.63 -19.68 42.38
N ALA J 133 -21.58 -18.86 42.42
CA ALA J 133 -21.66 -17.57 43.06
C ALA J 133 -20.71 -16.58 42.38
N MET J 134 -21.07 -15.31 42.42
CA MET J 134 -20.33 -14.28 41.70
C MET J 134 -20.39 -12.99 42.48
N TYR J 135 -19.35 -12.15 42.31
CA TYR J 135 -19.40 -10.74 42.65
C TYR J 135 -18.62 -9.93 41.62
N VAL J 136 -19.00 -8.66 41.46
CA VAL J 136 -18.26 -7.71 40.64
C VAL J 136 -17.75 -6.58 41.52
N ALA J 137 -16.47 -6.26 41.37
CA ALA J 137 -15.76 -5.36 42.26
C ALA J 137 -15.09 -4.25 41.44
N ILE J 138 -14.88 -3.10 42.08
CA ILE J 138 -14.42 -1.90 41.37
C ILE J 138 -12.91 -1.76 41.56
N GLN J 139 -12.21 -1.59 40.43
CA GLN J 139 -10.77 -1.80 40.38
C GLN J 139 -9.99 -0.85 41.30
N ALA J 140 -10.48 0.37 41.51
CA ALA J 140 -9.83 1.28 42.46
C ALA J 140 -9.83 0.75 43.89
N VAL J 141 -10.94 0.17 44.32
CA VAL J 141 -11.00 -0.40 45.67
C VAL J 141 -10.00 -1.53 45.82
N LEU J 142 -9.92 -2.40 44.81
CA LEU J 142 -8.91 -3.44 44.79
C LEU J 142 -7.50 -2.86 44.83
N SER J 143 -7.27 -1.76 44.11
CA SER J 143 -5.95 -1.13 44.13
C SER J 143 -5.59 -0.61 45.52
N LEU J 144 -6.57 -0.13 46.27
CA LEU J 144 -6.31 0.31 47.63
C LEU J 144 -6.05 -0.87 48.57
N TYR J 145 -6.81 -1.96 48.43
CA TYR J 145 -6.49 -3.15 49.20
C TYR J 145 -5.08 -3.65 48.91
N ALA J 146 -4.68 -3.66 47.64
CA ALA J 146 -3.31 -4.01 47.30
C ALA J 146 -2.31 -3.03 47.91
N SER J 147 -2.70 -1.77 48.09
CA SER J 147 -1.81 -0.77 48.65
C SER J 147 -1.99 -0.59 50.15
N GLY J 148 -2.71 -1.50 50.81
CA GLY J 148 -2.69 -1.57 52.26
C GLY J 148 -3.26 -0.37 52.99
N ARG J 149 -4.15 0.39 52.36
CA ARG J 149 -4.64 1.61 53.01
C ARG J 149 -6.07 1.86 52.59
N THR J 150 -6.78 2.63 53.44
CA THR J 150 -8.20 2.91 53.26
C THR J 150 -8.53 4.38 53.05
N THR J 151 -7.54 5.27 53.07
CA THR J 151 -7.69 6.61 52.53
C THR J 151 -6.71 6.76 51.38
N GLY J 152 -7.25 6.92 50.17
CA GLY J 152 -6.44 7.08 48.98
C GLY J 152 -7.22 7.74 47.87
N ILE J 153 -6.48 8.37 46.97
CA ILE J 153 -6.95 8.65 45.62
C ILE J 153 -6.20 7.70 44.68
N VAL J 154 -6.92 7.05 43.79
CA VAL J 154 -6.37 6.05 42.90
C VAL J 154 -6.36 6.58 41.47
N LEU J 155 -5.20 6.51 40.83
CA LEU J 155 -5.09 6.76 39.41
C LEU J 155 -4.88 5.42 38.72
N ASP J 156 -5.67 5.14 37.68
CA ASP J 156 -5.60 3.89 36.96
C ASP J 156 -5.33 4.20 35.50
N SER J 157 -4.61 3.29 34.83
CA SER J 157 -4.51 3.37 33.37
C SER J 157 -4.11 1.99 32.84
N GLY J 158 -5.11 1.21 32.45
CA GLY J 158 -4.88 -0.08 31.83
C GLY J 158 -4.54 0.08 30.37
N ASP J 159 -4.95 -0.90 29.56
CA ASP J 159 -4.87 -0.71 28.12
C ASP J 159 -5.93 0.26 27.62
N GLY J 160 -7.06 0.36 28.31
CA GLY J 160 -8.16 1.17 27.83
C GLY J 160 -8.46 2.40 28.66
N VAL J 161 -9.25 2.23 29.73
CA VAL J 161 -9.64 3.36 30.55
C VAL J 161 -8.47 3.93 31.34
N THR J 162 -8.52 5.24 31.57
CA THR J 162 -7.87 5.89 32.70
C THR J 162 -8.96 6.46 33.59
N HIS J 163 -8.89 6.18 34.90
CA HIS J 163 -9.85 6.78 35.81
C HIS J 163 -9.23 7.09 37.16
N ASN J 164 -9.81 8.10 37.81
CA ASN J 164 -9.40 8.59 39.13
C ASN J 164 -10.56 8.39 40.10
N VAL J 165 -10.31 7.71 41.21
CA VAL J 165 -11.32 7.50 42.24
C VAL J 165 -10.75 7.87 43.60
N PRO J 166 -11.39 8.78 44.35
CA PRO J 166 -11.01 9.05 45.74
C PRO J 166 -11.77 8.18 46.73
N ILE J 167 -11.02 7.67 47.72
CA ILE J 167 -11.59 6.89 48.82
C ILE J 167 -11.05 7.46 50.13
N TYR J 168 -11.92 7.55 51.13
CA TYR J 168 -11.55 8.06 52.44
C TYR J 168 -12.19 7.21 53.51
N GLU J 169 -11.36 6.65 54.40
CA GLU J 169 -11.81 5.72 55.43
C GLU J 169 -12.68 4.60 54.85
N GLY J 170 -12.44 4.23 53.59
CA GLY J 170 -13.27 3.24 52.97
C GLY J 170 -14.59 3.72 52.43
N TYR J 171 -14.85 5.03 52.45
CA TYR J 171 -16.03 5.60 51.81
C TYR J 171 -15.64 6.18 50.46
N ALA J 172 -16.44 5.89 49.44
CA ALA J 172 -16.15 6.29 48.07
C ALA J 172 -16.95 7.51 47.67
N LEU J 173 -16.33 8.38 46.87
CA LEU J 173 -16.92 9.66 46.48
C LEU J 173 -17.40 9.62 45.03
N PRO J 174 -18.63 9.16 44.76
CA PRO J 174 -19.02 8.85 43.37
C PRO J 174 -18.93 10.04 42.43
N HIS J 175 -19.18 11.25 42.94
CA HIS J 175 -19.12 12.46 42.12
C HIS J 175 -17.69 12.84 41.77
N ALA J 176 -16.73 12.54 42.65
CA ALA J 176 -15.32 12.85 42.39
C ALA J 176 -14.68 11.95 41.36
N ILE J 177 -15.33 10.85 40.95
CA ILE J 177 -14.76 10.00 39.91
C ILE J 177 -14.55 10.81 38.64
N MET J 178 -13.43 10.57 37.97
CA MET J 178 -13.16 11.11 36.65
C MET J 178 -12.49 10.04 35.80
N ARG J 179 -12.83 10.02 34.51
CA ARG J 179 -12.45 8.93 33.63
C ARG J 179 -12.00 9.49 32.29
N LEU J 180 -10.93 8.92 31.75
CA LEU J 180 -10.51 9.19 30.37
C LEU J 180 -10.35 7.87 29.62
N ASP J 181 -10.99 7.78 28.45
CA ASP J 181 -10.73 6.68 27.52
C ASP J 181 -9.47 6.99 26.73
N LEU J 182 -8.32 6.54 27.22
CA LEU J 182 -7.05 6.93 26.64
C LEU J 182 -6.05 5.79 26.74
N ALA J 183 -5.10 5.93 27.67
CA ALA J 183 -4.11 4.90 28.02
C ALA J 183 -3.40 4.19 26.87
N GLY J 184 -3.17 2.88 27.08
CA GLY J 184 -2.20 2.15 26.28
C GLY J 184 -2.49 2.17 24.80
N ARG J 185 -3.75 1.91 24.41
CA ARG J 185 -4.03 1.68 23.00
C ARG J 185 -3.84 2.97 22.20
N ASP J 186 -4.39 4.08 22.72
CA ASP J 186 -4.23 5.37 22.06
C ASP J 186 -2.77 5.81 22.05
N LEU J 187 -2.03 5.54 23.15
CA LEU J 187 -0.60 5.85 23.15
C LEU J 187 0.14 5.03 22.11
N THR J 188 -0.25 3.76 21.92
CA THR J 188 0.36 2.92 20.90
C THR J 188 0.08 3.47 19.50
N ASP J 189 -1.17 3.81 19.22
CA ASP J 189 -1.50 4.35 17.89
C ASP J 189 -0.75 5.65 17.62
N TYR J 190 -0.71 6.55 18.62
CA TYR J 190 0.07 7.78 18.47
C TYR J 190 1.55 7.47 18.25
N LEU J 191 2.09 6.47 18.93
CA LEU J 191 3.46 6.06 18.67
C LEU J 191 3.63 5.54 17.25
N MET J 192 2.63 4.86 16.70
CA MET J 192 2.69 4.45 15.31
C MET J 192 2.79 5.65 14.38
N LYS J 193 1.95 6.66 14.60
CA LYS J 193 2.02 7.88 13.78
C LYS J 193 3.35 8.61 13.93
N ILE J 194 3.82 8.79 15.15
CA ILE J 194 5.10 9.47 15.34
C ILE J 194 6.22 8.68 14.66
N LEU J 195 6.26 7.36 14.84
CA LEU J 195 7.29 6.58 14.15
C LEU J 195 7.14 6.67 12.64
N THR J 196 5.91 6.86 12.15
CA THR J 196 5.70 7.15 10.74
C THR J 196 6.37 8.45 10.34
N GLU J 197 6.47 9.40 11.27
CA GLU J 197 7.20 10.63 10.97
C GLU J 197 8.64 10.35 10.55
N ARG J 198 9.26 9.30 11.09
CA ARG J 198 10.59 8.89 10.68
C ARG J 198 10.59 7.95 9.49
N GLY J 199 9.42 7.44 9.10
CA GLY J 199 9.28 6.58 7.94
C GLY J 199 9.20 5.10 8.22
N TYR J 200 9.07 4.69 9.48
CA TYR J 200 8.84 3.29 9.81
C TYR J 200 7.35 3.04 9.66
N SER J 201 6.95 2.55 8.49
CA SER J 201 5.53 2.29 8.21
C SER J 201 5.09 1.01 8.90
N PHE J 202 4.34 1.15 9.99
CA PHE J 202 3.68 0.05 10.67
C PHE J 202 2.18 0.17 10.44
N VAL J 203 1.54 -0.94 10.08
CA VAL J 203 0.17 -0.89 9.57
C VAL J 203 -0.66 -2.04 10.13
N THR J 204 -0.13 -3.26 10.05
CA THR J 204 -0.89 -4.42 10.48
C THR J 204 -1.10 -4.43 11.99
N THR J 205 -2.12 -5.17 12.43
CA THR J 205 -2.32 -5.42 13.84
C THR J 205 -1.12 -6.14 14.46
N ALA J 206 -0.45 -7.02 13.71
CA ALA J 206 0.81 -7.58 14.18
C ALA J 206 1.84 -6.47 14.39
N GLU J 207 1.95 -5.56 13.43
CA GLU J 207 2.85 -4.44 13.62
C GLU J 207 2.38 -3.53 14.75
N ARG J 208 1.06 -3.43 14.96
CA ARG J 208 0.56 -2.76 16.17
C ARG J 208 1.09 -3.40 17.45
N GLU J 209 1.11 -4.74 17.50
CA GLU J 209 1.67 -5.43 18.66
C GLU J 209 3.18 -5.20 18.79
N ILE J 210 3.88 -5.13 17.66
CA ILE J 210 5.30 -4.79 17.69
C ILE J 210 5.52 -3.38 18.25
N VAL J 211 4.71 -2.42 17.79
CA VAL J 211 4.80 -1.07 18.31
C VAL J 211 4.42 -1.00 19.78
N ARG J 212 3.50 -1.86 20.22
CA ARG J 212 3.22 -1.96 21.65
C ARG J 212 4.44 -2.41 22.43
N ASP J 213 5.16 -3.41 21.93
CA ASP J 213 6.39 -3.83 22.61
C ASP J 213 7.44 -2.73 22.59
N ILE J 214 7.56 -2.02 21.47
CA ILE J 214 8.47 -0.88 21.39
C ILE J 214 8.14 0.15 22.45
N LYS J 215 6.85 0.49 22.56
CA LYS J 215 6.39 1.42 23.59
C LYS J 215 6.78 0.94 24.98
N GLU J 216 6.48 -0.33 25.28
CA GLU J 216 6.68 -0.84 26.62
C GLU J 216 8.15 -0.85 27.03
N LYS J 217 9.05 -1.13 26.08
CA LYS J 217 10.47 -1.04 26.41
C LYS J 217 11.03 0.38 26.37
N LEU J 218 10.97 1.04 25.22
CA LEU J 218 11.74 2.26 24.98
C LEU J 218 11.20 3.51 25.67
N CYS J 219 9.89 3.66 25.83
CA CYS J 219 9.35 4.95 26.26
C CYS J 219 9.69 5.28 27.70
N TYR J 220 10.02 6.56 27.93
CA TYR J 220 10.27 7.14 29.24
C TYR J 220 9.63 8.53 29.29
N VAL J 221 9.29 8.99 30.49
CA VAL J 221 8.53 10.22 30.67
C VAL J 221 9.47 11.37 31.02
N ALA J 222 9.34 12.47 30.27
CA ALA J 222 10.15 13.66 30.50
C ALA J 222 9.78 14.34 31.81
N LEU J 223 10.80 14.87 32.50
CA LEU J 223 10.57 15.82 33.59
C LEU J 223 10.37 17.25 33.10
N ASP J 224 10.97 17.62 31.98
CA ASP J 224 10.76 18.95 31.38
C ASP J 224 10.70 18.77 29.87
N PHE J 225 9.48 18.65 29.34
CA PHE J 225 9.28 18.26 27.94
C PHE J 225 10.02 19.19 26.98
N GLU J 226 9.99 20.50 27.23
CA GLU J 226 10.67 21.44 26.33
C GLU J 226 12.18 21.29 26.40
N ASN J 227 12.72 21.04 27.59
CA ASN J 227 14.15 20.78 27.72
C ASN J 227 14.55 19.51 27.00
N GLU J 228 13.70 18.48 27.08
CA GLU J 228 14.00 17.22 26.39
C GLU J 228 13.94 17.41 24.88
N MET J 229 12.94 18.13 24.38
CA MET J 229 12.87 18.44 22.95
C MET J 229 14.12 19.19 22.48
N ALA J 230 14.56 20.18 23.24
CA ALA J 230 15.82 20.87 22.91
C ALA J 230 17.01 19.93 22.96
N THR J 231 17.04 19.01 23.91
CA THR J 231 18.14 18.05 24.00
C THR J 231 18.19 17.13 22.79
N ALA J 232 17.04 16.57 22.42
CA ALA J 232 16.96 15.70 21.25
C ALA J 232 17.26 16.45 19.95
N ALA J 233 16.90 17.72 19.88
CA ALA J 233 17.26 18.52 18.71
C ALA J 233 18.76 18.77 18.67
N SER J 234 19.37 19.07 19.82
CA SER J 234 20.78 19.41 19.86
C SER J 234 21.70 18.20 19.92
N SER J 235 21.21 17.04 20.34
CA SER J 235 22.09 15.90 20.55
C SER J 235 21.34 14.60 20.25
N SER J 236 22.11 13.60 19.82
CA SER J 236 21.64 12.25 19.57
C SER J 236 21.61 11.37 20.83
N SER J 237 22.05 11.90 21.97
CA SER J 237 22.28 11.06 23.16
C SER J 237 21.01 10.38 23.67
N LEU J 238 19.84 10.92 23.34
CA LEU J 238 18.57 10.30 23.69
C LEU J 238 18.18 9.16 22.76
N GLU J 239 18.86 8.98 21.63
CA GLU J 239 18.44 7.99 20.65
C GLU J 239 18.73 6.57 21.11
N LYS J 240 17.82 5.65 20.76
CA LYS J 240 17.93 4.23 21.04
C LYS J 240 17.67 3.45 19.78
N SER J 241 18.23 2.24 19.71
CA SER J 241 17.93 1.30 18.65
C SER J 241 17.20 0.08 19.19
N TYR J 242 16.35 -0.50 18.34
CA TYR J 242 15.56 -1.69 18.65
C TYR J 242 15.53 -2.56 17.40
N GLU J 243 15.36 -3.86 17.59
CA GLU J 243 15.42 -4.83 16.51
C GLU J 243 14.07 -5.50 16.32
N LEU J 244 13.48 -5.31 15.14
CA LEU J 244 12.18 -5.88 14.83
C LEU J 244 12.28 -7.39 14.69
N PRO J 245 11.14 -8.10 14.70
CA PRO J 245 11.19 -9.58 14.63
C PRO J 245 11.94 -10.13 13.43
N ASP J 246 11.92 -9.43 12.30
CA ASP J 246 12.68 -9.83 11.12
C ASP J 246 14.14 -9.39 11.16
N GLY J 247 14.63 -8.91 12.30
CA GLY J 247 16.00 -8.46 12.41
C GLY J 247 16.30 -7.08 11.87
N GLN J 248 15.33 -6.40 11.27
CA GLN J 248 15.54 -5.03 10.86
C GLN J 248 15.71 -4.16 12.10
N VAL J 249 16.56 -3.14 12.00
CA VAL J 249 16.86 -2.26 13.12
C VAL J 249 16.09 -0.96 12.95
N ILE J 250 15.45 -0.51 14.03
CA ILE J 250 14.72 0.74 14.09
C ILE J 250 15.42 1.64 15.10
N THR J 251 15.55 2.92 14.78
CA THR J 251 16.19 3.88 15.66
C THR J 251 15.23 5.02 15.99
N ILE J 252 15.19 5.41 17.26
CA ILE J 252 14.14 6.26 17.81
C ILE J 252 14.81 7.27 18.75
N GLY J 253 14.33 8.51 18.70
CA GLY J 253 14.89 9.58 19.50
C GLY J 253 13.87 10.27 20.38
N ASN J 254 13.56 11.53 20.06
CA ASN J 254 12.60 12.31 20.84
C ASN J 254 11.26 11.58 20.96
N GLU J 255 10.94 10.76 19.96
CA GLU J 255 9.67 10.05 19.91
C GLU J 255 9.42 9.27 21.20
N ARG J 256 10.50 8.80 21.83
CA ARG J 256 10.38 7.99 23.03
C ARG J 256 9.63 8.74 24.12
N PHE J 257 10.13 9.91 24.52
CA PHE J 257 9.43 10.67 25.55
C PHE J 257 8.17 11.36 25.02
N ARG J 258 8.18 11.76 23.74
CA ARG J 258 6.97 12.35 23.14
C ARG J 258 5.75 11.45 23.22
N CYS J 259 5.91 10.12 23.20
CA CYS J 259 4.73 9.26 23.34
C CYS J 259 4.06 9.32 24.71
N PRO J 260 4.72 8.99 25.83
CA PRO J 260 4.04 9.11 27.14
C PRO J 260 3.70 10.53 27.55
N GLU J 261 4.42 11.53 27.05
CA GLU J 261 4.04 12.92 27.29
C GLU J 261 2.60 13.22 26.88
N THR J 262 2.07 12.45 25.93
CA THR J 262 0.69 12.58 25.48
C THR J 262 -0.32 11.96 26.46
N LEU J 263 0.12 11.40 27.59
CA LEU J 263 -0.76 11.32 28.74
C LEU J 263 -1.03 12.70 29.34
N PHE J 264 0.02 13.51 29.53
CA PHE J 264 -0.17 14.82 30.11
C PHE J 264 -0.80 15.82 29.15
N GLN J 265 -0.57 15.65 27.85
CA GLN J 265 -1.05 16.59 26.83
C GLN J 265 -1.89 15.85 25.79
N PRO J 266 -3.12 15.45 26.13
CA PRO J 266 -3.97 14.73 25.17
C PRO J 266 -4.30 15.54 23.91
N SER J 267 -3.98 16.82 23.90
CA SER J 267 -4.01 17.63 22.68
C SER J 267 -3.27 16.98 21.52
N PHE J 268 -2.18 16.24 21.81
CA PHE J 268 -1.51 15.49 20.76
C PHE J 268 -2.37 14.38 20.17
N ILE J 269 -3.34 13.86 20.93
CA ILE J 269 -4.37 13.01 20.32
C ILE J 269 -5.50 13.84 19.72
N GLY J 270 -5.56 15.13 20.01
CA GLY J 270 -6.68 15.96 19.65
C GLY J 270 -7.78 16.00 20.68
N MET J 271 -7.61 15.32 21.80
CA MET J 271 -8.53 15.44 22.92
C MET J 271 -8.32 16.77 23.63
N GLU J 272 -9.40 17.33 24.17
CA GLU J 272 -9.31 18.56 24.95
C GLU J 272 -9.24 18.30 26.45
N SER J 273 -9.58 17.10 26.91
CA SER J 273 -9.55 16.80 28.33
C SER J 273 -8.14 16.98 28.89
N ALA J 274 -8.06 17.61 30.07
CA ALA J 274 -6.77 17.90 30.68
C ALA J 274 -6.05 16.61 31.05
N GLY J 275 -4.73 16.71 31.17
CA GLY J 275 -3.91 15.54 31.44
C GLY J 275 -4.24 14.86 32.76
N ILE J 276 -3.61 13.71 32.96
CA ILE J 276 -3.80 12.92 34.18
C ILE J 276 -3.47 13.71 35.43
N HIS J 277 -2.49 14.61 35.36
CA HIS J 277 -2.16 15.46 36.49
C HIS J 277 -3.31 16.42 36.82
N GLU J 278 -3.82 17.13 35.82
CA GLU J 278 -4.92 18.05 36.07
C GLU J 278 -6.20 17.31 36.40
N THR J 279 -6.41 16.12 35.83
CA THR J 279 -7.56 15.32 36.20
C THR J 279 -7.50 14.85 37.65
N THR J 280 -6.30 14.48 38.11
CA THR J 280 -6.11 14.16 39.52
C THR J 280 -6.38 15.36 40.41
N TYR J 281 -5.78 16.51 40.07
CA TYR J 281 -5.97 17.71 40.88
C TYR J 281 -7.45 18.10 40.95
N ASN J 282 -8.13 18.11 39.81
CA ASN J 282 -9.55 18.44 39.79
C ASN J 282 -10.39 17.44 40.58
N SER J 283 -10.07 16.15 40.48
CA SER J 283 -10.75 15.16 41.31
C SER J 283 -10.54 15.42 42.79
N ILE J 284 -9.33 15.83 43.18
CA ILE J 284 -9.08 16.22 44.56
C ILE J 284 -9.91 17.46 44.94
N MET J 285 -10.01 18.42 44.03
CA MET J 285 -10.85 19.60 44.29
C MET J 285 -12.31 19.25 44.45
N LYS J 286 -12.79 18.21 43.74
CA LYS J 286 -14.17 17.77 43.94
C LYS J 286 -14.40 17.29 45.36
N CYS J 287 -13.37 16.73 46.00
CA CYS J 287 -13.48 16.22 47.34
C CYS J 287 -13.65 17.34 48.36
N ASP J 288 -14.37 17.04 49.44
CA ASP J 288 -14.58 18.01 50.51
C ASP J 288 -13.25 18.40 51.15
N ILE J 289 -13.20 19.66 51.62
CA ILE J 289 -11.93 20.37 51.78
C ILE J 289 -10.96 19.62 52.68
N ASP J 290 -11.47 19.04 53.78
CA ASP J 290 -10.61 18.35 54.73
C ASP J 290 -9.98 17.10 54.12
N ILE J 291 -10.74 16.40 53.27
CA ILE J 291 -10.26 15.19 52.62
C ILE J 291 -8.97 15.44 51.84
N ARG J 292 -8.91 16.60 51.17
CA ARG J 292 -7.81 16.91 50.25
C ARG J 292 -6.43 16.70 50.87
N LYS J 293 -6.22 17.16 52.10
CA LYS J 293 -4.90 17.01 52.71
C LYS J 293 -4.46 15.56 52.74
N ASP J 294 -5.34 14.66 53.18
CA ASP J 294 -5.01 13.24 53.23
C ASP J 294 -4.90 12.63 51.84
N LEU J 295 -5.67 13.14 50.88
CA LEU J 295 -5.53 12.68 49.49
C LEU J 295 -4.16 12.99 48.92
N TYR J 296 -3.66 14.21 49.12
CA TYR J 296 -2.32 14.54 48.65
C TYR J 296 -1.25 13.63 49.26
N ALA J 297 -1.46 13.19 50.50
CA ALA J 297 -0.55 12.24 51.14
C ALA J 297 -0.66 10.82 50.59
N ASN J 298 -1.70 10.51 49.82
CA ASN J 298 -2.00 9.11 49.49
C ASN J 298 -2.48 8.97 48.04
N ASN J 299 -1.61 9.32 47.09
CA ASN J 299 -1.94 9.28 45.67
C ASN J 299 -1.35 7.99 45.10
N VAL J 300 -2.23 7.06 44.75
CA VAL J 300 -1.86 5.67 44.46
C VAL J 300 -2.04 5.41 42.98
N MET J 301 -1.07 4.74 42.36
CA MET J 301 -1.10 4.44 40.94
C MET J 301 -1.41 2.97 40.70
N SER J 302 -2.34 2.72 39.78
CA SER J 302 -2.93 1.40 39.56
C SER J 302 -2.25 0.64 38.44
N GLY J 303 -1.00 0.97 38.11
CA GLY J 303 -0.24 0.21 37.14
C GLY J 303 -0.62 0.47 35.69
N GLY J 304 -0.56 -0.59 34.88
CA GLY J 304 -0.59 -0.46 33.44
C GLY J 304 0.37 0.54 32.85
N THR J 305 -0.15 1.57 32.16
CA THR J 305 0.73 2.57 31.57
C THR J 305 1.59 3.31 32.59
N THR J 306 1.14 3.40 33.83
CA THR J 306 1.93 4.07 34.88
C THR J 306 3.21 3.29 35.25
N MET J 307 3.53 2.24 34.50
CA MET J 307 4.85 1.63 34.59
C MET J 307 5.97 2.50 34.02
N TYR J 308 5.66 3.55 33.26
CA TYR J 308 6.72 4.26 32.55
C TYR J 308 7.78 4.78 33.52
N PRO J 309 9.04 4.83 33.10
CA PRO J 309 10.05 5.58 33.84
C PRO J 309 9.68 7.05 33.97
N GLY J 310 9.97 7.63 35.14
CA GLY J 310 9.78 9.05 35.35
C GLY J 310 8.37 9.50 35.64
N ILE J 311 7.36 8.66 35.41
CA ILE J 311 5.97 9.11 35.48
C ILE J 311 5.65 9.70 36.85
N ALA J 312 6.09 9.02 37.93
CA ALA J 312 5.77 9.50 39.27
C ALA J 312 6.44 10.83 39.58
N ASP J 313 7.69 11.01 39.15
CA ASP J 313 8.36 12.29 39.37
C ASP J 313 7.69 13.43 38.60
N ARG J 314 7.33 13.19 37.34
CA ARG J 314 6.61 14.20 36.57
C ARG J 314 5.28 14.54 37.22
N MET J 315 4.53 13.53 37.64
CA MET J 315 3.27 13.76 38.33
C MET J 315 3.46 14.58 39.60
N GLN J 316 4.46 14.23 40.42
CA GLN J 316 4.74 15.01 41.62
C GLN J 316 5.08 16.47 41.29
N LYS J 317 5.88 16.70 40.25
CA LYS J 317 6.18 18.06 39.82
C LYS J 317 4.92 18.81 39.41
N GLU J 318 4.05 18.17 38.65
CA GLU J 318 2.83 18.82 38.19
C GLU J 318 1.89 19.12 39.35
N ILE J 319 1.64 18.14 40.21
CA ILE J 319 0.70 18.35 41.31
C ILE J 319 1.24 19.41 42.28
N THR J 320 2.54 19.36 42.60
CA THR J 320 3.12 20.42 43.43
C THR J 320 3.03 21.80 42.78
N ALA J 321 3.08 21.87 41.45
CA ALA J 321 2.84 23.16 40.80
C ALA J 321 1.39 23.58 40.90
N LEU J 322 0.47 22.64 40.72
CA LEU J 322 -0.96 22.95 40.74
C LEU J 322 -1.47 23.23 42.15
N ALA J 323 -1.17 22.33 43.09
CA ALA J 323 -1.70 22.47 44.44
C ALA J 323 -1.01 23.60 45.21
N PRO J 324 -1.66 24.11 46.26
CA PRO J 324 -1.00 25.08 47.15
C PRO J 324 0.31 24.57 47.69
N SER J 325 1.24 25.50 47.93
CA SER J 325 2.49 25.21 48.60
C SER J 325 2.24 24.79 50.05
N THR J 326 3.33 24.44 50.74
CA THR J 326 3.33 24.12 52.17
C THR J 326 2.38 22.96 52.46
N MET J 327 2.38 21.95 51.59
CA MET J 327 1.47 20.82 51.71
C MET J 327 2.13 19.59 51.09
N LYS J 328 2.28 18.54 51.88
CA LYS J 328 2.98 17.34 51.44
C LYS J 328 2.21 16.64 50.33
N ILE J 329 2.84 16.50 49.17
CA ILE J 329 2.26 15.76 48.05
C ILE J 329 3.14 14.54 47.79
N LYS J 330 2.55 13.35 47.88
CA LYS J 330 3.28 12.10 47.93
C LYS J 330 2.56 11.08 47.05
N ILE J 331 3.32 10.36 46.23
CA ILE J 331 2.76 9.49 45.19
C ILE J 331 3.26 8.07 45.44
N ILE J 332 2.31 7.15 45.57
CA ILE J 332 2.58 5.75 45.93
C ILE J 332 2.36 4.89 44.69
N ALA J 333 3.43 4.23 44.24
CA ALA J 333 3.39 3.41 43.03
C ALA J 333 4.33 2.24 43.18
N PRO J 334 3.89 1.17 43.85
CA PRO J 334 4.75 -0.01 44.02
C PRO J 334 5.13 -0.61 42.68
N PRO J 335 6.20 -1.40 42.63
CA PRO J 335 6.51 -2.14 41.40
C PRO J 335 5.45 -3.15 40.98
N GLU J 336 4.64 -3.65 41.91
CA GLU J 336 3.53 -4.55 41.58
C GLU J 336 2.30 -3.84 41.03
N ARG J 337 2.39 -2.53 40.81
CA ARG J 337 1.22 -1.70 40.53
C ARG J 337 0.35 -2.25 39.39
N LYS J 338 0.95 -2.92 38.41
CA LYS J 338 0.17 -3.54 37.33
C LYS J 338 -0.68 -4.71 37.83
N TYR J 339 -0.06 -5.65 38.54
CA TYR J 339 -0.77 -6.74 39.21
C TYR J 339 -1.68 -6.26 40.35
N SER J 340 -1.41 -5.09 40.92
CA SER J 340 -2.07 -4.63 42.14
C SER J 340 -3.60 -4.68 42.08
N VAL J 341 -4.21 -4.42 40.92
CA VAL J 341 -5.66 -4.64 40.79
C VAL J 341 -6.03 -6.10 41.06
N TRP J 342 -5.32 -7.03 40.42
CA TRP J 342 -5.61 -8.43 40.71
C TRP J 342 -5.32 -8.78 42.15
N ILE J 343 -4.19 -8.30 42.68
CA ILE J 343 -3.81 -8.60 44.06
C ILE J 343 -4.89 -8.13 45.01
N GLY J 344 -5.45 -6.94 44.76
CA GLY J 344 -6.57 -6.47 45.54
C GLY J 344 -7.78 -7.40 45.47
N GLY J 345 -8.09 -7.89 44.28
CA GLY J 345 -9.16 -8.88 44.17
C GLY J 345 -8.87 -10.15 44.96
N SER J 346 -7.63 -10.63 44.89
CA SER J 346 -7.19 -11.81 45.62
C SER J 346 -7.33 -11.61 47.12
N ILE J 347 -7.06 -10.40 47.60
CA ILE J 347 -7.27 -10.10 49.01
C ILE J 347 -8.77 -10.09 49.32
N LEU J 348 -9.54 -9.35 48.53
CA LEU J 348 -10.94 -9.08 48.86
C LEU J 348 -11.74 -10.38 48.91
N ALA J 349 -11.59 -11.22 47.88
CA ALA J 349 -12.27 -12.52 47.86
C ALA J 349 -11.91 -13.36 49.08
N SER J 350 -10.69 -13.23 49.61
CA SER J 350 -10.30 -14.05 50.75
C SER J 350 -10.96 -13.58 52.04
N LEU J 351 -11.30 -12.30 52.15
CA LEU J 351 -11.75 -11.75 53.42
C LEU J 351 -12.99 -12.47 53.93
N SER J 352 -12.93 -12.97 55.16
CA SER J 352 -14.09 -13.59 55.79
C SER J 352 -15.28 -12.64 55.84
N THR J 353 -15.03 -11.35 56.10
CA THR J 353 -16.10 -10.36 56.11
C THR J 353 -16.78 -10.25 54.75
N PHE J 354 -16.04 -10.51 53.67
CA PHE J 354 -16.55 -10.23 52.34
C PHE J 354 -17.62 -11.22 51.90
N GLN J 355 -17.53 -12.48 52.34
CA GLN J 355 -18.20 -13.57 51.64
C GLN J 355 -19.71 -13.36 51.51
N GLN J 356 -20.34 -12.68 52.47
CA GLN J 356 -21.76 -12.38 52.34
C GLN J 356 -22.07 -11.41 51.21
N MET J 357 -21.06 -10.72 50.67
CA MET J 357 -21.23 -9.94 49.46
C MET J 357 -21.48 -10.79 48.21
N TRP J 358 -21.15 -12.08 48.24
CA TRP J 358 -21.40 -12.94 47.09
C TRP J 358 -22.85 -12.84 46.62
N ILE J 359 -23.04 -12.92 45.32
CA ILE J 359 -24.34 -13.16 44.71
C ILE J 359 -24.45 -14.63 44.33
N THR J 360 -25.49 -15.29 44.80
CA THR J 360 -25.66 -16.72 44.59
C THR J 360 -26.64 -16.94 43.44
N LYS J 361 -26.48 -18.08 42.77
CA LYS J 361 -27.32 -18.37 41.61
C LYS J 361 -28.80 -18.31 41.96
N GLN J 362 -29.16 -18.68 43.19
CA GLN J 362 -30.52 -18.48 43.68
C GLN J 362 -30.95 -17.02 43.59
N GLU J 363 -30.14 -16.12 44.14
CA GLU J 363 -30.42 -14.69 44.08
C GLU J 363 -30.47 -14.19 42.64
N TYR J 364 -29.57 -14.66 41.78
CA TYR J 364 -29.66 -14.27 40.37
C TYR J 364 -30.93 -14.82 39.73
N ASP J 365 -31.40 -15.98 40.17
CA ASP J 365 -32.67 -16.53 39.72
C ASP J 365 -33.86 -15.89 40.40
N GLU J 366 -33.64 -14.93 41.29
CA GLU J 366 -34.78 -14.33 41.97
C GLU J 366 -34.76 -12.80 41.92
N ALA J 367 -33.61 -12.17 42.09
CA ALA J 367 -33.51 -10.73 41.98
C ALA J 367 -33.35 -10.25 40.54
N GLY J 368 -33.50 -11.15 39.58
CA GLY J 368 -33.03 -10.96 38.23
C GLY J 368 -31.58 -10.59 38.18
N PRO J 369 -31.19 -9.79 37.18
CA PRO J 369 -29.83 -9.21 37.20
C PRO J 369 -29.62 -8.22 38.33
N SER J 370 -30.64 -7.41 38.64
CA SER J 370 -30.45 -6.08 39.22
C SER J 370 -29.53 -6.07 40.43
N ILE J 371 -29.49 -7.16 41.19
CA ILE J 371 -28.61 -7.28 42.36
C ILE J 371 -27.14 -7.01 42.02
N VAL J 372 -26.70 -7.31 40.79
CA VAL J 372 -25.35 -6.96 40.38
C VAL J 372 -25.10 -5.46 40.40
N HIS J 373 -26.14 -4.66 40.17
CA HIS J 373 -26.06 -3.21 40.30
C HIS J 373 -25.90 -2.70 41.72
N ARG J 374 -26.05 -3.54 42.76
CA ARG J 374 -26.19 -3.03 44.13
C ARG J 374 -25.05 -2.06 44.46
N LYS J 375 -23.84 -2.42 44.07
CA LYS J 375 -22.63 -1.63 44.31
C LYS J 375 -22.03 -1.13 43.01
N CYS J 376 -22.88 -0.80 42.03
CA CYS J 376 -22.40 -0.47 40.69
C CYS J 376 -21.38 0.65 40.71
N PHE J 377 -21.56 1.62 41.61
CA PHE J 377 -20.62 2.73 41.77
C PHE J 377 -20.38 3.47 40.46
#